data_7ZLS
#
_entry.id   7ZLS
#
_cell.length_a   59.549
_cell.length_b   172.641
_cell.length_c   185.475
_cell.angle_alpha   90.000
_cell.angle_beta   90.000
_cell.angle_gamma   90.000
#
_symmetry.space_group_name_H-M   'P 21 21 21'
#
loop_
_entity.id
_entity.type
_entity.pdbx_description
1 polymer 'Suppressor of cytokine signaling 2'
2 polymer Elongin-B
3 polymer Elongin-C
4 non-polymer 1,2-ETHANEDIOL
5 non-polymer '[4-[(2~{S})-3-[(4-fluoranyl-3-prop-2-enyl-phenyl)methylamino]-2-[2-(4-fluorophenyl)ethanoylamino]-3-oxidanylidene-propyl]phenyl] dihydrogen phosphate'
6 water water
#
loop_
_entity_poly.entity_id
_entity_poly.type
_entity_poly.pdbx_seq_one_letter_code
_entity_poly.pdbx_strand_id
1 'polypeptide(L)'
;SMQAARLAKALRELGQTGWYWGSMTVNEAKEKLKEAPEGTFLIRDSSHSDYLLTISVKTSAGPTNLRIEYQDGKFRLDSI
ICVKSKLKQFDSVVHLIDYYVQMCKDKRTGPEAPRNGTVHLYLTKPLYTSAPSLQHLCRLTINKCTGAIWGLPLPTRLKD
YLEEYKFQV
;
A,D,J,G
2 'polypeptide(L)'
;MDVFLMIRRHKTTIFTDAKESSTVFELKRIVEGILKRPPDEQRLYKDDQLLDDGKTLGECGFTSQTARPQAPATVGLAFR
ADDTFEALCIEPFSSPPELPDVMKPQDSGSSANEQAVQ
;
B,E,K,H
3 'polypeptide(L)'
;MMYVKLISSDGHEFIVKREHALTSGTIKAMLSGPGQFAENETNEVNFREIPSHVLSKVCMYFTYKVRYTNSSTEIPEFPI
APEIALELLMAANFLDC
;
C,F,L,I
#
loop_
_chem_comp.id
_chem_comp.type
_chem_comp.name
_chem_comp.formula
EDO non-polymer 1,2-ETHANEDIOL 'C2 H6 O2'
JH9 non-polymer '[4-[(2~{S})-3-[(4-fluoranyl-3-prop-2-enyl-phenyl)methylamino]-2-[2-(4-fluorophenyl)ethanoylamino]-3-oxidanylidene-propyl]phenyl] dihydrogen phosphate' 'C27 H27 F2 N2 O6 P'
#
# COMPACT_ATOMS: atom_id res chain seq x y z
N SER A 1 38.01 -30.78 -36.06
CA SER A 1 39.05 -30.83 -35.06
C SER A 1 38.50 -30.42 -33.71
N MET A 2 38.88 -31.18 -32.68
CA MET A 2 38.57 -30.79 -31.33
C MET A 2 39.47 -29.67 -30.81
N GLN A 3 40.55 -29.35 -31.51
CA GLN A 3 41.45 -28.26 -31.12
C GLN A 3 41.93 -28.41 -29.68
N ALA A 4 42.68 -29.49 -29.44
CA ALA A 4 43.06 -29.83 -28.06
C ALA A 4 43.97 -28.77 -27.44
N ALA A 5 44.82 -28.13 -28.23
CA ALA A 5 45.60 -27.03 -27.66
C ALA A 5 44.69 -25.94 -27.10
N ARG A 6 43.61 -25.61 -27.80
CA ARG A 6 42.65 -24.64 -27.27
C ARG A 6 41.96 -25.19 -26.04
N LEU A 7 41.56 -26.46 -26.10
CA LEU A 7 40.91 -27.10 -24.95
C LEU A 7 41.80 -27.05 -23.72
N ALA A 8 43.10 -27.31 -23.88
CA ALA A 8 43.99 -27.32 -22.72
C ALA A 8 44.11 -25.94 -22.12
N LYS A 9 44.24 -24.90 -22.97
CA LYS A 9 44.23 -23.54 -22.44
C LYS A 9 42.93 -23.27 -21.67
N ALA A 10 41.79 -23.69 -22.23
CA ALA A 10 40.52 -23.45 -21.55
C ALA A 10 40.45 -24.18 -20.22
N LEU A 11 40.96 -25.41 -20.17
CA LEU A 11 40.91 -26.16 -18.92
C LEU A 11 41.92 -25.61 -17.92
N ARG A 12 43.02 -25.03 -18.39
CA ARG A 12 43.92 -24.34 -17.46
C ARG A 12 43.24 -23.16 -16.80
N GLU A 13 42.54 -22.33 -17.58
CA GLU A 13 41.80 -21.21 -17.01
C GLU A 13 40.82 -21.72 -15.97
N LEU A 14 40.12 -22.80 -16.30
CA LEU A 14 39.14 -23.39 -15.41
C LEU A 14 39.79 -23.86 -14.10
N GLY A 15 40.98 -24.44 -14.17
CA GLY A 15 41.71 -24.78 -12.97
C GLY A 15 42.05 -23.58 -12.09
N GLN A 16 42.14 -22.39 -12.68
CA GLN A 16 42.47 -21.18 -11.93
C GLN A 16 41.26 -20.54 -11.24
N THR A 17 40.03 -20.89 -11.63
CA THR A 17 38.85 -20.19 -11.10
C THR A 17 38.75 -20.33 -9.58
N GLY A 18 39.13 -21.50 -9.04
CA GLY A 18 38.80 -21.84 -7.68
C GLY A 18 37.36 -22.23 -7.47
N TRP A 19 36.54 -22.28 -8.52
CA TRP A 19 35.15 -22.70 -8.40
C TRP A 19 34.81 -23.85 -9.35
N TYR A 20 35.83 -24.64 -9.72
CA TYR A 20 35.65 -25.87 -10.50
C TYR A 20 35.77 -27.05 -9.56
N TRP A 21 34.69 -27.83 -9.44
CA TRP A 21 34.64 -28.90 -8.45
C TRP A 21 34.94 -30.29 -9.02
N GLY A 22 35.40 -30.38 -10.29
CA GLY A 22 35.88 -31.68 -10.77
C GLY A 22 34.75 -32.71 -10.83
N SER A 23 35.00 -33.89 -10.25
CA SER A 23 34.10 -35.03 -10.44
C SER A 23 32.86 -34.99 -9.50
N MET A 24 32.59 -33.88 -8.82
CA MET A 24 31.32 -33.68 -8.11
C MET A 24 30.08 -34.19 -8.85
N THR A 25 29.22 -34.91 -8.13
CA THR A 25 27.97 -35.38 -8.71
C THR A 25 26.85 -34.35 -8.58
N VAL A 26 25.77 -34.59 -9.32
CA VAL A 26 24.60 -33.70 -9.29
C VAL A 26 24.02 -33.63 -7.89
N ASN A 27 24.02 -34.76 -7.16
CA ASN A 27 23.50 -34.78 -5.80
C ASN A 27 24.38 -33.98 -4.87
N GLU A 28 25.71 -34.12 -4.99
CA GLU A 28 26.63 -33.35 -4.16
C GLU A 28 26.54 -31.86 -4.46
N ALA A 29 26.34 -31.50 -5.73
CA ALA A 29 26.14 -30.10 -6.06
C ALA A 29 24.85 -29.56 -5.48
N LYS A 30 23.77 -30.34 -5.54
CA LYS A 30 22.52 -29.93 -4.91
C LYS A 30 22.72 -29.64 -3.42
N GLU A 31 23.40 -30.55 -2.70
CA GLU A 31 23.62 -30.35 -1.26
C GLU A 31 24.46 -29.12 -0.98
N LYS A 32 25.48 -28.85 -1.80
CA LYS A 32 26.30 -27.67 -1.60
C LYS A 32 25.51 -26.38 -1.86
N LEU A 33 24.52 -26.42 -2.76
CA LEU A 33 23.88 -25.19 -3.17
C LEU A 33 22.50 -24.99 -2.55
N LYS A 34 21.98 -25.97 -1.80
CA LYS A 34 20.58 -25.97 -1.39
C LYS A 34 20.19 -24.71 -0.60
N GLU A 35 21.15 -24.11 0.11
CA GLU A 35 20.86 -22.97 0.97
C GLU A 35 21.60 -21.70 0.55
N ALA A 36 22.24 -21.71 -0.60
CA ALA A 36 22.98 -20.57 -1.09
C ALA A 36 22.04 -19.47 -1.62
N PRO A 37 22.52 -18.24 -1.71
CA PRO A 37 21.71 -17.19 -2.37
C PRO A 37 21.37 -17.55 -3.82
N GLU A 38 20.24 -17.04 -4.29
CA GLU A 38 19.86 -17.21 -5.69
C GLU A 38 21.00 -16.77 -6.60
N GLY A 39 21.29 -17.60 -7.61
CA GLY A 39 22.34 -17.31 -8.57
C GLY A 39 23.71 -17.84 -8.20
N THR A 40 23.90 -18.35 -6.98
CA THR A 40 25.17 -18.95 -6.62
C THR A 40 25.42 -20.16 -7.52
N PHE A 41 26.65 -20.29 -8.05
CA PHE A 41 26.92 -21.32 -9.05
C PHE A 41 28.29 -21.95 -8.86
N LEU A 42 28.47 -23.09 -9.50
CA LEU A 42 29.77 -23.74 -9.61
C LEU A 42 29.79 -24.48 -10.95
N ILE A 43 30.99 -24.89 -11.37
CA ILE A 43 31.12 -25.76 -12.53
C ILE A 43 31.75 -27.06 -12.05
N ARG A 44 31.35 -28.15 -12.69
CA ARG A 44 31.84 -29.47 -12.34
C ARG A 44 31.79 -30.33 -13.59
N ASP A 45 32.32 -31.54 -13.49
CA ASP A 45 32.22 -32.48 -14.61
C ASP A 45 30.80 -32.97 -14.78
N SER A 46 30.42 -33.23 -16.03
CA SER A 46 29.11 -33.78 -16.36
C SER A 46 29.12 -35.31 -16.31
N SER A 47 28.03 -35.90 -15.82
CA SER A 47 27.91 -37.36 -15.89
C SER A 47 27.72 -37.87 -17.33
N HIS A 48 27.37 -36.98 -18.26
CA HIS A 48 26.94 -37.40 -19.60
C HIS A 48 28.10 -37.31 -20.58
N SER A 49 28.34 -38.38 -21.34
CA SER A 49 29.54 -38.38 -22.17
C SER A 49 29.46 -37.41 -23.33
N ASP A 50 28.27 -36.90 -23.66
CA ASP A 50 28.19 -35.96 -24.77
C ASP A 50 28.54 -34.55 -24.35
N TYR A 51 28.88 -34.35 -23.07
CA TYR A 51 29.02 -33.03 -22.50
C TYR A 51 30.29 -33.01 -21.68
N LEU A 52 30.94 -31.85 -21.67
CA LEU A 52 32.21 -31.74 -20.96
C LEU A 52 32.02 -31.29 -19.53
N LEU A 53 31.10 -30.35 -19.32
CA LEU A 53 30.99 -29.66 -18.04
C LEU A 53 29.54 -29.36 -17.77
N THR A 54 29.23 -29.14 -16.51
CA THR A 54 27.90 -28.80 -16.07
C THR A 54 27.95 -27.61 -15.13
N ILE A 55 27.07 -26.62 -15.36
CA ILE A 55 26.85 -25.53 -14.41
C ILE A 55 25.78 -25.98 -13.42
N SER A 56 26.07 -25.87 -12.13
CA SER A 56 25.08 -26.05 -11.08
C SER A 56 24.78 -24.70 -10.44
N VAL A 57 23.52 -24.33 -10.35
CA VAL A 57 23.20 -22.97 -9.89
C VAL A 57 21.94 -23.02 -9.04
N LYS A 58 21.94 -22.25 -7.95
CA LYS A 58 20.76 -22.14 -7.11
C LYS A 58 19.72 -21.25 -7.81
N THR A 59 18.54 -21.81 -8.05
CA THR A 59 17.39 -21.02 -8.47
C THR A 59 16.48 -20.81 -7.27
N SER A 60 15.45 -19.98 -7.45
CA SER A 60 14.47 -19.79 -6.39
C SER A 60 13.80 -21.11 -6.00
N ALA A 61 13.71 -22.06 -6.92
CA ALA A 61 13.05 -23.33 -6.66
C ALA A 61 14.03 -24.43 -6.28
N GLY A 62 15.31 -24.10 -6.06
CA GLY A 62 16.27 -25.10 -5.69
C GLY A 62 17.37 -25.24 -6.72
N PRO A 63 18.42 -25.98 -6.39
CA PRO A 63 19.54 -26.10 -7.33
C PRO A 63 19.11 -26.71 -8.65
N THR A 64 19.68 -26.18 -9.73
CA THR A 64 19.42 -26.72 -11.06
C THR A 64 20.74 -26.85 -11.79
N ASN A 65 20.71 -27.46 -12.98
CA ASN A 65 21.93 -27.84 -13.67
C ASN A 65 21.77 -27.60 -15.16
N LEU A 66 22.88 -27.18 -15.79
CA LEU A 66 22.87 -26.80 -17.20
C LEU A 66 24.18 -27.27 -17.82
N ARG A 67 24.10 -28.12 -18.82
CA ARG A 67 25.33 -28.69 -19.37
C ARG A 67 25.97 -27.74 -20.39
N ILE A 68 27.28 -27.90 -20.54
CA ILE A 68 28.08 -27.18 -21.51
C ILE A 68 28.69 -28.19 -22.47
N GLU A 69 28.60 -27.93 -23.76
CA GLU A 69 29.20 -28.81 -24.74
C GLU A 69 30.45 -28.16 -25.31
N TYR A 70 31.38 -28.99 -25.76
CA TYR A 70 32.58 -28.50 -26.41
C TYR A 70 32.66 -29.21 -27.75
N GLN A 71 32.53 -28.45 -28.83
CA GLN A 71 32.46 -29.04 -30.16
C GLN A 71 33.19 -28.14 -31.12
N ASP A 72 34.10 -28.73 -31.91
CA ASP A 72 34.83 -28.02 -32.96
C ASP A 72 35.60 -26.83 -32.39
N GLY A 73 36.16 -27.01 -31.19
CA GLY A 73 36.90 -25.94 -30.55
C GLY A 73 36.06 -24.87 -29.88
N LYS A 74 34.75 -25.05 -29.77
CA LYS A 74 33.91 -24.02 -29.17
C LYS A 74 33.10 -24.59 -28.00
N PHE A 75 32.99 -23.81 -26.93
CA PHE A 75 32.07 -24.12 -25.84
C PHE A 75 30.77 -23.40 -26.08
N ARG A 76 29.66 -24.07 -25.80
CA ARG A 76 28.38 -23.37 -25.73
C ARG A 76 27.49 -24.11 -24.77
N LEU A 77 26.44 -23.41 -24.34
CA LEU A 77 25.39 -24.04 -23.54
C LEU A 77 24.69 -25.13 -24.34
N ASP A 78 24.17 -26.11 -23.60
CA ASP A 78 23.48 -27.27 -24.14
C ASP A 78 22.54 -26.92 -25.29
N SER A 79 22.86 -27.42 -26.49
CA SER A 79 22.01 -27.13 -27.65
C SER A 79 20.77 -28.01 -27.73
N ILE A 80 20.62 -29.01 -26.87
CA ILE A 80 19.37 -29.78 -26.91
C ILE A 80 18.24 -28.99 -26.27
N ILE A 81 18.53 -28.13 -25.30
CA ILE A 81 17.48 -27.31 -24.70
C ILE A 81 17.56 -25.86 -25.13
N CYS A 82 18.70 -25.39 -25.61
CA CYS A 82 18.81 -24.03 -26.13
C CYS A 82 18.63 -24.03 -27.64
N VAL A 83 18.10 -22.93 -28.17
CA VAL A 83 18.02 -22.77 -29.61
C VAL A 83 19.44 -22.59 -30.14
N LYS A 84 19.97 -23.62 -30.82
CA LYS A 84 21.35 -23.59 -31.29
C LYS A 84 21.65 -22.37 -32.15
N SER A 85 20.63 -21.74 -32.74
CA SER A 85 20.83 -20.53 -33.54
C SER A 85 21.10 -19.30 -32.68
N LYS A 86 20.56 -19.26 -31.46
CA LYS A 86 20.73 -18.13 -30.55
C LYS A 86 21.81 -18.39 -29.50
N LEU A 87 22.71 -19.33 -29.77
CA LEU A 87 23.70 -19.78 -28.79
C LEU A 87 25.05 -19.18 -29.13
N LYS A 88 25.58 -18.40 -28.22
CA LYS A 88 26.90 -17.82 -28.43
C LYS A 88 27.95 -18.89 -28.17
N GLN A 89 28.98 -18.88 -29.00
CA GLN A 89 30.06 -19.86 -28.94
C GLN A 89 31.31 -19.18 -28.40
N PHE A 90 32.06 -19.89 -27.57
CA PHE A 90 33.19 -19.32 -26.86
C PHE A 90 34.42 -20.19 -27.03
N ASP A 91 35.59 -19.55 -27.13
CA ASP A 91 36.85 -20.27 -27.10
C ASP A 91 37.21 -20.71 -25.69
N SER A 92 36.62 -20.08 -24.68
CA SER A 92 37.00 -20.25 -23.30
C SER A 92 35.75 -20.56 -22.49
N VAL A 93 35.82 -21.54 -21.60
CA VAL A 93 34.61 -21.79 -20.84
C VAL A 93 34.46 -20.80 -19.68
N VAL A 94 35.57 -20.31 -19.11
CA VAL A 94 35.42 -19.27 -18.08
C VAL A 94 34.86 -18.00 -18.72
N HIS A 95 35.28 -17.70 -19.94
CA HIS A 95 34.68 -16.60 -20.68
C HIS A 95 33.17 -16.81 -20.84
N LEU A 96 32.75 -18.02 -21.20
CA LEU A 96 31.32 -18.32 -21.31
C LEU A 96 30.59 -17.95 -20.02
N ILE A 97 31.14 -18.37 -18.88
CA ILE A 97 30.50 -18.10 -17.59
C ILE A 97 30.49 -16.60 -17.32
N ASP A 98 31.64 -15.95 -17.53
CA ASP A 98 31.77 -14.53 -17.24
C ASP A 98 30.78 -13.71 -18.09
N TYR A 99 30.64 -14.07 -19.36
CA TYR A 99 29.69 -13.39 -20.23
C TYR A 99 28.27 -13.45 -19.66
N TYR A 100 27.83 -14.64 -19.24
CA TYR A 100 26.46 -14.75 -18.72
C TYR A 100 26.31 -14.09 -17.34
N VAL A 101 27.35 -14.12 -16.50
CA VAL A 101 27.31 -13.38 -15.24
C VAL A 101 27.11 -11.90 -15.48
N GLN A 102 27.90 -11.34 -16.42
CA GLN A 102 27.81 -9.92 -16.68
C GLN A 102 26.49 -9.60 -17.35
N MET A 103 25.99 -10.50 -18.20
CA MET A 103 24.72 -10.20 -18.85
C MET A 103 23.59 -10.20 -17.83
N CYS A 104 23.72 -11.00 -16.76
CA CYS A 104 22.73 -10.99 -15.69
C CYS A 104 22.80 -9.72 -14.85
N LYS A 105 23.98 -9.08 -14.78
CA LYS A 105 24.06 -7.79 -14.09
C LYS A 105 23.26 -6.72 -14.82
N ASP A 106 23.04 -6.87 -16.12
CA ASP A 106 22.35 -5.87 -16.92
C ASP A 106 20.83 -6.02 -16.83
N VAL A 119 12.93 -22.38 -17.71
CA VAL A 119 13.97 -22.03 -16.74
C VAL A 119 14.97 -21.06 -17.34
N HIS A 120 15.15 -19.90 -16.73
CA HIS A 120 16.11 -18.90 -17.20
C HIS A 120 17.43 -19.04 -16.45
N LEU A 121 18.52 -18.70 -17.15
CA LEU A 121 19.85 -18.74 -16.58
C LEU A 121 20.14 -17.46 -15.82
N TYR A 122 20.38 -17.57 -14.52
CA TYR A 122 20.66 -16.40 -13.69
C TYR A 122 21.84 -16.75 -12.80
N LEU A 123 22.96 -16.10 -13.03
CA LEU A 123 24.20 -16.40 -12.32
C LEU A 123 24.70 -15.16 -11.63
N THR A 124 25.12 -15.31 -10.37
CA THR A 124 25.70 -14.19 -9.64
C THR A 124 27.13 -14.49 -9.20
N LYS A 125 27.28 -15.24 -8.12
CA LYS A 125 28.63 -15.41 -7.58
C LYS A 125 28.99 -16.89 -7.47
N PRO A 126 30.26 -17.23 -7.63
CA PRO A 126 30.65 -18.64 -7.59
C PRO A 126 30.85 -19.14 -6.16
N LEU A 127 30.64 -20.43 -6.00
CA LEU A 127 30.94 -21.13 -4.76
C LEU A 127 32.36 -21.68 -4.88
N TYR A 128 33.27 -21.15 -4.07
CA TYR A 128 34.69 -21.51 -4.16
C TYR A 128 34.95 -22.83 -3.47
N THR A 129 35.77 -23.66 -4.12
CA THR A 129 36.22 -24.91 -3.52
C THR A 129 37.41 -24.68 -2.60
N SER A 130 38.18 -23.63 -2.85
CA SER A 130 39.34 -23.29 -2.02
C SER A 130 39.63 -21.80 -2.17
N ALA A 131 40.29 -21.23 -1.16
CA ALA A 131 40.65 -19.81 -1.19
C ALA A 131 41.71 -19.59 -2.27
N PRO A 132 41.49 -18.71 -3.22
CA PRO A 132 42.52 -18.46 -4.24
C PRO A 132 43.75 -17.77 -3.67
N SER A 133 44.85 -17.86 -4.41
CA SER A 133 46.02 -17.05 -4.15
C SER A 133 45.65 -15.56 -4.10
N LEU A 134 46.40 -14.81 -3.29
CA LEU A 134 46.22 -13.35 -3.25
C LEU A 134 46.49 -12.73 -4.62
N GLN A 135 47.44 -13.27 -5.38
CA GLN A 135 47.68 -12.75 -6.72
C GLN A 135 46.43 -12.85 -7.59
N HIS A 136 45.69 -13.96 -7.47
CA HIS A 136 44.50 -14.16 -8.31
C HIS A 136 43.37 -13.25 -7.87
N LEU A 137 43.17 -13.10 -6.55
CA LEU A 137 42.17 -12.17 -6.06
C LEU A 137 42.45 -10.74 -6.56
N CYS A 138 43.73 -10.35 -6.59
CA CYS A 138 44.06 -9.03 -7.12
C CYS A 138 43.70 -8.95 -8.60
N ARG A 139 44.09 -9.97 -9.36
CA ARG A 139 43.73 -10.08 -10.78
C ARG A 139 42.23 -9.89 -11.00
N LEU A 140 41.40 -10.62 -10.24
CA LEU A 140 39.95 -10.47 -10.35
C LEU A 140 39.53 -9.02 -10.11
N THR A 141 40.03 -8.41 -9.03
CA THR A 141 39.66 -7.03 -8.71
C THR A 141 40.05 -6.07 -9.83
N ILE A 142 41.26 -6.23 -10.37
CA ILE A 142 41.70 -5.40 -11.50
C ILE A 142 40.79 -5.62 -12.71
N ASN A 143 40.49 -6.88 -13.05
CA ASN A 143 39.63 -7.14 -14.21
C ASN A 143 38.23 -6.53 -14.06
N LYS A 144 37.73 -6.44 -12.82
CA LYS A 144 36.45 -5.79 -12.57
C LYS A 144 36.52 -4.29 -12.79
N CYS A 145 37.73 -3.72 -12.75
CA CYS A 145 37.90 -2.29 -12.98
C CYS A 145 38.19 -1.95 -14.44
N THR A 146 38.90 -2.81 -15.18
CA THR A 146 39.26 -2.46 -16.55
C THR A 146 39.71 -3.71 -17.28
N GLY A 147 39.63 -3.66 -18.60
CA GLY A 147 40.24 -4.66 -19.46
C GLY A 147 41.56 -4.20 -20.06
N ALA A 148 41.95 -2.95 -19.81
CA ALA A 148 43.07 -2.36 -20.53
C ALA A 148 44.41 -2.69 -19.84
N ILE A 149 44.69 -3.99 -19.77
CA ILE A 149 45.90 -4.49 -19.12
C ILE A 149 47.13 -3.83 -19.73
N TRP A 150 47.06 -3.55 -21.03
CA TRP A 150 48.23 -3.09 -21.77
C TRP A 150 48.77 -1.79 -21.22
N GLY A 151 47.91 -0.93 -20.67
CA GLY A 151 48.32 0.38 -20.22
C GLY A 151 48.51 0.55 -18.71
N LEU A 152 48.35 -0.51 -17.94
CA LEU A 152 48.50 -0.40 -16.49
C LEU A 152 49.96 -0.20 -16.10
N PRO A 153 50.23 0.57 -15.03
CA PRO A 153 51.62 0.72 -14.56
C PRO A 153 52.09 -0.53 -13.83
N LEU A 154 52.26 -1.61 -14.58
CA LEU A 154 52.75 -2.88 -14.09
C LEU A 154 53.92 -3.34 -14.93
N PRO A 155 54.85 -4.11 -14.36
CA PRO A 155 55.89 -4.72 -15.19
C PRO A 155 55.28 -5.73 -16.13
N THR A 156 55.97 -5.96 -17.25
CA THR A 156 55.45 -6.84 -18.29
C THR A 156 55.03 -8.21 -17.74
N ARG A 157 55.81 -8.79 -16.83
CA ARG A 157 55.47 -10.16 -16.43
C ARG A 157 54.18 -10.21 -15.62
N LEU A 158 53.81 -9.11 -14.96
CA LEU A 158 52.51 -9.09 -14.30
C LEU A 158 51.39 -8.85 -15.30
N LYS A 159 51.63 -8.06 -16.36
CA LYS A 159 50.65 -7.97 -17.42
C LYS A 159 50.39 -9.32 -18.06
N ASP A 160 51.45 -10.11 -18.30
CA ASP A 160 51.25 -11.45 -18.83
C ASP A 160 50.45 -12.31 -17.86
N TYR A 161 50.67 -12.14 -16.55
CA TYR A 161 49.88 -12.87 -15.57
C TYR A 161 48.41 -12.50 -15.67
N LEU A 162 48.11 -11.21 -15.80
CA LEU A 162 46.71 -10.79 -15.90
C LEU A 162 46.08 -11.33 -17.17
N GLU A 163 46.86 -11.34 -18.25
CA GLU A 163 46.36 -11.81 -19.54
C GLU A 163 45.96 -13.29 -19.50
N GLU A 164 46.59 -14.09 -18.65
CA GLU A 164 46.25 -15.51 -18.53
C GLU A 164 44.85 -15.76 -17.99
N TYR A 165 44.25 -14.78 -17.30
CA TYR A 165 42.90 -14.91 -16.73
C TYR A 165 42.28 -13.50 -16.72
N LYS A 166 41.60 -13.17 -17.80
CA LYS A 166 41.06 -11.83 -17.99
C LYS A 166 39.67 -11.63 -17.39
N PHE A 167 39.13 -12.62 -16.69
CA PHE A 167 37.72 -12.64 -16.35
C PHE A 167 37.46 -11.99 -14.99
N GLN A 168 36.21 -11.52 -14.82
CA GLN A 168 35.72 -10.84 -13.63
C GLN A 168 35.18 -11.79 -12.57
N VAL A 169 35.03 -13.06 -12.90
CA VAL A 169 34.59 -14.05 -11.94
C VAL A 169 35.65 -15.18 -11.91
N MET B 1 33.78 -19.80 19.10
CA MET B 1 33.36 -18.68 18.25
C MET B 1 34.40 -17.58 18.09
N ASP B 2 35.09 -17.60 16.95
CA ASP B 2 36.33 -16.87 16.78
C ASP B 2 36.10 -15.44 16.33
N VAL B 3 36.84 -14.52 16.94
CA VAL B 3 36.91 -13.14 16.51
C VAL B 3 38.35 -12.88 16.08
N PHE B 4 38.50 -12.18 14.98
CA PHE B 4 39.80 -11.90 14.38
C PHE B 4 40.07 -10.41 14.51
N LEU B 5 41.24 -10.07 15.04
CA LEU B 5 41.51 -8.75 15.55
C LEU B 5 42.81 -8.20 14.99
N MET B 6 42.88 -6.87 15.05
CA MET B 6 44.05 -6.02 14.88
C MET B 6 44.18 -5.25 16.20
N ILE B 7 45.25 -5.50 16.96
CA ILE B 7 45.51 -4.73 18.17
C ILE B 7 46.54 -3.67 17.83
N ARG B 8 46.16 -2.39 17.97
CA ARG B 8 46.92 -1.31 17.36
C ARG B 8 47.29 -0.22 18.36
N ARG B 9 48.58 0.10 18.36
CA ARG B 9 49.15 1.22 19.11
C ARG B 9 50.21 1.89 18.24
N HIS B 10 50.14 3.21 18.10
CA HIS B 10 51.13 3.93 17.29
C HIS B 10 51.26 3.29 15.91
N LYS B 11 52.47 2.81 15.59
CA LYS B 11 52.76 2.12 14.32
C LYS B 11 52.92 0.61 14.50
N THR B 12 52.33 0.03 15.55
CA THR B 12 52.36 -1.41 15.81
C THR B 12 50.96 -1.98 15.60
N THR B 13 50.86 -3.06 14.81
CA THR B 13 49.60 -3.78 14.62
C THR B 13 49.84 -5.28 14.86
N ILE B 14 49.21 -5.81 15.91
CA ILE B 14 49.20 -7.25 16.18
C ILE B 14 47.97 -7.84 15.53
N PHE B 15 48.17 -8.83 14.66
CA PHE B 15 47.08 -9.65 14.14
C PHE B 15 46.93 -10.86 15.06
N THR B 16 45.76 -11.05 15.62
CA THR B 16 45.56 -12.23 16.45
C THR B 16 44.07 -12.55 16.42
N ASP B 17 43.71 -13.69 17.00
CA ASP B 17 42.33 -14.05 17.12
C ASP B 17 42.06 -14.54 18.55
N ALA B 18 40.79 -14.55 18.92
CA ALA B 18 40.35 -14.98 20.23
C ALA B 18 38.90 -15.40 20.10
N LYS B 19 38.29 -15.78 21.21
CA LYS B 19 36.88 -16.17 21.19
C LYS B 19 36.02 -15.02 21.73
N GLU B 20 34.74 -15.01 21.31
CA GLU B 20 33.79 -14.08 21.90
C GLU B 20 33.78 -14.21 23.42
N SER B 21 34.01 -15.41 23.92
CA SER B 21 33.94 -15.68 25.35
C SER B 21 35.21 -15.30 26.10
N SER B 22 36.31 -15.03 25.40
CA SER B 22 37.49 -14.71 26.19
C SER B 22 37.40 -13.27 26.69
N THR B 23 38.22 -12.95 27.70
CA THR B 23 38.07 -11.67 28.36
C THR B 23 39.06 -10.65 27.81
N VAL B 24 38.72 -9.38 28.06
CA VAL B 24 39.65 -8.27 27.84
C VAL B 24 40.99 -8.56 28.51
N PHE B 25 40.96 -9.04 29.76
CA PHE B 25 42.20 -9.38 30.44
C PHE B 25 42.98 -10.45 29.68
N GLU B 26 42.29 -11.47 29.16
CA GLU B 26 43.02 -12.50 28.43
C GLU B 26 43.64 -11.92 27.15
N LEU B 27 43.00 -10.92 26.53
CA LEU B 27 43.65 -10.21 25.42
C LEU B 27 44.92 -9.50 25.87
N LYS B 28 44.86 -8.86 27.04
CA LYS B 28 46.06 -8.20 27.55
C LYS B 28 47.18 -9.21 27.82
N ARG B 29 46.84 -10.44 28.16
CA ARG B 29 47.87 -11.45 28.36
C ARG B 29 48.51 -11.86 27.04
N ILE B 30 47.72 -11.91 25.97
CA ILE B 30 48.27 -12.13 24.63
C ILE B 30 49.23 -11.00 24.27
N VAL B 31 48.79 -9.75 24.48
CA VAL B 31 49.66 -8.60 24.23
C VAL B 31 50.92 -8.66 25.09
N GLU B 32 50.78 -9.09 26.34
CA GLU B 32 51.95 -9.16 27.22
C GLU B 32 53.00 -10.14 26.68
N GLY B 33 52.57 -11.28 26.14
CA GLY B 33 53.53 -12.23 25.62
C GLY B 33 54.24 -11.73 24.37
N ILE B 34 53.61 -10.85 23.61
CA ILE B 34 54.20 -10.30 22.40
C ILE B 34 55.06 -9.07 22.71
N LEU B 35 54.50 -8.08 23.41
CA LEU B 35 55.14 -6.78 23.61
C LEU B 35 55.79 -6.63 24.98
N LYS B 36 55.65 -7.62 25.87
CA LYS B 36 56.38 -7.65 27.13
C LYS B 36 56.02 -6.46 28.03
N ARG B 37 54.76 -6.07 28.03
CA ARG B 37 54.24 -5.15 29.03
C ARG B 37 53.10 -5.84 29.77
N PRO B 38 53.06 -5.78 31.09
CA PRO B 38 52.03 -6.52 31.84
C PRO B 38 50.64 -5.97 31.59
N PRO B 39 49.59 -6.75 31.89
CA PRO B 39 48.22 -6.23 31.69
C PRO B 39 47.95 -4.92 32.40
N ASP B 40 48.41 -4.76 33.65
CA ASP B 40 48.06 -3.51 34.30
C ASP B 40 48.77 -2.30 33.70
N GLU B 41 49.69 -2.49 32.75
CA GLU B 41 50.28 -1.37 32.02
C GLU B 41 49.64 -1.19 30.65
N GLN B 42 48.49 -1.82 30.41
CA GLN B 42 47.78 -1.72 29.14
C GLN B 42 46.36 -1.21 29.38
N ARG B 43 45.90 -0.38 28.46
CA ARG B 43 44.49 -0.09 28.30
C ARG B 43 44.08 -0.52 26.90
N LEU B 44 42.93 -1.18 26.81
CA LEU B 44 42.40 -1.64 25.53
C LEU B 44 41.12 -0.88 25.21
N TYR B 45 40.89 -0.63 23.92
CA TYR B 45 39.77 0.20 23.50
C TYR B 45 39.04 -0.41 22.31
N LYS B 46 37.73 -0.25 22.29
CA LYS B 46 36.95 -0.35 21.07
C LYS B 46 36.47 1.06 20.72
N ASP B 47 37.02 1.62 19.63
CA ASP B 47 36.85 3.04 19.28
C ASP B 47 37.38 3.85 20.46
N ASP B 48 36.62 4.79 21.02
CA ASP B 48 37.10 5.55 22.16
C ASP B 48 36.64 4.98 23.49
N GLN B 49 36.14 3.75 23.50
CA GLN B 49 35.59 3.13 24.70
C GLN B 49 36.64 2.27 25.39
N LEU B 50 37.01 2.66 26.60
CA LEU B 50 37.93 1.87 27.42
C LEU B 50 37.26 0.56 27.85
N LEU B 51 37.98 -0.56 27.71
CA LEU B 51 37.42 -1.89 27.95
C LEU B 51 37.77 -2.41 29.36
N ASP B 52 36.75 -2.89 30.07
CA ASP B 52 36.95 -3.45 31.41
C ASP B 52 37.55 -4.85 31.34
N ASP B 53 38.56 -5.10 32.17
CA ASP B 53 39.27 -6.38 32.15
C ASP B 53 38.32 -7.57 32.26
N GLY B 54 37.29 -7.45 33.08
CA GLY B 54 36.45 -8.61 33.38
C GLY B 54 35.47 -8.99 32.30
N LYS B 55 35.29 -8.15 31.30
CA LYS B 55 34.25 -8.37 30.29
C LYS B 55 34.75 -9.29 29.19
N THR B 56 33.83 -10.04 28.61
CA THR B 56 34.14 -10.79 27.41
C THR B 56 34.19 -9.89 26.19
N LEU B 57 34.98 -10.32 25.19
CA LEU B 57 35.04 -9.59 23.93
C LEU B 57 33.65 -9.48 23.31
N GLY B 58 32.85 -10.54 23.42
CA GLY B 58 31.47 -10.45 22.99
C GLY B 58 30.70 -9.40 23.77
N GLU B 59 30.96 -9.31 25.09
CA GLU B 59 30.32 -8.29 25.93
C GLU B 59 30.78 -6.89 25.54
N CYS B 60 31.97 -6.75 24.96
CA CYS B 60 32.40 -5.44 24.47
C CYS B 60 31.91 -5.13 23.07
N GLY B 61 31.21 -6.05 22.43
CA GLY B 61 30.73 -5.79 21.09
C GLY B 61 31.58 -6.34 19.96
N PHE B 62 32.59 -7.16 20.24
CA PHE B 62 33.35 -7.83 19.18
C PHE B 62 32.65 -9.16 18.86
N THR B 63 32.11 -9.29 17.65
CA THR B 63 31.35 -10.47 17.26
C THR B 63 32.03 -11.18 16.11
N SER B 64 31.96 -12.51 16.16
CA SER B 64 32.40 -13.33 15.03
C SER B 64 31.93 -12.77 13.72
N GLN B 65 30.66 -12.39 13.63
CA GLN B 65 30.13 -11.93 12.36
C GLN B 65 30.80 -10.67 11.85
N THR B 66 31.38 -9.85 12.72
CA THR B 66 31.94 -8.57 12.29
C THR B 66 33.44 -8.45 12.59
N ALA B 67 34.07 -9.51 13.04
CA ALA B 67 35.53 -9.55 13.22
C ALA B 67 36.02 -10.81 12.51
N ARG B 68 36.02 -10.76 11.18
N ARG B 68 36.06 -10.76 11.21
CA ARG B 68 36.34 -11.86 10.28
CA ARG B 68 36.33 -11.85 10.30
C ARG B 68 37.81 -11.86 9.92
C ARG B 68 37.79 -11.85 9.87
N PRO B 69 38.35 -13.02 9.51
CA PRO B 69 39.77 -13.05 9.15
C PRO B 69 40.09 -12.10 8.01
N GLN B 70 39.17 -11.93 7.06
CA GLN B 70 39.40 -11.00 5.96
C GLN B 70 39.04 -9.54 6.30
N ALA B 71 38.47 -9.27 7.48
CA ALA B 71 38.16 -7.90 7.90
C ALA B 71 38.19 -7.84 9.41
N PRO B 72 39.37 -7.95 10.02
CA PRO B 72 39.45 -8.02 11.48
C PRO B 72 38.98 -6.74 12.13
N ALA B 73 38.46 -6.86 13.36
CA ALA B 73 38.09 -5.70 14.15
C ALA B 73 39.32 -5.11 14.84
N THR B 74 39.32 -3.80 15.02
CA THR B 74 40.44 -3.09 15.61
C THR B 74 40.22 -2.91 17.10
N VAL B 75 41.23 -3.25 17.88
CA VAL B 75 41.31 -2.96 19.32
C VAL B 75 42.44 -1.96 19.49
N GLY B 76 42.12 -0.79 20.06
CA GLY B 76 43.15 0.17 20.38
C GLY B 76 43.90 -0.21 21.65
N LEU B 77 45.18 0.14 21.70
CA LEU B 77 46.06 -0.24 22.80
C LEU B 77 46.87 0.98 23.22
N ALA B 78 46.83 1.31 24.52
CA ALA B 78 47.68 2.34 25.08
C ALA B 78 48.47 1.77 26.27
N PHE B 79 49.72 2.22 26.40
CA PHE B 79 50.62 1.73 27.43
C PHE B 79 50.82 2.79 28.51
N ARG B 80 51.20 2.30 29.69
CA ARG B 80 51.71 3.15 30.75
C ARG B 80 52.82 4.05 30.25
N ALA B 81 52.74 5.33 30.63
CA ALA B 81 53.85 6.27 30.54
C ALA B 81 54.05 6.87 31.94
N ASP B 82 55.11 6.47 32.62
CA ASP B 82 55.47 7.04 33.93
C ASP B 82 54.34 6.77 34.90
N ASP B 83 53.71 7.77 35.50
CA ASP B 83 52.68 7.52 36.49
C ASP B 83 51.27 7.49 35.90
N THR B 84 51.16 7.48 34.58
CA THR B 84 49.84 7.54 33.96
C THR B 84 49.90 6.75 32.66
N PHE B 85 48.77 6.71 31.96
CA PHE B 85 48.70 6.09 30.65
C PHE B 85 48.88 7.15 29.56
N GLU B 86 49.57 6.76 28.49
CA GLU B 86 49.56 7.59 27.30
C GLU B 86 48.15 7.66 26.73
N ALA B 87 47.85 8.76 26.07
CA ALA B 87 46.60 8.84 25.33
C ALA B 87 46.62 7.83 24.19
N LEU B 88 45.46 7.29 23.88
CA LEU B 88 45.33 6.39 22.75
C LEU B 88 45.77 7.09 21.47
N CYS B 89 46.63 6.43 20.70
CA CYS B 89 47.11 7.03 19.45
C CYS B 89 47.43 5.90 18.49
N ILE B 90 46.62 5.75 17.46
CA ILE B 90 46.85 4.78 16.41
C ILE B 90 47.20 5.53 15.14
N GLU B 91 48.36 5.25 14.60
CA GLU B 91 48.79 6.04 13.44
C GLU B 91 48.27 5.39 12.16
N PRO B 92 47.69 6.16 11.25
CA PRO B 92 47.00 5.59 10.08
C PRO B 92 47.98 4.85 9.18
N PHE B 93 47.45 3.92 8.41
CA PHE B 93 48.25 3.33 7.33
C PHE B 93 48.47 4.39 6.25
N SER B 94 49.46 4.13 5.38
CA SER B 94 49.74 5.07 4.30
C SER B 94 48.52 5.20 3.38
N SER B 95 48.51 6.24 2.55
CA SER B 95 47.32 6.30 1.72
C SER B 95 47.64 5.84 0.30
N PRO B 96 46.68 5.21 -0.36
CA PRO B 96 46.95 4.68 -1.69
C PRO B 96 47.16 5.83 -2.66
N PRO B 97 47.91 5.61 -3.73
CA PRO B 97 48.04 6.62 -4.78
C PRO B 97 46.71 6.77 -5.51
N GLU B 98 46.64 7.79 -6.37
CA GLU B 98 45.46 7.99 -7.18
C GLU B 98 45.24 6.83 -8.14
N LEU B 99 43.97 6.46 -8.31
CA LEU B 99 43.64 5.39 -9.23
C LEU B 99 43.98 5.82 -10.65
N PRO B 100 44.57 4.95 -11.47
CA PRO B 100 44.66 5.26 -12.91
C PRO B 100 43.28 5.53 -13.47
N ASP B 101 43.21 6.48 -14.42
CA ASP B 101 41.91 6.98 -14.87
C ASP B 101 41.02 5.87 -15.43
N VAL B 102 41.60 4.86 -16.07
CA VAL B 102 40.81 3.83 -16.73
C VAL B 102 40.12 2.88 -15.73
N MET B 103 40.59 2.81 -14.49
CA MET B 103 39.86 2.04 -13.49
C MET B 103 38.98 2.88 -12.58
N LYS B 104 38.74 4.14 -12.90
CA LYS B 104 37.90 4.97 -12.04
C LYS B 104 36.43 4.73 -12.34
N MET C 2 56.58 -18.40 17.40
CA MET C 2 55.15 -18.16 17.51
C MET C 2 54.68 -16.93 16.70
N TYR C 3 55.24 -15.73 16.91
CA TYR C 3 54.91 -14.57 16.10
C TYR C 3 56.14 -14.06 15.35
N VAL C 4 55.92 -13.43 14.18
CA VAL C 4 56.98 -12.71 13.47
C VAL C 4 56.55 -11.27 13.22
N LYS C 5 57.54 -10.42 12.94
CA LYS C 5 57.31 -8.99 12.73
C LYS C 5 57.63 -8.61 11.29
N LEU C 6 56.64 -8.09 10.58
CA LEU C 6 56.76 -7.69 9.19
C LEU C 6 56.62 -6.17 9.12
N ILE C 7 57.65 -5.50 8.62
CA ILE C 7 57.76 -4.04 8.68
C ILE C 7 57.59 -3.46 7.28
N SER C 8 56.63 -2.55 7.14
CA SER C 8 56.35 -1.94 5.85
C SER C 8 57.40 -0.86 5.53
N SER C 9 57.34 -0.33 4.32
CA SER C 9 58.33 0.67 3.89
C SER C 9 58.20 1.95 4.70
N ASP C 10 56.98 2.31 5.08
CA ASP C 10 56.73 3.49 5.89
C ASP C 10 56.81 3.20 7.38
N GLY C 11 57.37 2.06 7.77
CA GLY C 11 57.69 1.84 9.17
C GLY C 11 56.58 1.30 10.04
N HIS C 12 55.49 0.78 9.47
CA HIS C 12 54.52 0.10 10.31
C HIS C 12 55.00 -1.32 10.58
N GLU C 13 54.85 -1.76 11.83
CA GLU C 13 55.19 -3.13 12.23
C GLU C 13 53.94 -3.96 12.42
N PHE C 14 53.86 -5.05 11.65
CA PHE C 14 52.78 -6.01 11.70
C PHE C 14 53.29 -7.28 12.36
N ILE C 15 52.71 -7.61 13.51
CA ILE C 15 53.12 -8.78 14.28
C ILE C 15 52.06 -9.84 14.04
N VAL C 16 52.46 -10.90 13.33
CA VAL C 16 51.54 -11.91 12.85
C VAL C 16 52.07 -13.28 13.24
N LYS C 17 51.16 -14.24 13.38
CA LYS C 17 51.55 -15.61 13.69
C LYS C 17 52.51 -16.14 12.65
N ARG C 18 53.60 -16.75 13.12
CA ARG C 18 54.59 -17.28 12.20
C ARG C 18 53.95 -18.26 11.21
N GLU C 19 53.12 -19.17 11.72
CA GLU C 19 52.44 -20.13 10.86
C GLU C 19 51.63 -19.41 9.78
N HIS C 20 50.96 -18.30 10.13
CA HIS C 20 50.22 -17.56 9.09
C HIS C 20 51.16 -16.87 8.09
N ALA C 21 52.29 -16.35 8.54
CA ALA C 21 53.20 -15.70 7.60
C ALA C 21 53.83 -16.68 6.64
N LEU C 22 53.89 -17.96 7.01
CA LEU C 22 54.44 -19.00 6.13
C LEU C 22 53.53 -19.25 4.93
N THR C 23 52.33 -18.62 4.92
CA THR C 23 51.51 -18.56 3.71
C THR C 23 52.31 -18.03 2.53
N SER C 24 53.20 -17.07 2.79
CA SER C 24 54.07 -16.51 1.77
C SER C 24 55.29 -17.42 1.58
N GLY C 25 55.46 -17.98 0.38
CA GLY C 25 56.68 -18.73 0.12
C GLY C 25 57.94 -17.89 0.30
N THR C 26 57.82 -16.58 0.05
CA THR C 26 58.99 -15.71 0.12
C THR C 26 59.39 -15.45 1.56
N ILE C 27 58.42 -15.23 2.43
CA ILE C 27 58.72 -15.14 3.86
C ILE C 27 59.22 -16.48 4.36
N LYS C 28 58.58 -17.57 3.92
CA LYS C 28 58.94 -18.90 4.39
C LYS C 28 60.37 -19.27 3.99
N ALA C 29 60.77 -18.92 2.77
CA ALA C 29 62.16 -19.16 2.39
C ALA C 29 63.10 -18.27 3.19
N MET C 30 62.67 -17.03 3.46
CA MET C 30 63.44 -16.16 4.33
C MET C 30 63.67 -16.80 5.70
N LEU C 31 62.69 -17.59 6.17
CA LEU C 31 62.73 -18.20 7.49
C LEU C 31 62.70 -19.72 7.43
N ASN C 43 63.49 -13.34 12.99
CA ASN C 43 62.06 -13.16 13.23
C ASN C 43 61.50 -11.80 12.80
N GLU C 44 62.33 -10.98 12.14
CA GLU C 44 61.90 -9.67 11.67
C GLU C 44 62.25 -9.51 10.20
N VAL C 45 61.27 -9.09 9.38
CA VAL C 45 61.48 -8.87 7.96
C VAL C 45 61.12 -7.43 7.61
N ASN C 46 61.99 -6.77 6.86
CA ASN C 46 61.73 -5.40 6.39
C ASN C 46 61.41 -5.43 4.90
N PHE C 47 60.24 -4.89 4.52
CA PHE C 47 59.85 -4.80 3.11
C PHE C 47 60.03 -3.37 2.65
N ARG C 48 61.13 -3.11 1.94
CA ARG C 48 61.48 -1.73 1.59
C ARG C 48 60.54 -1.13 0.56
N GLU C 49 59.75 -1.96 -0.14
CA GLU C 49 58.90 -1.49 -1.23
C GLU C 49 57.41 -1.79 -1.03
N ILE C 50 57.01 -2.27 0.14
CA ILE C 50 55.60 -2.54 0.40
C ILE C 50 55.14 -1.54 1.47
N PRO C 51 54.27 -0.60 1.14
CA PRO C 51 53.78 0.35 2.15
C PRO C 51 52.66 -0.24 2.99
N SER C 52 52.36 0.42 4.11
CA SER C 52 51.50 -0.20 5.12
C SER C 52 50.06 -0.45 4.63
N HIS C 53 49.53 0.40 3.75
CA HIS C 53 48.18 0.12 3.24
C HIS C 53 48.13 -1.13 2.37
N VAL C 54 49.28 -1.60 1.89
CA VAL C 54 49.35 -2.89 1.18
C VAL C 54 49.60 -4.03 2.17
N LEU C 55 50.62 -3.87 3.01
CA LEU C 55 51.07 -4.96 3.86
C LEU C 55 50.00 -5.34 4.89
N SER C 56 49.21 -4.38 5.36
CA SER C 56 48.13 -4.70 6.28
C SER C 56 47.14 -5.65 5.62
N LYS C 57 46.85 -5.44 4.33
CA LYS C 57 45.93 -6.29 3.61
C LYS C 57 46.52 -7.66 3.36
N VAL C 58 47.83 -7.71 3.05
CA VAL C 58 48.56 -8.97 2.96
C VAL C 58 48.35 -9.79 4.23
N CYS C 59 48.51 -9.14 5.39
CA CYS C 59 48.36 -9.86 6.65
C CYS C 59 46.94 -10.39 6.83
N MET C 60 45.92 -9.59 6.48
CA MET C 60 44.57 -10.13 6.49
C MET C 60 44.43 -11.32 5.55
N TYR C 61 45.08 -11.25 4.36
CA TYR C 61 45.06 -12.40 3.46
C TYR C 61 45.61 -13.65 4.14
N PHE C 62 46.70 -13.52 4.90
CA PHE C 62 47.26 -14.69 5.59
C PHE C 62 46.24 -15.31 6.52
N THR C 63 45.59 -14.48 7.36
CA THR C 63 44.57 -15.01 8.26
C THR C 63 43.48 -15.73 7.49
N TYR C 64 43.00 -15.10 6.41
CA TYR C 64 41.95 -15.67 5.57
C TYR C 64 42.41 -16.96 4.90
N LYS C 65 43.65 -16.98 4.37
CA LYS C 65 44.10 -18.20 3.69
C LYS C 65 44.17 -19.37 4.67
N VAL C 66 44.73 -19.17 5.86
CA VAL C 66 44.81 -20.25 6.82
C VAL C 66 43.43 -20.69 7.26
N ARG C 67 42.52 -19.75 7.45
CA ARG C 67 41.20 -20.15 7.94
C ARG C 67 40.42 -20.92 6.88
N TYR C 68 40.55 -20.57 5.61
CA TYR C 68 39.69 -21.11 4.57
C TYR C 68 40.42 -22.04 3.60
N THR C 69 41.52 -22.65 4.03
CA THR C 69 42.07 -23.79 3.31
C THR C 69 41.63 -25.05 4.03
N ASN C 70 41.16 -26.04 3.26
CA ASN C 70 40.79 -27.34 3.82
C ASN C 70 39.72 -27.19 4.91
N SER C 71 38.81 -26.24 4.72
CA SER C 71 37.74 -26.05 5.67
C SER C 71 36.43 -26.54 5.05
N SER C 72 35.46 -26.79 5.92
CA SER C 72 34.11 -27.11 5.46
C SER C 72 33.24 -25.88 5.36
N THR C 73 33.75 -24.73 5.77
CA THR C 73 32.99 -23.49 5.74
C THR C 73 32.97 -22.94 4.32
N GLU C 74 31.81 -22.41 3.91
CA GLU C 74 31.74 -21.63 2.69
C GLU C 74 32.78 -20.52 2.72
N ILE C 75 33.50 -20.34 1.63
CA ILE C 75 34.59 -19.38 1.57
C ILE C 75 34.01 -18.00 1.27
N PRO C 76 34.19 -17.01 2.13
CA PRO C 76 33.63 -15.67 1.89
C PRO C 76 34.52 -14.89 0.96
N GLU C 77 34.02 -13.72 0.54
CA GLU C 77 34.78 -12.84 -0.34
C GLU C 77 35.91 -12.14 0.39
N PHE C 78 37.03 -11.99 -0.30
CA PHE C 78 38.15 -11.26 0.28
C PHE C 78 38.13 -9.84 -0.28
N PRO C 79 37.83 -8.82 0.53
CA PRO C 79 37.64 -7.46 -0.03
C PRO C 79 38.97 -6.82 -0.38
N ILE C 80 39.05 -6.30 -1.62
CA ILE C 80 40.21 -5.55 -2.10
C ILE C 80 39.71 -4.29 -2.77
N ALA C 81 40.07 -3.13 -2.21
CA ALA C 81 39.68 -1.89 -2.85
C ALA C 81 40.44 -1.71 -4.17
N PRO C 82 39.78 -1.19 -5.21
CA PRO C 82 40.51 -0.93 -6.47
C PRO C 82 41.77 -0.10 -6.29
N GLU C 83 41.80 0.83 -5.33
CA GLU C 83 42.94 1.73 -5.18
C GLU C 83 44.19 1.06 -4.64
N ILE C 84 44.08 -0.14 -4.06
CA ILE C 84 45.27 -0.85 -3.60
C ILE C 84 45.60 -2.04 -4.48
N ALA C 85 44.78 -2.32 -5.51
CA ALA C 85 44.86 -3.63 -6.15
C ALA C 85 46.16 -3.81 -6.93
N LEU C 86 46.65 -2.75 -7.57
CA LEU C 86 47.86 -2.89 -8.38
C LEU C 86 49.08 -3.12 -7.48
N GLU C 87 49.24 -2.31 -6.43
CA GLU C 87 50.31 -2.53 -5.47
C GLU C 87 50.16 -3.88 -4.76
N LEU C 88 48.93 -4.22 -4.38
CA LEU C 88 48.71 -5.51 -3.74
C LEU C 88 49.09 -6.67 -4.66
N LEU C 89 48.78 -6.56 -5.96
CA LEU C 89 49.22 -7.59 -6.91
C LEU C 89 50.74 -7.71 -6.94
N MET C 90 51.43 -6.58 -6.98
CA MET C 90 52.88 -6.62 -7.00
C MET C 90 53.45 -7.23 -5.72
N ALA C 91 52.87 -6.88 -4.57
CA ALA C 91 53.34 -7.45 -3.30
C ALA C 91 53.09 -8.96 -3.24
N ALA C 92 51.88 -9.38 -3.61
CA ALA C 92 51.56 -10.80 -3.57
C ALA C 92 52.45 -11.59 -4.51
N ASN C 93 52.77 -11.04 -5.67
CA ASN C 93 53.71 -11.71 -6.57
C ASN C 93 55.10 -11.78 -5.94
N PHE C 94 55.58 -10.68 -5.38
CA PHE C 94 56.87 -10.72 -4.69
C PHE C 94 56.82 -11.72 -3.54
N LEU C 95 55.69 -11.80 -2.84
CA LEU C 95 55.60 -12.67 -1.68
C LEU C 95 55.25 -14.11 -2.01
N ASP C 96 54.86 -14.39 -3.26
CA ASP C 96 54.47 -15.72 -3.71
C ASP C 96 53.32 -16.28 -2.85
N CYS C 97 52.23 -15.52 -2.78
CA CYS C 97 51.05 -15.99 -2.06
C CYS C 97 49.78 -15.59 -2.79
N SER D 1 -20.54 28.12 -17.81
CA SER D 1 -21.09 26.78 -18.02
C SER D 1 -20.41 25.84 -17.03
N MET D 2 -20.96 24.65 -16.84
CA MET D 2 -20.47 23.83 -15.74
C MET D 2 -19.17 23.08 -16.06
N GLN D 3 -18.80 22.95 -17.32
CA GLN D 3 -17.55 22.30 -17.71
C GLN D 3 -17.41 20.92 -17.08
N ALA D 4 -18.31 20.01 -17.47
CA ALA D 4 -18.40 18.70 -16.83
C ALA D 4 -17.12 17.89 -16.98
N ALA D 5 -16.40 18.03 -18.09
CA ALA D 5 -15.13 17.31 -18.26
C ALA D 5 -14.12 17.73 -17.20
N ARG D 6 -14.03 19.04 -16.94
CA ARG D 6 -13.17 19.55 -15.88
C ARG D 6 -13.62 19.05 -14.52
N LEU D 7 -14.93 19.10 -14.26
CA LEU D 7 -15.45 18.62 -12.98
C LEU D 7 -15.16 17.14 -12.79
N ALA D 8 -15.32 16.33 -13.85
CA ALA D 8 -15.03 14.91 -13.75
C ALA D 8 -13.58 14.68 -13.40
N LYS D 9 -12.68 15.42 -14.04
CA LYS D 9 -11.26 15.31 -13.70
C LYS D 9 -11.03 15.69 -12.26
N ALA D 10 -11.67 16.77 -11.78
CA ALA D 10 -11.45 17.21 -10.41
C ALA D 10 -12.02 16.22 -9.41
N LEU D 11 -13.16 15.60 -9.72
CA LEU D 11 -13.70 14.61 -8.81
C LEU D 11 -12.88 13.33 -8.84
N ARG D 12 -12.25 13.03 -9.99
CA ARG D 12 -11.34 11.89 -10.04
C ARG D 12 -10.14 12.11 -9.14
N GLU D 13 -9.54 13.32 -9.18
CA GLU D 13 -8.43 13.61 -8.27
C GLU D 13 -8.87 13.47 -6.83
N LEU D 14 -10.04 14.03 -6.50
CA LEU D 14 -10.58 13.94 -5.15
C LEU D 14 -10.70 12.49 -4.69
N GLY D 15 -11.17 11.62 -5.58
CA GLY D 15 -11.24 10.21 -5.25
C GLY D 15 -9.89 9.55 -5.05
N GLN D 16 -8.83 10.13 -5.62
CA GLN D 16 -7.48 9.62 -5.40
C GLN D 16 -6.90 10.06 -4.04
N THR D 17 -7.47 11.08 -3.39
CA THR D 17 -6.84 11.60 -2.18
C THR D 17 -6.83 10.59 -1.03
N GLY D 18 -7.84 9.74 -0.92
CA GLY D 18 -8.04 9.00 0.31
C GLY D 18 -8.60 9.83 1.45
N TRP D 19 -8.90 11.10 1.24
CA TRP D 19 -9.48 11.90 2.30
C TRP D 19 -10.74 12.62 1.84
N TYR D 20 -11.43 12.07 0.85
CA TYR D 20 -12.74 12.54 0.46
C TYR D 20 -13.76 11.58 1.03
N TRP D 21 -14.67 12.08 1.84
CA TRP D 21 -15.60 11.25 2.59
C TRP D 21 -16.99 11.22 1.97
N GLY D 22 -17.18 11.77 0.77
CA GLY D 22 -18.45 11.58 0.10
C GLY D 22 -19.59 12.19 0.90
N SER D 23 -20.68 11.44 1.03
CA SER D 23 -21.88 12.01 1.65
C SER D 23 -21.89 11.93 3.19
N MET D 24 -20.73 12.05 3.82
CA MET D 24 -20.62 12.38 5.23
C MET D 24 -21.40 13.66 5.60
N THR D 25 -22.16 13.60 6.70
CA THR D 25 -22.84 14.79 7.19
C THR D 25 -21.92 15.63 8.09
N VAL D 26 -22.37 16.86 8.38
CA VAL D 26 -21.57 17.75 9.21
C VAL D 26 -21.37 17.16 10.61
N ASN D 27 -22.41 16.50 11.13
CA ASN D 27 -22.30 15.92 12.46
C ASN D 27 -21.42 14.68 12.44
N GLU D 28 -21.51 13.88 11.39
CA GLU D 28 -20.58 12.77 11.23
C GLU D 28 -19.14 13.25 11.20
N ALA D 29 -18.87 14.32 10.43
CA ALA D 29 -17.52 14.87 10.36
C ALA D 29 -17.08 15.43 11.71
N LYS D 30 -17.99 16.05 12.45
CA LYS D 30 -17.65 16.60 13.74
C LYS D 30 -17.21 15.48 14.69
N GLU D 31 -17.96 14.39 14.73
CA GLU D 31 -17.58 13.25 15.57
C GLU D 31 -16.24 12.66 15.14
N LYS D 32 -15.98 12.63 13.83
CA LYS D 32 -14.73 12.06 13.35
C LYS D 32 -13.52 12.93 13.71
N LEU D 33 -13.71 14.25 13.80
CA LEU D 33 -12.61 15.17 14.00
C LEU D 33 -12.50 15.68 15.42
N LYS D 34 -13.46 15.32 16.30
CA LYS D 34 -13.55 15.93 17.63
C LYS D 34 -12.24 15.83 18.40
N GLU D 35 -11.52 14.70 18.25
CA GLU D 35 -10.31 14.44 19.02
C GLU D 35 -9.04 14.63 18.21
N ALA D 36 -9.16 15.01 16.94
CA ALA D 36 -8.01 15.09 16.06
C ALA D 36 -7.11 16.27 16.46
N PRO D 37 -5.86 16.27 16.00
CA PRO D 37 -5.02 17.45 16.21
C PRO D 37 -5.55 18.65 15.42
N GLU D 38 -5.22 19.84 15.91
CA GLU D 38 -5.67 21.05 15.23
C GLU D 38 -5.08 21.10 13.83
N GLY D 39 -5.91 21.51 12.88
CA GLY D 39 -5.54 21.51 11.48
C GLY D 39 -5.88 20.24 10.73
N THR D 40 -6.23 19.16 11.42
CA THR D 40 -6.67 17.94 10.73
C THR D 40 -7.95 18.22 9.95
N PHE D 41 -7.98 17.86 8.67
CA PHE D 41 -9.10 18.21 7.81
C PHE D 41 -9.55 17.03 6.96
N LEU D 42 -10.75 17.18 6.40
CA LEU D 42 -11.29 16.28 5.38
C LEU D 42 -12.19 17.10 4.46
N ILE D 43 -12.47 16.55 3.29
CA ILE D 43 -13.47 17.11 2.37
C ILE D 43 -14.63 16.13 2.26
N ARG D 44 -15.86 16.67 2.19
CA ARG D 44 -17.07 15.88 2.07
C ARG D 44 -18.07 16.66 1.22
N ASP D 45 -19.17 15.99 0.83
CA ASP D 45 -20.26 16.68 0.16
C ASP D 45 -20.89 17.72 1.10
N SER D 46 -21.36 18.83 0.53
CA SER D 46 -22.06 19.86 1.28
C SER D 46 -23.55 19.59 1.27
N SER D 47 -24.21 19.84 2.41
CA SER D 47 -25.66 19.73 2.47
C SER D 47 -26.37 20.83 1.71
N HIS D 48 -25.64 21.89 1.33
CA HIS D 48 -26.22 23.09 0.75
C HIS D 48 -26.20 23.00 -0.77
N SER D 49 -27.38 23.07 -1.40
CA SER D 49 -27.48 22.91 -2.85
C SER D 49 -26.67 23.95 -3.63
N ASP D 50 -26.30 25.07 -3.01
CA ASP D 50 -25.52 26.08 -3.71
C ASP D 50 -24.01 25.85 -3.65
N TYR D 51 -23.56 24.79 -2.96
CA TYR D 51 -22.14 24.49 -2.83
C TYR D 51 -21.89 23.02 -3.16
N LEU D 52 -20.67 22.71 -3.60
CA LEU D 52 -20.41 21.35 -4.05
C LEU D 52 -19.77 20.50 -2.97
N LEU D 53 -18.87 21.10 -2.19
CA LEU D 53 -18.10 20.39 -1.19
C LEU D 53 -17.92 21.29 0.03
N THR D 54 -17.57 20.67 1.14
CA THR D 54 -17.28 21.38 2.37
C THR D 54 -15.99 20.83 2.97
N ILE D 55 -15.14 21.70 3.47
CA ILE D 55 -13.97 21.32 4.26
C ILE D 55 -14.42 21.24 5.71
N SER D 56 -14.13 20.13 6.37
CA SER D 56 -14.31 20.05 7.81
C SER D 56 -12.92 19.98 8.44
N VAL D 57 -12.68 20.84 9.42
CA VAL D 57 -11.33 20.97 9.97
C VAL D 57 -11.42 21.20 11.48
N LYS D 58 -10.51 20.55 12.21
CA LYS D 58 -10.42 20.72 13.65
C LYS D 58 -9.74 22.04 13.99
N THR D 59 -10.38 22.85 14.83
CA THR D 59 -9.76 24.07 15.33
C THR D 59 -9.53 23.98 16.83
N SER D 60 -8.89 25.03 17.34
CA SER D 60 -8.80 25.26 18.78
C SER D 60 -10.12 25.10 19.49
N ALA D 61 -11.22 25.42 18.82
CA ALA D 61 -12.54 25.45 19.44
C ALA D 61 -13.47 24.38 18.89
N GLY D 62 -12.90 23.27 18.43
CA GLY D 62 -13.68 22.18 17.90
C GLY D 62 -13.76 22.21 16.39
N PRO D 63 -14.41 21.21 15.81
CA PRO D 63 -14.51 21.16 14.35
C PRO D 63 -15.28 22.34 13.80
N THR D 64 -14.87 22.78 12.62
CA THR D 64 -15.56 23.83 11.90
C THR D 64 -15.63 23.44 10.43
N ASN D 65 -16.41 24.18 9.65
CA ASN D 65 -16.71 23.78 8.28
C ASN D 65 -16.68 24.99 7.36
N LEU D 66 -16.12 24.80 6.17
CA LEU D 66 -16.02 25.88 5.20
C LEU D 66 -16.37 25.34 3.83
N ARG D 67 -17.35 25.96 3.17
CA ARG D 67 -17.88 25.38 1.95
C ARG D 67 -17.04 25.78 0.72
N ILE D 68 -17.11 24.94 -0.31
CA ILE D 68 -16.42 25.18 -1.57
C ILE D 68 -17.47 25.28 -2.65
N GLU D 69 -17.46 26.38 -3.39
CA GLU D 69 -18.34 26.53 -4.54
C GLU D 69 -17.62 26.13 -5.82
N TYR D 70 -18.40 25.67 -6.78
CA TYR D 70 -17.95 25.36 -8.13
C TYR D 70 -18.88 26.09 -9.10
N GLN D 71 -18.37 27.11 -9.78
CA GLN D 71 -19.18 27.93 -10.67
C GLN D 71 -18.32 28.35 -11.85
N ASP D 72 -18.90 28.28 -13.06
CA ASP D 72 -18.18 28.48 -14.33
C ASP D 72 -16.80 27.82 -14.36
N GLY D 73 -16.74 26.56 -13.95
CA GLY D 73 -15.52 25.79 -14.10
C GLY D 73 -14.42 26.10 -13.10
N LYS D 74 -14.71 26.80 -12.02
CA LYS D 74 -13.70 27.13 -11.03
C LYS D 74 -14.19 26.77 -9.63
N PHE D 75 -13.29 26.21 -8.82
CA PHE D 75 -13.53 26.05 -7.39
C PHE D 75 -12.99 27.27 -6.64
N ARG D 76 -13.70 27.66 -5.59
CA ARG D 76 -13.19 28.67 -4.66
C ARG D 76 -13.87 28.50 -3.32
N LEU D 77 -13.19 29.00 -2.29
CA LEU D 77 -13.75 29.03 -0.94
C LEU D 77 -14.98 29.92 -0.92
N ASP D 78 -15.89 29.62 0.01
CA ASP D 78 -17.18 30.29 0.14
C ASP D 78 -17.09 31.81 -0.04
N SER D 79 -17.61 32.32 -1.16
CA SER D 79 -17.51 33.74 -1.46
C SER D 79 -18.25 34.59 -0.43
N ILE D 80 -19.20 34.01 0.30
CA ILE D 80 -19.86 34.74 1.37
C ILE D 80 -18.93 34.93 2.56
N ILE D 81 -17.98 34.01 2.75
CA ILE D 81 -17.15 34.02 3.95
C ILE D 81 -15.86 34.79 3.72
N LEU D 87 -9.92 36.23 -3.47
CA LEU D 87 -10.10 34.79 -3.41
C LEU D 87 -9.56 34.13 -4.67
N LYS D 88 -8.62 33.21 -4.49
CA LYS D 88 -8.06 32.53 -5.65
C LYS D 88 -9.05 31.49 -6.16
N GLN D 89 -8.99 31.24 -7.46
CA GLN D 89 -9.86 30.31 -8.14
C GLN D 89 -9.01 29.20 -8.73
N PHE D 90 -9.55 27.98 -8.72
CA PHE D 90 -8.79 26.79 -9.06
C PHE D 90 -9.58 25.90 -10.01
N ASP D 91 -8.88 25.29 -10.96
CA ASP D 91 -9.49 24.28 -11.82
C ASP D 91 -9.67 22.96 -11.10
N SER D 92 -8.95 22.77 -9.99
CA SER D 92 -8.88 21.50 -9.26
C SER D 92 -9.14 21.77 -7.78
N VAL D 93 -10.01 20.97 -7.17
CA VAL D 93 -10.26 21.19 -5.74
C VAL D 93 -9.10 20.65 -4.89
N VAL D 94 -8.43 19.57 -5.31
CA VAL D 94 -7.24 19.16 -4.57
C VAL D 94 -6.17 20.23 -4.65
N HIS D 95 -6.01 20.85 -5.82
CA HIS D 95 -5.12 22.01 -5.90
C HIS D 95 -5.50 23.09 -4.89
N LEU D 96 -6.81 23.39 -4.78
CA LEU D 96 -7.27 24.41 -3.84
C LEU D 96 -6.84 24.06 -2.41
N ILE D 97 -7.15 22.82 -1.98
CA ILE D 97 -6.73 22.36 -0.65
C ILE D 97 -5.21 22.47 -0.50
N ASP D 98 -4.47 21.91 -1.45
CA ASP D 98 -3.01 21.95 -1.40
C ASP D 98 -2.49 23.37 -1.27
N TYR D 99 -3.09 24.31 -2.00
CA TYR D 99 -2.69 25.72 -1.92
C TYR D 99 -2.82 26.26 -0.49
N TYR D 100 -3.99 26.06 0.12
CA TYR D 100 -4.17 26.60 1.46
C TYR D 100 -3.34 25.84 2.49
N VAL D 101 -3.14 24.53 2.31
CA VAL D 101 -2.26 23.77 3.21
C VAL D 101 -0.85 24.35 3.19
N GLN D 102 -0.30 24.58 1.99
CA GLN D 102 1.07 25.08 1.91
C GLN D 102 1.21 26.49 2.45
N MET D 103 0.13 27.27 2.41
CA MET D 103 0.22 28.64 2.91
C MET D 103 0.36 28.67 4.43
N CYS D 104 -0.34 27.80 5.14
CA CYS D 104 -0.19 27.72 6.59
C CYS D 104 1.12 27.06 7.02
N LYS D 105 1.79 26.32 6.14
CA LYS D 105 3.04 25.63 6.49
C LYS D 105 4.20 26.63 6.59
N VAL D 119 -9.14 32.54 12.73
CA VAL D 119 -10.14 33.30 11.99
C VAL D 119 -9.99 33.04 10.50
N HIS D 120 -8.76 32.81 10.06
CA HIS D 120 -8.48 32.31 8.72
C HIS D 120 -8.19 30.81 8.78
N LEU D 121 -8.39 30.14 7.65
CA LEU D 121 -8.33 28.69 7.63
C LEU D 121 -6.91 28.16 7.83
N TYR D 122 -6.79 27.16 8.70
CA TYR D 122 -5.53 26.55 9.11
C TYR D 122 -5.65 25.05 8.87
N LEU D 123 -5.10 24.56 7.77
CA LEU D 123 -5.11 23.14 7.44
C LEU D 123 -3.71 22.60 7.57
N THR D 124 -3.59 21.42 8.15
CA THR D 124 -2.30 20.75 8.23
C THR D 124 -2.38 19.38 7.57
N LYS D 125 -3.01 18.40 8.20
CA LYS D 125 -2.92 17.05 7.67
C LYS D 125 -4.31 16.46 7.47
N PRO D 126 -4.49 15.66 6.43
CA PRO D 126 -5.82 15.11 6.14
C PRO D 126 -6.16 13.95 7.07
N LEU D 127 -7.48 13.72 7.22
CA LEU D 127 -8.02 12.55 7.88
C LEU D 127 -8.41 11.54 6.80
N TYR D 128 -7.63 10.46 6.69
CA TYR D 128 -7.84 9.49 5.63
C TYR D 128 -9.01 8.57 5.93
N THR D 129 -9.81 8.25 4.89
CA THR D 129 -10.83 7.21 5.01
C THR D 129 -10.20 5.83 5.01
N SER D 130 -9.07 5.68 4.34
CA SER D 130 -8.44 4.37 4.23
C SER D 130 -6.98 4.62 3.88
N ALA D 131 -6.15 3.60 4.13
CA ALA D 131 -4.72 3.73 3.86
C ALA D 131 -4.53 3.75 2.35
N PRO D 132 -3.93 4.78 1.80
CA PRO D 132 -3.63 4.79 0.35
C PRO D 132 -2.55 3.78 0.00
N SER D 133 -2.44 3.51 -1.30
CA SER D 133 -1.39 2.62 -1.80
C SER D 133 -0.01 3.19 -1.48
N LEU D 134 0.97 2.29 -1.40
CA LEU D 134 2.35 2.73 -1.18
C LEU D 134 2.83 3.58 -2.35
N GLN D 135 2.47 3.23 -3.58
CA GLN D 135 2.82 4.09 -4.71
C GLN D 135 2.34 5.51 -4.47
N HIS D 136 1.08 5.66 -4.06
CA HIS D 136 0.53 7.00 -3.86
C HIS D 136 1.24 7.73 -2.72
N LEU D 137 1.56 7.02 -1.64
CA LEU D 137 2.33 7.63 -0.55
C LEU D 137 3.72 8.07 -1.02
N CYS D 138 4.39 7.24 -1.83
CA CYS D 138 5.66 7.67 -2.38
C CYS D 138 5.49 8.90 -3.25
N ARG D 139 4.43 8.92 -4.06
CA ARG D 139 4.15 10.08 -4.91
C ARG D 139 4.01 11.33 -4.05
N LEU D 140 3.24 11.24 -2.95
CA LEU D 140 3.10 12.40 -2.06
C LEU D 140 4.45 12.90 -1.59
N THR D 141 5.30 11.99 -1.10
CA THR D 141 6.59 12.38 -0.55
C THR D 141 7.48 13.01 -1.63
N ILE D 142 7.43 12.47 -2.85
CA ILE D 142 8.22 13.03 -3.93
C ILE D 142 7.75 14.43 -4.26
N ASN D 143 6.42 14.62 -4.31
CA ASN D 143 5.84 15.93 -4.58
C ASN D 143 6.24 16.96 -3.52
N LYS D 144 6.41 16.53 -2.27
CA LYS D 144 6.88 17.47 -1.26
C LYS D 144 8.33 17.86 -1.48
N CYS D 145 9.08 17.06 -2.23
CA CYS D 145 10.48 17.37 -2.50
C CYS D 145 10.67 18.16 -3.78
N THR D 146 9.84 17.93 -4.80
CA THR D 146 10.05 18.60 -6.07
C THR D 146 8.80 18.57 -6.93
N GLY D 147 8.69 19.56 -7.81
CA GLY D 147 7.73 19.52 -8.89
C GLY D 147 8.33 19.14 -10.22
N ALA D 148 9.64 18.86 -10.24
CA ALA D 148 10.38 18.65 -11.48
C ALA D 148 10.48 17.15 -11.80
N ILE D 149 9.31 16.55 -11.99
CA ILE D 149 9.23 15.09 -12.05
C ILE D 149 9.87 14.56 -13.33
N TRP D 150 9.93 15.37 -14.39
CA TRP D 150 10.52 14.87 -15.63
C TRP D 150 12.03 14.91 -15.63
N GLY D 151 12.65 15.57 -14.64
CA GLY D 151 14.07 15.40 -14.40
C GLY D 151 14.42 14.33 -13.37
N LEU D 152 13.47 13.52 -12.94
CA LEU D 152 13.77 12.49 -11.95
C LEU D 152 14.38 11.25 -12.61
N PRO D 153 15.26 10.51 -11.91
CA PRO D 153 15.81 9.26 -12.50
C PRO D 153 14.80 8.11 -12.38
N LEU D 154 13.73 8.22 -13.17
CA LEU D 154 12.64 7.27 -13.16
C LEU D 154 12.27 6.88 -14.58
N PRO D 155 11.69 5.69 -14.78
CA PRO D 155 11.12 5.34 -16.08
C PRO D 155 9.97 6.29 -16.42
N THR D 156 9.69 6.41 -17.72
CA THR D 156 8.64 7.33 -18.17
C THR D 156 7.29 6.95 -17.59
N ARG D 157 6.99 5.65 -17.51
CA ARG D 157 5.70 5.20 -16.98
C ARG D 157 5.48 5.68 -15.56
N LEU D 158 6.55 5.79 -14.77
CA LEU D 158 6.47 6.31 -13.42
C LEU D 158 6.37 7.82 -13.40
N LYS D 159 7.01 8.49 -14.37
CA LYS D 159 6.88 9.93 -14.48
C LYS D 159 5.45 10.31 -14.85
N ASP D 160 4.80 9.52 -15.71
CA ASP D 160 3.40 9.78 -16.00
C ASP D 160 2.52 9.51 -14.79
N TYR D 161 2.84 8.49 -13.98
CA TYR D 161 2.10 8.27 -12.75
C TYR D 161 2.19 9.48 -11.82
N LEU D 162 3.40 10.01 -11.65
CA LEU D 162 3.56 11.22 -10.84
C LEU D 162 2.76 12.37 -11.43
N GLU D 163 2.76 12.50 -12.77
CA GLU D 163 2.07 13.58 -13.46
C GLU D 163 0.58 13.61 -13.15
N GLU D 164 -0.03 12.47 -12.83
CA GLU D 164 -1.47 12.42 -12.60
C GLU D 164 -1.90 13.02 -11.26
N TYR D 165 -0.95 13.35 -10.39
CA TYR D 165 -1.29 13.82 -9.04
C TYR D 165 -0.03 14.50 -8.50
N LYS D 166 0.07 15.82 -8.75
CA LYS D 166 1.23 16.61 -8.37
C LYS D 166 1.08 17.29 -7.03
N PHE D 167 0.05 16.95 -6.25
CA PHE D 167 -0.23 17.68 -5.01
C PHE D 167 0.56 17.10 -3.84
N GLN D 168 0.85 17.97 -2.87
CA GLN D 168 1.64 17.60 -1.70
C GLN D 168 0.78 17.06 -0.59
N VAL D 169 -0.53 16.93 -0.81
CA VAL D 169 -1.40 16.37 0.19
C VAL D 169 -2.36 15.42 -0.54
N MET E 1 -2.75 -3.08 24.26
CA MET E 1 -2.99 -3.34 22.85
C MET E 1 -1.94 -4.18 22.16
N ASP E 2 -1.97 -4.09 20.84
CA ASP E 2 -1.00 -4.73 19.98
C ASP E 2 0.26 -3.89 19.92
N VAL E 3 1.41 -4.55 20.00
CA VAL E 3 2.70 -3.91 19.72
C VAL E 3 3.26 -4.55 18.46
N PHE E 4 3.91 -3.76 17.64
CA PHE E 4 4.37 -4.21 16.34
C PHE E 4 5.90 -4.19 16.36
N LEU E 5 6.51 -5.29 15.94
CA LEU E 5 7.90 -5.57 16.22
C LEU E 5 8.65 -6.00 14.97
N MET E 6 9.96 -5.70 14.97
CA MET E 6 11.00 -6.34 14.17
C MET E 6 11.94 -7.12 15.07
N ILE E 7 11.91 -8.46 14.97
CA ILE E 7 12.88 -9.31 15.67
C ILE E 7 14.05 -9.56 14.73
N ARG E 8 15.23 -9.09 15.11
CA ARG E 8 16.35 -9.04 14.17
C ARG E 8 17.56 -9.78 14.72
N ARG E 9 18.19 -10.56 13.85
CA ARG E 9 19.43 -11.27 14.13
C ARG E 9 20.20 -11.39 12.82
N HIS E 10 21.49 -11.06 12.85
CA HIS E 10 22.33 -11.08 11.65
C HIS E 10 21.59 -10.35 10.53
N LYS E 11 21.27 -11.06 9.46
CA LYS E 11 20.51 -10.48 8.35
C LYS E 11 19.10 -11.05 8.26
N THR E 12 18.55 -11.47 9.39
CA THR E 12 17.17 -11.95 9.49
C THR E 12 16.32 -10.90 10.21
N THR E 13 15.15 -10.58 9.64
CA THR E 13 14.20 -9.67 10.29
C THR E 13 12.81 -10.27 10.26
N ILE E 14 12.25 -10.55 11.42
CA ILE E 14 10.87 -11.03 11.53
C ILE E 14 9.96 -9.85 11.84
N PHE E 15 8.96 -9.63 11.00
CA PHE E 15 7.88 -8.70 11.32
C PHE E 15 6.75 -9.48 11.96
N THR E 16 6.39 -9.15 13.19
CA THR E 16 5.25 -9.76 13.83
C THR E 16 4.71 -8.80 14.88
N ASP E 17 3.60 -9.18 15.49
CA ASP E 17 2.97 -8.37 16.51
C ASP E 17 2.51 -9.27 17.63
N ALA E 18 2.48 -8.72 18.84
CA ALA E 18 2.02 -9.46 20.00
C ALA E 18 1.24 -8.51 20.89
N LYS E 19 0.52 -9.07 21.84
CA LYS E 19 -0.18 -8.24 22.80
C LYS E 19 0.83 -7.63 23.76
N GLU E 20 0.54 -6.41 24.20
CA GLU E 20 1.42 -5.73 25.14
C GLU E 20 1.53 -6.51 26.45
N SER E 21 0.44 -7.16 26.87
CA SER E 21 0.48 -7.95 28.09
C SER E 21 1.13 -9.32 27.90
N SER E 22 1.54 -9.68 26.69
CA SER E 22 2.18 -10.97 26.50
C SER E 22 3.65 -10.92 26.92
N THR E 23 4.20 -12.08 27.24
CA THR E 23 5.53 -12.14 27.84
C THR E 23 6.63 -12.34 26.80
N VAL E 24 7.86 -12.07 27.25
CA VAL E 24 9.07 -12.33 26.47
C VAL E 24 9.15 -13.81 26.09
N PHE E 25 8.85 -14.71 27.03
CA PHE E 25 8.86 -16.14 26.72
C PHE E 25 7.91 -16.46 25.58
N GLU E 26 6.69 -15.91 25.63
CA GLU E 26 5.74 -16.12 24.54
C GLU E 26 6.26 -15.54 23.23
N LEU E 27 7.03 -14.46 23.27
CA LEU E 27 7.62 -13.97 22.04
C LEU E 27 8.67 -14.97 21.52
N LYS E 28 9.42 -15.58 22.44
CA LYS E 28 10.35 -16.62 22.02
C LYS E 28 9.63 -17.80 21.38
N ARG E 29 8.40 -18.09 21.84
CA ARG E 29 7.63 -19.19 21.23
C ARG E 29 7.24 -18.85 19.79
N ILE E 30 6.90 -17.59 19.53
CA ILE E 30 6.67 -17.15 18.16
C ILE E 30 7.92 -17.34 17.31
N VAL E 31 9.07 -16.91 17.85
CA VAL E 31 10.32 -17.09 17.11
C VAL E 31 10.60 -18.57 16.87
N GLU E 32 10.32 -19.42 17.87
CA GLU E 32 10.53 -20.86 17.69
C GLU E 32 9.71 -21.40 16.52
N GLY E 33 8.45 -21.00 16.41
CA GLY E 33 7.64 -21.49 15.31
C GLY E 33 8.17 -21.11 13.94
N ILE E 34 8.87 -19.97 13.86
CA ILE E 34 9.38 -19.47 12.60
C ILE E 34 10.78 -20.00 12.31
N LEU E 35 11.72 -19.82 13.24
CA LEU E 35 13.12 -20.15 13.00
C LEU E 35 13.56 -21.49 13.58
N LYS E 36 12.68 -22.22 14.28
CA LYS E 36 12.92 -23.61 14.70
C LYS E 36 14.09 -23.75 15.68
N ARG E 37 14.17 -22.83 16.64
CA ARG E 37 15.12 -22.89 17.74
C ARG E 37 14.30 -22.68 19.01
N PRO E 38 14.51 -23.49 20.04
CA PRO E 38 13.66 -23.43 21.24
C PRO E 38 13.93 -22.14 22.02
N PRO E 39 13.00 -21.75 22.90
CA PRO E 39 13.23 -20.54 23.72
C PRO E 39 14.52 -20.56 24.53
N ASP E 40 14.88 -21.70 25.12
CA ASP E 40 16.13 -21.71 25.88
C ASP E 40 17.35 -21.53 24.99
N GLU E 41 17.22 -21.55 23.67
CA GLU E 41 18.35 -21.24 22.79
C GLU E 41 18.25 -19.82 22.21
N GLN E 42 17.40 -18.97 22.80
CA GLN E 42 17.21 -17.58 22.41
C GLN E 42 17.46 -16.63 23.57
N ARG E 43 18.12 -15.52 23.26
CA ARG E 43 18.11 -14.33 24.09
C ARG E 43 17.48 -13.21 23.28
N LEU E 44 16.56 -12.48 23.89
CA LEU E 44 15.96 -11.29 23.28
C LEU E 44 16.47 -10.05 24.01
N TYR E 45 16.59 -8.96 23.27
CA TYR E 45 17.15 -7.70 23.77
C TYR E 45 16.31 -6.53 23.31
N LYS E 46 16.20 -5.52 24.16
CA LYS E 46 15.80 -4.19 23.76
C LYS E 46 17.02 -3.30 23.88
N ASP E 47 17.51 -2.80 22.74
CA ASP E 47 18.84 -2.17 22.67
C ASP E 47 19.84 -3.19 23.23
N ASP E 48 20.64 -2.85 24.23
CA ASP E 48 21.59 -3.79 24.82
C ASP E 48 21.05 -4.47 26.07
N GLN E 49 19.76 -4.32 26.37
CA GLN E 49 19.18 -4.84 27.60
C GLN E 49 18.60 -6.23 27.36
N LEU E 50 19.20 -7.24 27.99
CA LEU E 50 18.64 -8.59 27.98
C LEU E 50 17.27 -8.60 28.66
N LEU E 51 16.32 -9.33 28.05
CA LEU E 51 14.92 -9.30 28.44
C LEU E 51 14.58 -10.58 29.20
N ASP E 52 14.02 -10.44 30.41
CA ASP E 52 13.62 -11.61 31.21
C ASP E 52 12.38 -12.30 30.65
N ASP E 53 12.44 -13.64 30.60
CA ASP E 53 11.34 -14.44 30.04
C ASP E 53 10.00 -14.10 30.68
N GLY E 54 9.99 -13.75 31.96
CA GLY E 54 8.75 -13.52 32.69
C GLY E 54 8.16 -12.14 32.56
N LYS E 55 8.88 -11.17 32.02
CA LYS E 55 8.35 -9.83 31.91
C LYS E 55 7.43 -9.73 30.70
N THR E 56 6.40 -8.89 30.79
CA THR E 56 5.62 -8.68 29.57
C THR E 56 6.37 -7.71 28.66
N LEU E 57 5.91 -7.62 27.41
CA LEU E 57 6.54 -6.67 26.50
C LEU E 57 6.29 -5.23 26.95
N GLY E 58 5.11 -4.97 27.52
CA GLY E 58 4.88 -3.67 28.14
C GLY E 58 5.90 -3.32 29.21
N GLU E 59 6.27 -4.29 30.05
CA GLU E 59 7.24 -4.01 31.10
C GLU E 59 8.66 -3.85 30.57
N CYS E 60 8.95 -4.32 29.36
CA CYS E 60 10.24 -4.08 28.72
C CYS E 60 10.28 -2.78 27.92
N GLY E 61 9.17 -2.05 27.84
CA GLY E 61 9.14 -0.77 27.13
C GLY E 61 8.51 -0.80 25.76
N PHE E 62 7.95 -1.94 25.34
CA PHE E 62 7.28 -2.04 24.06
C PHE E 62 5.80 -1.69 24.26
N THR E 63 5.44 -0.44 23.98
CA THR E 63 4.08 0.06 24.15
C THR E 63 3.48 0.38 22.80
N SER E 64 2.15 0.50 22.79
CA SER E 64 1.45 0.88 21.57
C SER E 64 1.84 2.27 21.08
N GLN E 65 2.48 3.08 21.93
CA GLN E 65 3.03 4.35 21.45
C GLN E 65 4.42 4.19 20.86
N THR E 66 5.16 3.16 21.25
CA THR E 66 6.54 2.99 20.85
C THR E 66 6.75 1.87 19.84
N ALA E 67 5.69 1.19 19.42
CA ALA E 67 5.84 -0.02 18.63
C ALA E 67 4.63 -0.08 17.69
N ARG E 68 4.62 0.80 16.70
CA ARG E 68 3.47 1.01 15.83
C ARG E 68 3.62 0.25 14.52
N PRO E 69 2.52 -0.03 13.83
CA PRO E 69 2.62 -0.80 12.57
C PRO E 69 3.55 -0.17 11.55
N GLN E 70 3.48 1.16 11.38
CA GLN E 70 4.30 1.91 10.44
C GLN E 70 5.68 2.20 10.97
N ALA E 71 5.96 1.89 12.24
CA ALA E 71 7.28 2.12 12.83
C ALA E 71 7.50 1.12 13.93
N PRO E 72 7.68 -0.16 13.57
CA PRO E 72 7.82 -1.21 14.61
C PRO E 72 9.05 -1.03 15.47
N ALA E 73 8.97 -1.53 16.70
CA ALA E 73 10.11 -1.50 17.60
C ALA E 73 11.01 -2.70 17.35
N THR E 74 12.32 -2.52 17.50
CA THR E 74 13.28 -3.59 17.22
C THR E 74 13.55 -4.41 18.47
N VAL E 75 13.45 -5.72 18.33
CA VAL E 75 13.86 -6.68 19.36
C VAL E 75 15.09 -7.40 18.84
N GLY E 76 16.18 -7.34 19.61
CA GLY E 76 17.38 -8.07 19.21
C GLY E 76 17.27 -9.54 19.60
N LEU E 77 17.79 -10.41 18.74
CA LEU E 77 17.73 -11.86 18.94
C LEU E 77 19.11 -12.47 18.77
N ALA E 78 19.54 -13.26 19.77
CA ALA E 78 20.77 -14.05 19.70
C ALA E 78 20.48 -15.52 19.98
N PHE E 79 21.16 -16.40 19.25
CA PHE E 79 20.95 -17.85 19.32
C PHE E 79 22.09 -18.51 20.08
N ARG E 80 21.79 -19.70 20.64
CA ARG E 80 22.84 -20.57 21.15
C ARG E 80 23.90 -20.86 20.10
N ALA E 81 25.17 -20.86 20.54
CA ALA E 81 26.30 -21.37 19.75
C ALA E 81 27.12 -22.31 20.63
N ASP E 82 26.96 -23.60 20.42
CA ASP E 82 27.69 -24.62 21.18
C ASP E 82 27.26 -24.55 22.65
N ASP E 83 28.13 -24.20 23.60
CA ASP E 83 27.74 -24.21 25.00
C ASP E 83 27.50 -22.81 25.55
N THR E 84 27.44 -21.81 24.67
CA THR E 84 27.20 -20.43 25.05
C THR E 84 26.35 -19.77 23.99
N PHE E 85 25.85 -18.57 24.32
CA PHE E 85 25.13 -17.76 23.36
C PHE E 85 26.11 -16.96 22.53
N GLU E 86 25.83 -16.84 21.23
CA GLU E 86 26.54 -15.86 20.43
C GLU E 86 26.28 -14.45 20.95
N ALA E 87 27.23 -13.55 20.70
CA ALA E 87 27.00 -12.15 21.01
C ALA E 87 25.98 -11.58 20.05
N LEU E 88 25.16 -10.67 20.54
CA LEU E 88 24.13 -10.08 19.69
C LEU E 88 24.77 -9.33 18.54
N CYS E 89 24.33 -9.64 17.33
CA CYS E 89 24.84 -8.97 16.13
C CYS E 89 23.68 -8.78 15.16
N ILE E 90 23.38 -7.53 14.84
CA ILE E 90 22.32 -7.18 13.91
C ILE E 90 22.97 -6.49 12.73
N GLU E 91 22.80 -7.05 11.57
CA GLU E 91 23.52 -6.33 10.53
C GLU E 91 22.64 -5.22 9.95
N PRO E 92 23.24 -4.04 9.77
CA PRO E 92 22.48 -2.88 9.29
C PRO E 92 21.89 -3.12 7.92
N PHE E 93 20.75 -2.49 7.67
CA PHE E 93 20.23 -2.47 6.32
C PHE E 93 21.17 -1.68 5.40
N SER E 94 20.94 -1.80 4.09
CA SER E 94 21.72 -1.04 3.13
C SER E 94 21.51 0.46 3.31
N SER E 95 22.35 1.25 2.64
CA SER E 95 22.32 2.70 2.74
C SER E 95 21.69 3.31 1.50
N PRO E 96 20.79 4.29 1.66
CA PRO E 96 20.24 4.96 0.48
C PRO E 96 21.31 5.79 -0.21
N PRO E 97 21.21 5.95 -1.53
CA PRO E 97 22.18 6.80 -2.22
C PRO E 97 21.95 8.26 -1.87
N GLU E 98 22.85 9.09 -2.37
CA GLU E 98 22.72 10.54 -2.21
C GLU E 98 21.43 11.00 -2.87
N LEU E 99 20.84 12.04 -2.30
CA LEU E 99 19.63 12.59 -2.88
C LEU E 99 19.93 13.15 -4.27
N PRO E 100 19.14 12.83 -5.29
CA PRO E 100 19.26 13.57 -6.56
C PRO E 100 19.07 15.05 -6.33
N ASP E 101 19.89 15.84 -7.04
CA ASP E 101 19.86 17.29 -6.86
C ASP E 101 18.44 17.83 -7.04
N VAL E 102 17.66 17.24 -7.95
CA VAL E 102 16.31 17.71 -8.22
C VAL E 102 15.38 17.59 -7.01
N MET E 103 15.75 16.81 -5.99
CA MET E 103 14.95 16.72 -4.77
C MET E 103 15.62 17.35 -3.56
N LYS E 104 16.73 18.06 -3.75
CA LYS E 104 17.45 18.64 -2.63
C LYS E 104 16.94 20.04 -2.34
N MET F 2 2.01 -19.84 7.38
CA MET F 2 1.60 -18.56 7.94
C MET F 2 2.54 -17.40 7.63
N TYR F 3 3.82 -17.69 7.49
CA TYR F 3 4.82 -16.67 7.18
C TYR F 3 5.45 -16.93 5.81
N VAL F 4 5.97 -15.87 5.19
CA VAL F 4 6.74 -15.96 3.97
C VAL F 4 8.05 -15.21 4.15
N LYS F 5 9.07 -15.62 3.38
CA LYS F 5 10.39 -15.02 3.43
C LYS F 5 10.63 -14.20 2.16
N LEU F 6 10.92 -12.91 2.33
CA LEU F 6 11.20 -11.98 1.23
C LEU F 6 12.65 -11.54 1.37
N ILE F 7 13.43 -11.77 0.33
CA ILE F 7 14.87 -11.55 0.36
C ILE F 7 15.22 -10.35 -0.50
N SER F 8 15.95 -9.40 0.09
CA SER F 8 16.42 -8.23 -0.62
C SER F 8 17.59 -8.59 -1.54
N SER F 9 17.91 -7.66 -2.45
CA SER F 9 19.06 -7.81 -3.33
C SER F 9 20.37 -7.94 -2.56
N ASP F 10 20.48 -7.33 -1.38
CA ASP F 10 21.71 -7.43 -0.60
C ASP F 10 21.64 -8.54 0.44
N GLY F 11 20.66 -9.44 0.34
CA GLY F 11 20.69 -10.66 1.11
C GLY F 11 20.03 -10.60 2.47
N HIS F 12 19.27 -9.54 2.78
CA HIS F 12 18.47 -9.54 4.01
C HIS F 12 17.20 -10.36 3.81
N GLU F 13 16.87 -11.18 4.81
CA GLU F 13 15.66 -11.99 4.78
C GLU F 13 14.62 -11.34 5.69
N PHE F 14 13.47 -11.01 5.12
CA PHE F 14 12.34 -10.43 5.83
C PHE F 14 11.24 -11.47 5.90
N ILE F 15 10.87 -11.86 7.12
CA ILE F 15 9.87 -12.89 7.36
C ILE F 15 8.62 -12.17 7.85
N VAL F 16 7.54 -12.29 7.10
CA VAL F 16 6.33 -11.53 7.38
C VAL F 16 5.16 -12.49 7.25
N LYS F 17 4.04 -12.13 7.86
CA LYS F 17 2.85 -12.95 7.76
C LYS F 17 2.42 -13.02 6.31
N ARG F 18 2.08 -14.23 5.85
CA ARG F 18 1.63 -14.44 4.48
C ARG F 18 0.47 -13.51 4.13
N GLU F 19 -0.52 -13.44 5.02
CA GLU F 19 -1.64 -12.52 4.86
C GLU F 19 -1.17 -11.11 4.53
N HIS F 20 -0.17 -10.63 5.27
CA HIS F 20 0.29 -9.27 5.07
C HIS F 20 0.98 -9.11 3.72
N ALA F 21 1.83 -10.07 3.34
CA ALA F 21 2.53 -9.99 2.07
C ALA F 21 1.55 -9.96 0.90
N LEU F 22 0.36 -10.53 1.08
CA LEU F 22 -0.64 -10.51 0.01
C LEU F 22 -1.08 -9.09 -0.32
N THR F 23 -0.67 -8.10 0.48
CA THR F 23 -0.93 -6.72 0.15
C THR F 23 -0.40 -6.39 -1.23
N SER F 24 0.72 -7.00 -1.59
CA SER F 24 1.34 -6.79 -2.90
C SER F 24 0.64 -7.67 -3.92
N GLY F 25 0.08 -7.06 -4.96
CA GLY F 25 -0.54 -7.85 -6.01
C GLY F 25 0.45 -8.78 -6.68
N THR F 26 1.71 -8.36 -6.74
CA THR F 26 2.75 -9.19 -7.36
C THR F 26 3.05 -10.43 -6.51
N ILE F 27 3.24 -10.24 -5.20
CA ILE F 27 3.51 -11.38 -4.33
C ILE F 27 2.33 -12.32 -4.30
N LYS F 28 1.10 -11.78 -4.23
CA LYS F 28 -0.10 -12.61 -4.23
C LYS F 28 -0.17 -13.48 -5.47
N ALA F 29 0.13 -12.93 -6.64
CA ALA F 29 0.20 -13.74 -7.86
C ALA F 29 1.28 -14.80 -7.76
N MET F 30 2.43 -14.45 -7.17
CA MET F 30 3.51 -15.43 -7.01
C MET F 30 3.12 -16.54 -6.05
N LEU F 31 2.28 -16.26 -5.06
CA LEU F 31 1.90 -17.26 -4.06
C LEU F 31 0.56 -17.93 -4.36
N SER F 32 -0.13 -17.50 -5.41
CA SER F 32 -1.31 -18.21 -5.86
C SER F 32 -1.51 -17.93 -7.34
N THR F 42 5.34 -22.46 -2.26
CA THR F 42 6.18 -21.26 -2.30
C THR F 42 6.15 -20.45 -1.00
N ASN F 43 7.28 -20.46 -0.29
CA ASN F 43 7.43 -19.70 0.94
C ASN F 43 8.49 -18.61 0.85
N GLU F 44 9.17 -18.48 -0.29
CA GLU F 44 10.37 -17.65 -0.37
C GLU F 44 10.42 -16.93 -1.72
N VAL F 45 10.69 -15.63 -1.68
CA VAL F 45 10.74 -14.79 -2.89
C VAL F 45 12.00 -13.94 -2.84
N ASN F 46 12.76 -13.93 -3.94
CA ASN F 46 13.93 -13.07 -4.06
C ASN F 46 13.59 -11.84 -4.88
N PHE F 47 14.04 -10.68 -4.42
CA PHE F 47 13.94 -9.45 -5.19
C PHE F 47 15.35 -9.03 -5.58
N ARG F 48 15.71 -9.35 -6.81
CA ARG F 48 17.05 -9.04 -7.30
C ARG F 48 17.34 -7.54 -7.32
N GLU F 49 16.32 -6.70 -7.35
CA GLU F 49 16.54 -5.26 -7.52
C GLU F 49 15.94 -4.43 -6.37
N ILE F 50 15.64 -5.04 -5.24
CA ILE F 50 15.10 -4.26 -4.12
C ILE F 50 16.04 -4.42 -2.93
N PRO F 51 16.80 -3.39 -2.55
CA PRO F 51 17.71 -3.52 -1.41
C PRO F 51 16.95 -3.44 -0.09
N SER F 52 17.68 -3.76 0.98
CA SER F 52 17.05 -3.96 2.28
C SER F 52 16.47 -2.66 2.85
N HIS F 53 17.12 -1.52 2.59
CA HIS F 53 16.58 -0.27 3.10
C HIS F 53 15.25 0.09 2.44
N VAL F 54 14.94 -0.51 1.30
CA VAL F 54 13.62 -0.33 0.69
C VAL F 54 12.65 -1.43 1.13
N LEU F 55 13.13 -2.66 1.15
CA LEU F 55 12.23 -3.80 1.39
C LEU F 55 11.73 -3.81 2.82
N SER F 56 12.58 -3.46 3.80
CA SER F 56 12.11 -3.28 5.18
C SER F 56 10.94 -2.32 5.24
N LYS F 57 11.02 -1.22 4.50
CA LYS F 57 9.98 -0.21 4.52
C LYS F 57 8.71 -0.73 3.86
N VAL F 58 8.86 -1.53 2.81
CA VAL F 58 7.73 -2.19 2.16
C VAL F 58 7.00 -3.10 3.16
N CYS F 59 7.75 -3.87 3.96
CA CYS F 59 7.11 -4.77 4.92
C CYS F 59 6.36 -3.98 5.96
N MET F 60 6.93 -2.84 6.32
CA MET F 60 6.33 -1.94 7.28
C MET F 60 5.00 -1.41 6.73
N TYR F 61 4.99 -1.14 5.42
CA TYR F 61 3.75 -0.75 4.73
C TYR F 61 2.72 -1.86 4.78
N PHE F 62 3.14 -3.11 4.59
CA PHE F 62 2.21 -4.24 4.67
C PHE F 62 1.48 -4.26 6.02
N THR F 63 2.24 -4.22 7.11
CA THR F 63 1.63 -4.19 8.44
C THR F 63 0.65 -3.03 8.54
N TYR F 64 1.08 -1.87 8.06
CA TYR F 64 0.29 -0.66 8.13
C TYR F 64 -0.99 -0.80 7.32
N LYS F 65 -0.87 -1.31 6.08
CA LYS F 65 -2.04 -1.41 5.21
C LYS F 65 -3.06 -2.38 5.76
N VAL F 66 -2.60 -3.49 6.35
CA VAL F 66 -3.53 -4.47 6.91
C VAL F 66 -4.24 -3.87 8.13
N ARG F 67 -3.48 -3.19 8.99
N ARG F 67 -3.48 -3.21 9.01
CA ARG F 67 -4.07 -2.69 10.22
CA ARG F 67 -4.08 -2.69 10.22
C ARG F 67 -5.04 -1.53 9.97
C ARG F 67 -5.09 -1.58 9.92
N TYR F 68 -4.81 -0.74 8.93
CA TYR F 68 -5.60 0.47 8.69
C TYR F 68 -6.47 0.43 7.43
N THR F 69 -6.92 -0.75 7.00
CA THR F 69 -7.81 -0.80 5.83
C THR F 69 -9.27 -0.68 6.26
N ASN F 70 -9.84 -1.74 6.82
CA ASN F 70 -11.24 -1.69 7.26
C ASN F 70 -11.30 -1.51 8.77
N SER F 71 -10.81 -0.35 9.21
CA SER F 71 -10.71 -0.05 10.64
C SER F 71 -11.38 1.28 10.95
N SER F 72 -11.61 1.50 12.24
CA SER F 72 -12.20 2.73 12.73
C SER F 72 -11.19 3.67 13.37
N THR F 73 -9.97 3.20 13.59
CA THR F 73 -8.90 4.01 14.16
C THR F 73 -8.48 5.09 13.16
N GLU F 74 -8.29 6.31 13.66
CA GLU F 74 -7.68 7.36 12.85
C GLU F 74 -6.37 6.86 12.25
N ILE F 75 -6.21 7.06 10.95
CA ILE F 75 -5.08 6.48 10.24
C ILE F 75 -3.86 7.37 10.45
N PRO F 76 -2.80 6.84 11.05
CA PRO F 76 -1.58 7.63 11.25
C PRO F 76 -0.82 7.81 9.94
N GLU F 77 0.12 8.74 10.00
CA GLU F 77 0.96 9.04 8.85
C GLU F 77 1.98 7.93 8.63
N PHE F 78 2.22 7.59 7.36
CA PHE F 78 3.22 6.57 7.07
C PHE F 78 4.53 7.25 6.70
N PRO F 79 5.57 7.17 7.53
CA PRO F 79 6.79 7.97 7.27
C PRO F 79 7.60 7.42 6.12
N ILE F 80 8.04 8.31 5.23
CA ILE F 80 8.89 7.98 4.08
C ILE F 80 9.98 9.04 3.97
N ALA F 81 11.22 8.67 4.24
CA ALA F 81 12.31 9.62 4.08
C ALA F 81 12.52 9.94 2.61
N PRO F 82 12.80 11.21 2.26
CA PRO F 82 13.07 11.55 0.85
C PRO F 82 14.10 10.66 0.20
N GLU F 83 15.08 10.20 0.99
CA GLU F 83 16.22 9.47 0.47
C GLU F 83 15.86 8.09 -0.06
N ILE F 84 14.72 7.54 0.35
CA ILE F 84 14.30 6.23 -0.14
C ILE F 84 13.12 6.32 -1.06
N ALA F 85 12.56 7.52 -1.26
CA ALA F 85 11.24 7.64 -1.88
C ALA F 85 11.24 7.16 -3.33
N LEU F 86 12.28 7.50 -4.10
CA LEU F 86 12.32 7.07 -5.49
C LEU F 86 12.40 5.55 -5.61
N GLU F 87 13.32 4.93 -4.86
CA GLU F 87 13.41 3.47 -4.89
C GLU F 87 12.14 2.83 -4.34
N LEU F 88 11.54 3.44 -3.32
CA LEU F 88 10.32 2.88 -2.76
C LEU F 88 9.18 2.95 -3.76
N LEU F 89 9.09 4.08 -4.50
CA LEU F 89 8.10 4.17 -5.57
C LEU F 89 8.33 3.08 -6.61
N MET F 90 9.59 2.87 -7.01
N MET F 90 9.58 2.88 -7.03
CA MET F 90 9.91 1.83 -7.98
CA MET F 90 9.90 1.83 -7.98
C MET F 90 9.54 0.45 -7.45
C MET F 90 9.49 0.47 -7.43
N ALA F 91 9.84 0.19 -6.17
CA ALA F 91 9.50 -1.10 -5.58
C ALA F 91 7.99 -1.24 -5.44
N ALA F 92 7.30 -0.18 -5.00
CA ALA F 92 5.85 -0.24 -4.83
C ALA F 92 5.15 -0.49 -6.15
N ASN F 93 5.66 0.12 -7.22
CA ASN F 93 5.05 -0.12 -8.53
C ASN F 93 5.34 -1.54 -9.00
N PHE F 94 6.57 -2.02 -8.82
CA PHE F 94 6.87 -3.40 -9.19
C PHE F 94 6.01 -4.38 -8.40
N LEU F 95 5.73 -4.07 -7.14
CA LEU F 95 4.97 -4.97 -6.27
C LEU F 95 3.46 -4.76 -6.33
N ASP F 96 2.98 -3.76 -7.07
CA ASP F 96 1.55 -3.45 -7.15
C ASP F 96 0.93 -3.32 -5.76
N CYS F 97 1.48 -2.40 -4.98
CA CYS F 97 0.89 -2.09 -3.68
C CYS F 97 1.00 -0.61 -3.33
N SER G 1 11.82 -55.14 1.08
CA SER G 1 11.54 -55.93 -0.13
C SER G 1 11.21 -55.04 -1.31
N MET G 2 11.71 -55.46 -2.47
CA MET G 2 11.34 -54.84 -3.72
C MET G 2 9.96 -55.26 -4.18
N GLN G 3 9.38 -56.29 -3.57
CA GLN G 3 8.06 -56.81 -3.95
C GLN G 3 7.97 -57.06 -5.45
N ALA G 4 8.80 -58.00 -5.91
CA ALA G 4 8.86 -58.27 -7.34
C ALA G 4 7.52 -58.75 -7.88
N ALA G 5 6.71 -59.45 -7.06
CA ALA G 5 5.40 -59.88 -7.56
C ALA G 5 4.52 -58.68 -7.90
N ARG G 6 4.53 -57.65 -7.06
CA ARG G 6 3.81 -56.42 -7.39
C ARG G 6 4.40 -55.73 -8.60
N LEU G 7 5.73 -55.63 -8.66
CA LEU G 7 6.37 -55.01 -9.82
C LEU G 7 6.01 -55.72 -11.12
N ALA G 8 5.99 -57.05 -11.11
CA ALA G 8 5.65 -57.79 -12.33
C ALA G 8 4.24 -57.44 -12.77
N LYS G 9 3.30 -57.33 -11.82
CA LYS G 9 1.94 -56.97 -12.18
C LYS G 9 1.91 -55.55 -12.74
N ALA G 10 2.71 -54.64 -12.16
CA ALA G 10 2.70 -53.25 -12.61
C ALA G 10 3.29 -53.11 -14.00
N LEU G 11 4.33 -53.88 -14.31
CA LEU G 11 4.95 -53.82 -15.63
C LEU G 11 4.11 -54.51 -16.69
N ARG G 12 3.24 -55.45 -16.28
CA ARG G 12 2.29 -56.03 -17.22
C ARG G 12 1.25 -55.02 -17.64
N GLU G 13 0.69 -54.28 -16.66
CA GLU G 13 -0.20 -53.18 -16.98
C GLU G 13 0.47 -52.19 -17.92
N LEU G 14 1.71 -51.82 -17.59
CA LEU G 14 2.45 -50.87 -18.42
C LEU G 14 2.54 -51.38 -19.87
N GLY G 15 2.84 -52.66 -20.05
CA GLY G 15 2.82 -53.27 -21.36
C GLY G 15 1.49 -53.20 -22.06
N GLN G 16 0.38 -53.09 -21.31
CA GLN G 16 -0.92 -53.01 -21.93
C GLN G 16 -1.29 -51.60 -22.39
N THR G 17 -0.58 -50.56 -21.91
CA THR G 17 -0.99 -49.17 -22.19
C THR G 17 -1.07 -48.91 -23.69
N GLY G 18 -0.13 -49.44 -24.47
CA GLY G 18 0.10 -48.99 -25.82
C GLY G 18 0.91 -47.71 -25.92
N TRP G 19 1.24 -47.06 -24.80
CA TRP G 19 2.05 -45.85 -24.81
C TRP G 19 3.33 -45.98 -23.99
N TYR G 20 3.82 -47.20 -23.83
CA TYR G 20 5.13 -47.45 -23.24
C TYR G 20 6.09 -47.72 -24.37
N TRP G 21 7.17 -46.93 -24.46
CA TRP G 21 8.10 -47.00 -25.57
C TRP G 21 9.43 -47.69 -25.23
N GLY G 22 9.55 -48.32 -24.05
CA GLY G 22 10.70 -49.20 -23.84
C GLY G 22 12.01 -48.42 -23.79
N SER G 23 13.02 -48.92 -24.52
CA SER G 23 14.38 -48.37 -24.43
C SER G 23 14.57 -47.05 -25.18
N MET G 24 13.49 -46.37 -25.54
CA MET G 24 13.57 -45.01 -26.08
C MET G 24 14.43 -44.07 -25.25
N THR G 25 15.31 -43.32 -25.93
CA THR G 25 16.17 -42.31 -25.34
C THR G 25 15.46 -40.96 -25.19
N VAL G 26 16.08 -40.08 -24.40
CA VAL G 26 15.52 -38.75 -24.18
C VAL G 26 15.48 -37.96 -25.48
N ASN G 27 16.48 -38.15 -26.35
CA ASN G 27 16.50 -37.44 -27.62
C ASN G 27 15.40 -37.96 -28.54
N GLU G 28 15.19 -39.28 -28.52
CA GLU G 28 14.13 -39.87 -29.33
C GLU G 28 12.76 -39.42 -28.84
N ALA G 29 12.57 -39.37 -27.52
CA ALA G 29 11.30 -38.84 -27.00
C ALA G 29 11.12 -37.37 -27.38
N LYS G 30 12.20 -36.58 -27.34
CA LYS G 30 12.08 -35.18 -27.73
C LYS G 30 11.60 -35.05 -29.17
N GLU G 31 12.20 -35.83 -30.08
CA GLU G 31 11.82 -35.75 -31.48
C GLU G 31 10.38 -36.21 -31.69
N LYS G 32 9.95 -37.24 -30.97
CA LYS G 32 8.57 -37.71 -31.08
C LYS G 32 7.57 -36.68 -30.56
N LEU G 33 7.95 -35.89 -29.56
CA LEU G 33 7.01 -35.00 -28.90
C LEU G 33 7.12 -33.55 -29.35
N LYS G 34 8.12 -33.21 -30.16
CA LYS G 34 8.45 -31.81 -30.42
C LYS G 34 7.26 -31.03 -30.95
N GLU G 35 6.40 -31.67 -31.75
CA GLU G 35 5.31 -30.93 -32.37
C GLU G 35 3.94 -31.43 -31.92
N ALA G 36 3.89 -32.17 -30.81
CA ALA G 36 2.65 -32.66 -30.25
C ALA G 36 1.91 -31.56 -29.48
N PRO G 37 0.60 -31.71 -29.29
CA PRO G 37 -0.12 -30.75 -28.43
C PRO G 37 0.43 -30.75 -27.01
N GLU G 38 0.24 -29.62 -26.33
CA GLU G 38 0.63 -29.50 -24.93
C GLU G 38 0.00 -30.59 -24.10
N GLY G 39 0.82 -31.25 -23.28
CA GLY G 39 0.37 -32.29 -22.39
C GLY G 39 0.45 -33.69 -22.96
N THR G 40 0.72 -33.84 -24.26
CA THR G 40 0.94 -35.16 -24.85
C THR G 40 2.14 -35.84 -24.17
N PHE G 41 1.94 -37.09 -23.76
CA PHE G 41 2.95 -37.74 -22.93
C PHE G 41 3.16 -39.19 -23.37
N LEU G 42 4.28 -39.76 -22.91
CA LEU G 42 4.59 -41.18 -23.07
C LEU G 42 5.44 -41.60 -21.87
N ILE G 43 5.57 -42.91 -21.67
CA ILE G 43 6.50 -43.44 -20.67
C ILE G 43 7.55 -44.28 -21.39
N ARG G 44 8.77 -44.24 -20.88
CA ARG G 44 9.86 -45.02 -21.44
C ARG G 44 10.79 -45.40 -20.30
N ASP G 45 11.79 -46.22 -20.62
CA ASP G 45 12.80 -46.57 -19.64
C ASP G 45 13.65 -45.34 -19.36
N SER G 46 14.16 -45.23 -18.14
CA SER G 46 15.08 -44.15 -17.80
C SER G 46 16.53 -44.58 -18.02
N SER G 47 17.34 -43.64 -18.51
CA SER G 47 18.77 -43.90 -18.60
C SER G 47 19.45 -44.02 -17.23
N HIS G 48 18.81 -43.58 -16.16
CA HIS G 48 19.45 -43.55 -14.85
C HIS G 48 19.13 -44.84 -14.08
N SER G 49 20.18 -45.47 -13.52
CA SER G 49 19.98 -46.72 -12.78
C SER G 49 19.19 -46.55 -11.48
N ASP G 50 19.09 -45.34 -10.94
CA ASP G 50 18.32 -45.14 -9.73
C ASP G 50 16.83 -44.99 -9.98
N TYR G 51 16.41 -45.06 -11.24
CA TYR G 51 15.03 -44.85 -11.61
C TYR G 51 14.62 -45.92 -12.60
N LEU G 52 13.35 -46.34 -12.52
CA LEU G 52 12.82 -47.37 -13.39
C LEU G 52 12.29 -46.81 -14.70
N LEU G 53 11.59 -45.68 -14.66
CA LEU G 53 10.83 -45.18 -15.79
C LEU G 53 10.92 -43.67 -15.85
N THR G 54 10.70 -43.14 -17.05
CA THR G 54 10.65 -41.70 -17.26
C THR G 54 9.40 -41.29 -18.02
N ILE G 55 8.73 -40.27 -17.52
CA ILE G 55 7.65 -39.60 -18.26
C ILE G 55 8.26 -38.54 -19.16
N SER G 56 7.96 -38.63 -20.45
CA SER G 56 8.26 -37.58 -21.42
C SER G 56 6.97 -36.87 -21.82
N VAL G 57 6.95 -35.55 -21.70
CA VAL G 57 5.71 -34.79 -21.92
C VAL G 57 6.04 -33.47 -22.60
N LYS G 58 5.20 -33.10 -23.57
CA LYS G 58 5.28 -31.79 -24.20
C LYS G 58 4.80 -30.71 -23.25
N THR G 59 5.68 -29.77 -22.91
CA THR G 59 5.30 -28.52 -22.29
C THR G 59 5.26 -27.43 -23.34
N SER G 60 4.80 -26.25 -22.94
CA SER G 60 4.72 -25.16 -23.90
C SER G 60 6.09 -24.73 -24.40
N ALA G 61 7.15 -24.97 -23.61
CA ALA G 61 8.50 -24.63 -24.03
C ALA G 61 9.26 -25.83 -24.59
N GLY G 62 8.56 -26.91 -24.90
CA GLY G 62 9.19 -28.07 -25.50
C GLY G 62 9.02 -29.31 -24.64
N PRO G 63 9.45 -30.46 -25.18
CA PRO G 63 9.41 -31.69 -24.41
C PRO G 63 10.26 -31.59 -23.13
N THR G 64 9.71 -32.13 -22.04
CA THR G 64 10.45 -32.29 -20.80
C THR G 64 10.26 -33.71 -20.29
N ASN G 65 11.02 -34.05 -19.25
CA ASN G 65 11.12 -35.41 -18.76
C ASN G 65 11.10 -35.40 -17.25
N LEU G 66 10.41 -36.38 -16.68
CA LEU G 66 10.24 -36.55 -15.24
C LEU G 66 10.35 -38.03 -14.88
N ARG G 67 11.32 -38.36 -14.03
CA ARG G 67 11.60 -39.76 -13.70
C ARG G 67 10.62 -40.28 -12.64
N ILE G 68 10.43 -41.59 -12.64
CA ILE G 68 9.58 -42.28 -11.68
C ILE G 68 10.45 -43.24 -10.88
N GLU G 69 10.34 -43.18 -9.55
CA GLU G 69 11.08 -44.10 -8.69
C GLU G 69 10.20 -45.27 -8.31
N TYR G 70 10.82 -46.43 -8.13
CA TYR G 70 10.13 -47.60 -7.58
C TYR G 70 10.94 -48.09 -6.39
N GLN G 71 10.35 -48.03 -5.20
CA GLN G 71 11.05 -48.34 -3.97
C GLN G 71 10.04 -48.86 -2.96
N ASP G 72 10.34 -50.01 -2.34
CA ASP G 72 9.50 -50.62 -1.31
C ASP G 72 8.13 -50.98 -1.86
N GLY G 73 8.11 -51.41 -3.12
CA GLY G 73 6.86 -51.74 -3.75
C GLY G 73 5.98 -50.56 -4.09
N LYS G 74 6.51 -49.33 -4.11
CA LYS G 74 5.71 -48.17 -4.44
C LYS G 74 6.36 -47.35 -5.55
N PHE G 75 5.52 -46.86 -6.46
CA PHE G 75 5.93 -45.91 -7.46
C PHE G 75 5.61 -44.51 -7.00
N ARG G 76 6.53 -43.58 -7.25
CA ARG G 76 6.27 -42.17 -7.02
C ARG G 76 7.16 -41.35 -7.93
N LEU G 77 6.79 -40.09 -8.08
CA LEU G 77 7.58 -39.18 -8.87
C LEU G 77 8.92 -38.90 -8.19
N ASP G 78 9.91 -38.55 -9.02
CA ASP G 78 11.28 -38.30 -8.61
C ASP G 78 11.34 -37.48 -7.32
N SER G 79 11.82 -38.09 -6.24
CA SER G 79 11.88 -37.43 -4.95
C SER G 79 13.03 -36.47 -4.82
N ILE G 80 13.96 -36.45 -5.77
CA ILE G 80 15.04 -35.48 -5.67
C ILE G 80 14.54 -34.09 -6.02
N ILE G 81 13.58 -33.99 -6.94
CA ILE G 81 13.15 -32.69 -7.44
C ILE G 81 11.79 -32.32 -6.83
N CYS G 82 10.93 -33.31 -6.60
CA CYS G 82 9.65 -33.09 -5.94
C CYS G 82 9.80 -33.24 -4.43
N VAL G 83 9.04 -32.44 -3.67
CA VAL G 83 9.08 -32.56 -2.22
C VAL G 83 8.33 -33.81 -1.79
N LYS G 84 9.01 -34.68 -1.04
CA LYS G 84 8.53 -36.06 -0.87
C LYS G 84 7.26 -36.14 -0.03
N SER G 85 7.11 -35.27 0.97
CA SER G 85 5.93 -35.32 1.83
C SER G 85 4.65 -35.17 1.01
N LYS G 86 4.73 -34.53 -0.15
CA LYS G 86 3.57 -34.33 -1.02
C LYS G 86 3.64 -35.21 -2.27
N LEU G 87 4.31 -36.35 -2.19
CA LEU G 87 4.33 -37.34 -3.28
C LEU G 87 3.45 -38.51 -2.88
N LYS G 88 2.35 -38.69 -3.61
CA LYS G 88 1.58 -39.91 -3.45
C LYS G 88 2.42 -41.09 -3.93
N GLN G 89 2.24 -42.22 -3.26
CA GLN G 89 2.86 -43.47 -3.66
C GLN G 89 1.79 -44.38 -4.26
N PHE G 90 2.17 -45.15 -5.27
CA PHE G 90 1.24 -46.00 -5.98
C PHE G 90 1.77 -47.42 -6.08
N ASP G 91 0.86 -48.40 -6.03
CA ASP G 91 1.25 -49.77 -6.32
C ASP G 91 1.44 -49.98 -7.82
N SER G 92 0.87 -49.09 -8.63
CA SER G 92 0.76 -49.28 -10.06
C SER G 92 1.26 -48.01 -10.74
N VAL G 93 2.15 -48.16 -11.72
CA VAL G 93 2.64 -46.98 -12.40
C VAL G 93 1.61 -46.44 -13.40
N VAL G 94 0.80 -47.30 -14.01
CA VAL G 94 -0.27 -46.75 -14.85
C VAL G 94 -1.28 -46.01 -13.98
N HIS G 95 -1.58 -46.54 -12.79
CA HIS G 95 -2.43 -45.80 -11.84
C HIS G 95 -1.86 -44.41 -11.56
N LEU G 96 -0.55 -44.35 -11.28
CA LEU G 96 0.11 -43.05 -11.07
C LEU G 96 -0.17 -42.10 -12.21
N ILE G 97 0.00 -42.55 -13.46
CA ILE G 97 -0.24 -41.66 -14.59
C ILE G 97 -1.69 -41.28 -14.66
N ASP G 98 -2.58 -42.27 -14.51
CA ASP G 98 -4.01 -42.02 -14.61
C ASP G 98 -4.44 -40.99 -13.58
N TYR G 99 -3.88 -41.08 -12.37
CA TYR G 99 -4.21 -40.15 -11.30
C TYR G 99 -3.87 -38.72 -11.71
N TYR G 100 -2.65 -38.49 -12.22
CA TYR G 100 -2.22 -37.13 -12.51
C TYR G 100 -2.91 -36.57 -13.76
N VAL G 101 -3.25 -37.45 -14.71
CA VAL G 101 -4.08 -37.03 -15.85
C VAL G 101 -5.42 -36.52 -15.34
N GLN G 102 -6.06 -37.28 -14.43
CA GLN G 102 -7.37 -36.87 -13.94
C GLN G 102 -7.29 -35.58 -13.13
N MET G 103 -6.26 -35.44 -12.29
CA MET G 103 -6.08 -34.18 -11.55
C MET G 103 -5.89 -33.00 -12.50
N CYS G 104 -5.22 -33.22 -13.64
CA CYS G 104 -5.00 -32.14 -14.59
C CYS G 104 -6.29 -31.69 -15.25
N LYS G 105 -7.23 -32.62 -15.46
CA LYS G 105 -8.54 -32.26 -15.98
C LYS G 105 -9.28 -31.31 -15.03
N ASP G 106 -9.02 -31.43 -13.74
CA ASP G 106 -9.69 -30.58 -12.75
C ASP G 106 -9.13 -29.16 -12.74
N LYS G 107 -7.81 -29.04 -12.85
CA LYS G 107 -7.13 -27.75 -12.90
C LYS G 107 -7.36 -26.95 -11.63
N ASN G 116 11.49 -19.67 -10.77
CA ASN G 116 12.23 -19.85 -12.03
C ASN G 116 12.50 -21.32 -12.34
N GLY G 117 13.25 -22.00 -11.47
CA GLY G 117 13.54 -23.40 -11.67
C GLY G 117 12.34 -24.34 -11.63
N THR G 118 11.14 -23.84 -11.36
CA THR G 118 9.96 -24.70 -11.23
C THR G 118 9.45 -25.15 -12.59
N VAL G 119 9.02 -26.42 -12.66
CA VAL G 119 8.26 -26.95 -13.79
C VAL G 119 6.98 -27.58 -13.24
N HIS G 120 5.85 -27.32 -13.89
CA HIS G 120 4.56 -27.89 -13.49
C HIS G 120 4.22 -29.10 -14.35
N LEU G 121 3.63 -30.12 -13.71
CA LEU G 121 3.27 -31.36 -14.39
C LEU G 121 1.88 -31.23 -15.00
N TYR G 122 1.81 -31.28 -16.34
CA TYR G 122 0.55 -31.16 -17.07
C TYR G 122 0.49 -32.26 -18.11
N LEU G 123 -0.41 -33.21 -17.91
CA LEU G 123 -0.55 -34.40 -18.77
C LEU G 123 -1.95 -34.44 -19.30
N THR G 124 -2.10 -34.75 -20.60
CA THR G 124 -3.42 -34.87 -21.22
C THR G 124 -3.55 -36.23 -21.90
N LYS G 125 -3.01 -36.37 -23.11
CA LYS G 125 -3.22 -37.59 -23.85
C LYS G 125 -1.91 -38.31 -24.13
N PRO G 126 -1.91 -39.63 -24.09
CA PRO G 126 -0.70 -40.40 -24.38
C PRO G 126 -0.40 -40.47 -25.87
N LEU G 127 0.88 -40.62 -26.16
CA LEU G 127 1.35 -40.87 -27.52
C LEU G 127 1.51 -42.39 -27.72
N TYR G 128 0.68 -42.97 -28.58
CA TYR G 128 0.66 -44.42 -28.76
C TYR G 128 1.79 -44.89 -29.68
N THR G 129 2.43 -45.99 -29.29
CA THR G 129 3.41 -46.64 -30.16
C THR G 129 2.71 -47.28 -31.36
N SER G 130 1.60 -47.97 -31.12
CA SER G 130 0.85 -48.63 -32.17
C SER G 130 -0.62 -48.66 -31.76
N ALA G 131 -1.50 -48.76 -32.75
CA ALA G 131 -2.94 -48.83 -32.50
C ALA G 131 -3.24 -49.99 -31.56
N PRO G 132 -3.91 -49.75 -30.45
CA PRO G 132 -4.21 -50.84 -29.52
C PRO G 132 -5.22 -51.82 -30.10
N SER G 133 -5.33 -52.96 -29.44
CA SER G 133 -6.34 -53.94 -29.79
C SER G 133 -7.73 -53.36 -29.58
N LEU G 134 -8.70 -53.84 -30.36
CA LEU G 134 -10.08 -53.42 -30.16
C LEU G 134 -10.55 -53.81 -28.77
N GLN G 135 -10.11 -54.97 -28.27
CA GLN G 135 -10.43 -55.36 -26.90
C GLN G 135 -10.01 -54.28 -25.92
N HIS G 136 -8.78 -53.79 -26.05
CA HIS G 136 -8.29 -52.79 -25.09
C HIS G 136 -9.04 -51.47 -25.24
N LEU G 137 -9.38 -51.08 -26.47
CA LEU G 137 -10.14 -49.86 -26.69
C LEU G 137 -11.51 -49.92 -26.00
N CYS G 138 -12.22 -51.05 -26.14
CA CYS G 138 -13.46 -51.22 -25.40
C CYS G 138 -13.19 -51.13 -23.90
N ARG G 139 -12.12 -51.80 -23.43
CA ARG G 139 -11.75 -51.72 -22.02
C ARG G 139 -11.60 -50.28 -21.56
N LEU G 140 -10.87 -49.45 -22.33
CA LEU G 140 -10.77 -48.04 -21.97
C LEU G 140 -12.14 -47.39 -21.91
N THR G 141 -12.98 -47.66 -22.91
CA THR G 141 -14.29 -47.03 -22.97
C THR G 141 -15.15 -47.43 -21.77
N ILE G 142 -15.20 -48.72 -21.46
CA ILE G 142 -15.92 -49.18 -20.27
C ILE G 142 -15.37 -48.49 -19.02
N ASN G 143 -14.04 -48.44 -18.88
CA ASN G 143 -13.44 -47.82 -17.69
C ASN G 143 -13.85 -46.35 -17.55
N LYS G 144 -14.04 -45.66 -18.67
CA LYS G 144 -14.49 -44.27 -18.61
C LYS G 144 -15.92 -44.16 -18.14
N CYS G 145 -16.70 -45.24 -18.22
CA CYS G 145 -18.09 -45.21 -17.81
C CYS G 145 -18.32 -45.69 -16.39
N THR G 146 -17.55 -46.67 -15.92
CA THR G 146 -17.74 -47.21 -14.57
C THR G 146 -16.48 -47.94 -14.15
N GLY G 147 -16.27 -48.01 -12.84
CA GLY G 147 -15.30 -48.90 -12.25
C GLY G 147 -15.90 -50.18 -11.68
N ALA G 148 -17.23 -50.33 -11.74
CA ALA G 148 -17.92 -51.44 -11.10
C ALA G 148 -17.97 -52.66 -12.02
N ILE G 149 -16.78 -53.22 -12.27
CA ILE G 149 -16.64 -54.41 -13.11
C ILE G 149 -17.54 -55.53 -12.61
N TRP G 150 -17.69 -55.65 -11.28
CA TRP G 150 -18.50 -56.71 -10.70
C TRP G 150 -19.93 -56.67 -11.21
N GLY G 151 -20.42 -55.49 -11.59
CA GLY G 151 -21.81 -55.36 -11.98
C GLY G 151 -22.06 -55.40 -13.47
N LEU G 152 -21.09 -55.88 -14.23
CA LEU G 152 -21.26 -55.83 -15.68
C LEU G 152 -21.77 -57.17 -16.22
N PRO G 153 -22.68 -57.13 -17.20
CA PRO G 153 -23.17 -58.38 -17.80
C PRO G 153 -22.12 -59.03 -18.68
N LEU G 154 -20.99 -59.42 -18.09
CA LEU G 154 -19.97 -60.10 -18.85
C LEU G 154 -19.63 -61.44 -18.21
N PRO G 155 -19.18 -62.41 -19.01
CA PRO G 155 -18.59 -63.62 -18.43
C PRO G 155 -17.40 -63.22 -17.58
N THR G 156 -17.23 -63.91 -16.45
CA THR G 156 -16.20 -63.47 -15.51
C THR G 156 -14.81 -63.46 -16.14
N ARG G 157 -14.59 -64.21 -17.23
CA ARG G 157 -13.29 -64.12 -17.90
C ARG G 157 -13.08 -62.77 -18.60
N LEU G 158 -14.15 -62.14 -19.10
CA LEU G 158 -13.99 -60.77 -19.57
C LEU G 158 -13.92 -59.78 -18.41
N LYS G 159 -14.61 -60.06 -17.30
CA LYS G 159 -14.44 -59.24 -16.11
C LYS G 159 -12.98 -59.26 -15.67
N ASP G 160 -12.34 -60.44 -15.71
CA ASP G 160 -10.93 -60.55 -15.36
C ASP G 160 -10.05 -59.74 -16.31
N TYR G 161 -10.37 -59.77 -17.61
CA TYR G 161 -9.68 -58.90 -18.56
C TYR G 161 -9.80 -57.43 -18.18
N LEU G 162 -11.01 -56.98 -17.79
CA LEU G 162 -11.15 -55.59 -17.34
C LEU G 162 -10.29 -55.31 -16.13
N GLU G 163 -10.23 -56.24 -15.17
CA GLU G 163 -9.46 -55.99 -13.96
C GLU G 163 -7.97 -55.89 -14.22
N GLU G 164 -7.48 -56.47 -15.32
CA GLU G 164 -6.04 -56.39 -15.57
C GLU G 164 -5.61 -55.00 -16.01
N TYR G 165 -6.56 -54.11 -16.33
CA TYR G 165 -6.24 -52.73 -16.69
C TYR G 165 -7.48 -51.86 -16.44
N LYS G 166 -7.57 -51.32 -15.23
CA LYS G 166 -8.74 -50.57 -14.77
C LYS G 166 -8.70 -49.09 -15.15
N PHE G 167 -7.71 -48.65 -15.90
CA PHE G 167 -7.44 -47.22 -15.98
C PHE G 167 -8.13 -46.59 -17.19
N GLN G 168 -8.29 -45.27 -17.12
CA GLN G 168 -9.00 -44.54 -18.15
C GLN G 168 -8.10 -44.02 -19.25
N VAL G 169 -6.79 -44.20 -19.14
CA VAL G 169 -5.86 -43.72 -20.15
C VAL G 169 -4.97 -44.91 -20.51
N MET H 1 -5.51 -37.50 -50.59
CA MET H 1 -5.09 -38.82 -50.15
C MET H 1 -6.26 -39.80 -50.17
N ASP H 2 -6.20 -40.80 -49.31
CA ASP H 2 -7.20 -41.87 -49.30
C ASP H 2 -8.48 -41.43 -48.58
N VAL H 3 -9.61 -41.84 -49.14
CA VAL H 3 -10.94 -41.57 -48.58
C VAL H 3 -11.59 -42.90 -48.26
N PHE H 4 -12.04 -43.08 -47.02
CA PHE H 4 -12.57 -44.34 -46.55
C PHE H 4 -14.09 -44.28 -46.48
N LEU H 5 -14.76 -45.29 -47.03
CA LEU H 5 -16.17 -45.19 -47.36
C LEU H 5 -16.95 -46.42 -46.94
N MET H 6 -18.27 -46.25 -46.91
CA MET H 6 -19.25 -47.29 -46.59
C MET H 6 -20.35 -47.22 -47.64
N ILE H 7 -20.32 -48.11 -48.62
CA ILE H 7 -21.34 -48.15 -49.67
C ILE H 7 -22.45 -49.10 -49.22
N ARG H 8 -23.64 -48.56 -48.99
CA ARG H 8 -24.73 -49.30 -48.36
C ARG H 8 -25.95 -49.40 -49.27
N ARG H 9 -26.53 -50.59 -49.32
CA ARG H 9 -27.82 -50.84 -49.97
C ARG H 9 -28.52 -51.97 -49.22
N HIS H 10 -29.79 -51.75 -48.88
CA HIS H 10 -30.59 -52.74 -48.16
C HIS H 10 -29.87 -53.23 -46.91
N LYS H 11 -29.50 -54.51 -46.87
CA LYS H 11 -28.75 -55.06 -45.76
C LYS H 11 -27.31 -55.40 -46.17
N THR H 12 -26.78 -54.68 -47.17
CA THR H 12 -25.42 -54.85 -47.62
C THR H 12 -24.63 -53.58 -47.38
N THR H 13 -23.40 -53.73 -46.90
CA THR H 13 -22.51 -52.61 -46.61
C THR H 13 -21.09 -52.97 -47.02
N ILE H 14 -20.53 -52.21 -47.95
CA ILE H 14 -19.16 -52.40 -48.43
C ILE H 14 -18.24 -51.38 -47.77
N PHE H 15 -17.13 -51.86 -47.21
CA PHE H 15 -16.08 -51.03 -46.63
C PHE H 15 -14.94 -50.95 -47.63
N THR H 16 -14.65 -49.74 -48.11
CA THR H 16 -13.59 -49.61 -49.09
C THR H 16 -12.95 -48.24 -48.93
N ASP H 17 -11.78 -48.08 -49.55
CA ASP H 17 -11.09 -46.81 -49.65
C ASP H 17 -10.82 -46.50 -51.11
N ALA H 18 -10.87 -45.21 -51.44
CA ALA H 18 -10.48 -44.75 -52.77
C ALA H 18 -9.54 -43.56 -52.57
N LYS H 19 -9.39 -42.76 -53.60
CA LYS H 19 -8.60 -41.54 -53.52
C LYS H 19 -9.52 -40.34 -53.77
N GLU H 20 -9.10 -39.18 -53.26
CA GLU H 20 -9.78 -37.95 -53.65
C GLU H 20 -9.74 -37.77 -55.16
N SER H 21 -8.68 -38.28 -55.81
CA SER H 21 -8.54 -38.23 -57.25
C SER H 21 -9.42 -39.23 -57.96
N SER H 22 -9.93 -40.24 -57.26
CA SER H 22 -10.81 -41.22 -57.87
C SER H 22 -12.10 -40.55 -58.34
N THR H 23 -12.72 -41.15 -59.34
CA THR H 23 -13.97 -40.66 -59.90
C THR H 23 -15.15 -41.49 -59.40
N VAL H 24 -16.36 -40.93 -59.55
CA VAL H 24 -17.57 -41.65 -59.15
C VAL H 24 -17.70 -42.94 -59.93
N PHE H 25 -17.54 -42.86 -61.26
CA PHE H 25 -17.55 -44.07 -62.08
C PHE H 25 -16.47 -45.04 -61.62
N GLU H 26 -15.26 -44.54 -61.34
CA GLU H 26 -14.17 -45.37 -60.86
C GLU H 26 -14.58 -46.13 -59.59
N LEU H 27 -15.42 -45.52 -58.76
CA LEU H 27 -15.96 -46.21 -57.60
C LEU H 27 -17.07 -47.16 -57.98
N LYS H 28 -17.91 -46.77 -58.96
CA LYS H 28 -18.89 -47.70 -59.50
C LYS H 28 -18.18 -48.92 -60.07
N ARG H 29 -17.03 -48.72 -60.71
CA ARG H 29 -16.22 -49.84 -61.15
C ARG H 29 -15.76 -50.69 -59.98
N ILE H 30 -15.40 -50.04 -58.86
CA ILE H 30 -15.04 -50.78 -57.65
C ILE H 30 -16.20 -51.66 -57.20
N VAL H 31 -17.40 -51.06 -57.14
CA VAL H 31 -18.59 -51.79 -56.70
C VAL H 31 -18.83 -52.97 -57.63
N GLU H 32 -18.73 -52.74 -58.94
CA GLU H 32 -18.77 -53.83 -59.91
C GLU H 32 -17.48 -54.63 -59.85
N GLY H 33 -17.44 -55.60 -58.94
CA GLY H 33 -16.25 -56.39 -58.71
C GLY H 33 -16.41 -57.04 -57.36
N ILE H 34 -17.19 -56.40 -56.51
CA ILE H 34 -17.61 -56.95 -55.23
C ILE H 34 -19.06 -57.40 -55.38
N LEU H 35 -19.79 -56.78 -56.30
CA LEU H 35 -21.21 -57.08 -56.48
C LEU H 35 -21.56 -57.50 -57.91
N LYS H 36 -20.66 -57.31 -58.87
CA LYS H 36 -20.79 -57.88 -60.21
C LYS H 36 -22.02 -57.37 -60.96
N ARG H 37 -22.47 -56.16 -60.65
CA ARG H 37 -23.48 -55.49 -61.43
C ARG H 37 -22.86 -54.27 -62.11
N PRO H 38 -23.22 -53.97 -63.35
CA PRO H 38 -22.50 -52.92 -64.10
C PRO H 38 -22.75 -51.55 -63.53
N PRO H 39 -21.93 -50.56 -63.88
CA PRO H 39 -22.23 -49.18 -63.48
C PRO H 39 -23.56 -48.68 -64.02
N ASP H 40 -23.95 -49.13 -65.22
CA ASP H 40 -25.21 -48.70 -65.84
C ASP H 40 -26.40 -48.97 -64.92
N GLU H 41 -26.35 -50.08 -64.17
CA GLU H 41 -27.41 -50.42 -63.24
C GLU H 41 -27.11 -49.94 -61.82
N GLN H 42 -26.16 -49.01 -61.67
CA GLN H 42 -25.72 -48.54 -60.36
C GLN H 42 -26.05 -47.07 -60.19
N ARG H 43 -26.72 -46.74 -59.09
CA ARG H 43 -26.97 -45.37 -58.69
C ARG H 43 -26.31 -45.15 -57.33
N LEU H 44 -25.34 -44.22 -57.28
CA LEU H 44 -24.62 -43.88 -56.06
C LEU H 44 -25.14 -42.54 -55.55
N TYR H 45 -25.64 -42.53 -54.31
CA TYR H 45 -26.24 -41.36 -53.70
C TYR H 45 -25.46 -40.98 -52.44
N LYS H 46 -24.84 -39.81 -52.45
CA LYS H 46 -24.04 -39.32 -51.34
C LYS H 46 -24.86 -38.27 -50.60
N ASP H 47 -25.52 -38.70 -49.52
CA ASP H 47 -26.50 -37.88 -48.81
C ASP H 47 -27.63 -37.45 -49.75
N ASP H 48 -28.24 -38.44 -50.40
CA ASP H 48 -29.41 -38.30 -51.26
C ASP H 48 -29.14 -37.49 -52.53
N GLN H 49 -27.94 -36.92 -52.68
CA GLN H 49 -27.54 -36.32 -53.95
C GLN H 49 -27.02 -37.43 -54.87
N LEU H 50 -27.67 -37.61 -56.02
CA LEU H 50 -27.26 -38.64 -56.98
C LEU H 50 -25.96 -38.21 -57.64
N LEU H 51 -24.86 -38.88 -57.29
CA LEU H 51 -23.56 -38.49 -57.77
C LEU H 51 -23.47 -38.62 -59.29
N ASP H 52 -22.69 -37.72 -59.90
CA ASP H 52 -22.45 -37.76 -61.34
C ASP H 52 -21.20 -38.60 -61.60
N ASP H 53 -21.32 -39.56 -62.52
CA ASP H 53 -20.21 -40.48 -62.79
C ASP H 53 -18.94 -39.73 -63.13
N GLY H 54 -19.06 -38.61 -63.81
CA GLY H 54 -17.90 -37.79 -64.16
C GLY H 54 -17.63 -36.68 -63.16
N LYS H 55 -17.35 -37.05 -61.92
CA LYS H 55 -16.98 -36.10 -60.89
C LYS H 55 -16.04 -36.79 -59.91
N THR H 56 -15.01 -36.07 -59.48
CA THR H 56 -14.04 -36.64 -58.55
C THR H 56 -14.63 -36.77 -57.16
N LEU H 57 -14.14 -37.77 -56.42
CA LEU H 57 -14.60 -37.96 -55.04
C LEU H 57 -14.37 -36.70 -54.21
N GLY H 58 -13.22 -36.05 -54.38
CA GLY H 58 -13.01 -34.76 -53.75
C GLY H 58 -14.04 -33.72 -54.17
N GLU H 59 -14.40 -33.73 -55.46
CA GLU H 59 -15.42 -32.79 -55.93
C GLU H 59 -16.79 -33.10 -55.35
N CYS H 60 -17.06 -34.37 -55.05
CA CYS H 60 -18.33 -34.72 -54.42
C CYS H 60 -18.37 -34.35 -52.94
N GLY H 61 -17.29 -33.79 -52.38
CA GLY H 61 -17.26 -33.39 -51.00
C GLY H 61 -16.53 -34.32 -50.07
N PHE H 62 -16.22 -35.54 -50.51
CA PHE H 62 -15.48 -36.48 -49.67
C PHE H 62 -14.04 -36.01 -49.55
N THR H 63 -13.55 -35.82 -48.33
CA THR H 63 -12.17 -35.42 -48.14
C THR H 63 -11.52 -36.31 -47.11
N SER H 64 -10.18 -36.40 -47.21
CA SER H 64 -9.42 -37.37 -46.44
C SER H 64 -9.61 -37.22 -44.94
N GLN H 65 -10.16 -36.10 -44.47
CA GLN H 65 -10.42 -35.96 -43.05
C GLN H 65 -11.90 -35.96 -42.69
N THR H 66 -12.81 -36.03 -43.65
CA THR H 66 -14.20 -36.35 -43.34
C THR H 66 -14.55 -37.79 -43.71
N ALA H 67 -13.57 -38.60 -44.10
CA ALA H 67 -13.78 -39.98 -44.50
C ALA H 67 -12.57 -40.79 -44.02
N ARG H 68 -12.35 -40.74 -42.71
CA ARG H 68 -11.23 -41.43 -42.09
C ARG H 68 -11.59 -42.88 -41.84
N PRO H 69 -10.59 -43.77 -41.73
CA PRO H 69 -10.89 -45.18 -41.46
C PRO H 69 -11.82 -45.39 -40.28
N GLN H 70 -11.62 -44.66 -39.19
CA GLN H 70 -12.38 -44.87 -37.96
C GLN H 70 -13.80 -44.34 -38.08
N ALA H 71 -14.07 -43.50 -39.07
CA ALA H 71 -15.37 -42.88 -39.25
C ALA H 71 -15.58 -42.73 -40.75
N PRO H 72 -15.84 -43.83 -41.44
CA PRO H 72 -15.93 -43.76 -42.91
C PRO H 72 -17.19 -43.04 -43.38
N ALA H 73 -17.07 -42.41 -44.54
CA ALA H 73 -18.19 -41.69 -45.13
C ALA H 73 -19.14 -42.66 -45.81
N THR H 74 -20.44 -42.39 -45.70
CA THR H 74 -21.45 -43.29 -46.25
C THR H 74 -21.80 -42.89 -47.68
N VAL H 75 -21.88 -43.89 -48.56
CA VAL H 75 -22.33 -43.72 -49.93
C VAL H 75 -23.52 -44.64 -50.15
N GLY H 76 -24.63 -44.09 -50.64
CA GLY H 76 -25.78 -44.92 -50.93
C GLY H 76 -25.71 -45.57 -52.29
N LEU H 77 -26.47 -46.65 -52.45
CA LEU H 77 -26.51 -47.41 -53.70
C LEU H 77 -27.89 -48.02 -53.93
N ALA H 78 -28.40 -47.88 -55.16
CA ALA H 78 -29.66 -48.51 -55.56
C ALA H 78 -29.48 -49.12 -56.93
N PHE H 79 -30.31 -50.11 -57.24
CA PHE H 79 -30.30 -50.76 -58.56
C PHE H 79 -30.58 -49.75 -59.67
N ASP H 83 -34.27 -52.25 -67.25
CA ASP H 83 -35.24 -52.64 -66.23
C ASP H 83 -36.04 -51.43 -65.72
N THR H 84 -35.98 -51.21 -64.41
CA THR H 84 -36.59 -50.06 -63.74
C THR H 84 -36.03 -49.98 -62.32
N PHE H 85 -35.44 -48.84 -61.95
CA PHE H 85 -34.54 -48.79 -60.80
C PHE H 85 -35.30 -48.66 -59.48
N GLU H 86 -34.76 -49.31 -58.44
CA GLU H 86 -35.32 -49.22 -57.10
C GLU H 86 -34.97 -47.87 -56.48
N ALA H 87 -35.75 -47.49 -55.47
CA ALA H 87 -35.39 -46.36 -54.63
C ALA H 87 -34.32 -46.78 -53.61
N LEU H 88 -33.63 -45.78 -53.06
CA LEU H 88 -32.48 -46.03 -52.18
C LEU H 88 -32.99 -46.38 -50.78
N CYS H 89 -33.08 -47.68 -50.48
CA CYS H 89 -33.45 -48.15 -49.15
C CYS H 89 -32.19 -48.69 -48.47
N ILE H 90 -31.67 -47.93 -47.51
CA ILE H 90 -30.59 -48.36 -46.64
C ILE H 90 -31.19 -48.79 -45.32
N GLU H 91 -31.15 -50.12 -45.03
CA GLU H 91 -31.79 -50.63 -43.83
C GLU H 91 -30.96 -50.31 -42.60
N PRO H 92 -31.59 -49.87 -41.53
CA PRO H 92 -30.85 -49.46 -40.34
C PRO H 92 -30.14 -50.62 -39.66
N PHE H 93 -29.02 -50.30 -39.01
CA PHE H 93 -28.35 -51.30 -38.20
C PHE H 93 -29.19 -51.62 -36.97
N SER H 94 -28.79 -52.68 -36.25
CA SER H 94 -29.53 -53.04 -35.05
C SER H 94 -29.43 -51.94 -34.01
N SER H 95 -30.43 -51.87 -33.15
CA SER H 95 -30.31 -50.89 -32.09
C SER H 95 -29.57 -51.50 -30.89
N PRO H 96 -28.73 -50.74 -30.19
CA PRO H 96 -28.02 -51.30 -29.05
C PRO H 96 -28.96 -51.47 -27.88
N PRO H 97 -28.65 -52.38 -26.96
CA PRO H 97 -29.48 -52.54 -25.75
C PRO H 97 -29.40 -51.30 -24.87
N GLU H 98 -30.25 -51.29 -23.84
CA GLU H 98 -30.19 -50.23 -22.85
C GLU H 98 -28.84 -50.27 -22.14
N LEU H 99 -28.20 -49.12 -22.02
CA LEU H 99 -26.94 -49.02 -21.30
C LEU H 99 -27.16 -49.48 -19.87
N PRO H 100 -26.53 -50.59 -19.44
CA PRO H 100 -26.87 -51.20 -18.15
C PRO H 100 -26.79 -50.25 -16.97
N ASP H 101 -27.33 -50.69 -15.82
CA ASP H 101 -27.48 -49.80 -14.67
C ASP H 101 -26.13 -49.17 -14.28
N VAL H 102 -25.08 -49.98 -14.18
CA VAL H 102 -23.80 -49.48 -13.68
C VAL H 102 -23.07 -48.57 -14.65
N MET H 103 -23.52 -48.43 -15.90
CA MET H 103 -22.85 -47.52 -16.83
C MET H 103 -23.63 -46.23 -17.11
N LYS H 104 -24.79 -46.04 -16.48
CA LYS H 104 -25.53 -44.79 -16.65
C LYS H 104 -25.04 -43.75 -15.64
N MET I 2 -9.49 -60.70 -52.65
CA MET I 2 -9.49 -59.25 -52.45
C MET I 2 -10.46 -58.86 -51.33
N TYR I 3 -11.71 -59.31 -51.39
CA TYR I 3 -12.71 -58.94 -50.40
C TYR I 3 -13.35 -60.19 -49.80
N VAL I 4 -13.87 -60.06 -48.57
CA VAL I 4 -14.63 -61.11 -47.91
C VAL I 4 -15.92 -60.51 -47.36
N LYS I 5 -16.91 -61.38 -47.16
CA LYS I 5 -18.21 -60.98 -46.62
C LYS I 5 -18.36 -61.49 -45.19
N LEU I 6 -18.71 -60.58 -44.28
CA LEU I 6 -18.98 -60.92 -42.88
C LEU I 6 -20.45 -60.63 -42.61
N ILE I 7 -21.17 -61.64 -42.11
CA ILE I 7 -22.61 -61.57 -41.93
C ILE I 7 -22.93 -61.47 -40.44
N SER I 8 -23.70 -60.44 -40.08
CA SER I 8 -24.13 -60.21 -38.72
C SER I 8 -25.26 -61.16 -38.35
N SER I 9 -25.58 -61.20 -37.05
CA SER I 9 -26.64 -62.07 -36.57
C SER I 9 -28.00 -61.63 -37.09
N ASP I 10 -28.20 -60.33 -37.29
CA ASP I 10 -29.43 -59.81 -37.86
C ASP I 10 -29.38 -59.74 -39.39
N GLY I 11 -28.55 -60.56 -40.02
CA GLY I 11 -28.57 -60.70 -41.47
C GLY I 11 -27.92 -59.60 -42.27
N HIS I 12 -27.21 -58.67 -41.65
CA HIS I 12 -26.48 -57.67 -42.41
C HIS I 12 -25.21 -58.27 -43.00
N GLU I 13 -24.93 -57.93 -44.25
CA GLU I 13 -23.73 -58.38 -44.95
C GLU I 13 -22.75 -57.22 -44.98
N PHE I 14 -21.54 -57.45 -44.46
CA PHE I 14 -20.45 -56.50 -44.51
C PHE I 14 -19.37 -57.08 -45.41
N ILE I 15 -19.07 -56.39 -46.50
CA ILE I 15 -18.02 -56.81 -47.42
C ILE I 15 -16.81 -55.91 -47.17
N VAL I 16 -15.68 -56.52 -46.81
CA VAL I 16 -14.49 -55.80 -46.42
C VAL I 16 -13.29 -56.42 -47.12
N LYS I 17 -12.20 -55.65 -47.19
CA LYS I 17 -10.98 -56.16 -47.80
C LYS I 17 -10.45 -57.36 -47.01
N ARG I 18 -9.96 -58.37 -47.73
CA ARG I 18 -9.49 -59.57 -47.06
C ARG I 18 -8.32 -59.27 -46.12
N GLU I 19 -7.39 -58.42 -46.56
CA GLU I 19 -6.25 -58.08 -45.70
C GLU I 19 -6.72 -57.42 -44.41
N HIS I 20 -7.73 -56.55 -44.50
CA HIS I 20 -8.25 -55.87 -43.31
C HIS I 20 -8.88 -56.85 -42.34
N ALA I 21 -9.73 -57.75 -42.86
CA ALA I 21 -10.38 -58.74 -42.01
C ALA I 21 -9.39 -59.69 -41.35
N LEU I 22 -8.22 -59.91 -41.97
CA LEU I 22 -7.15 -60.66 -41.33
C LEU I 22 -6.65 -60.00 -40.05
N THR I 23 -7.08 -58.77 -39.76
CA THR I 23 -6.84 -58.17 -38.44
C THR I 23 -7.32 -59.08 -37.33
N SER I 24 -8.47 -59.71 -37.52
CA SER I 24 -8.99 -60.65 -36.54
C SER I 24 -8.25 -61.97 -36.70
N GLY I 25 -7.61 -62.43 -35.62
CA GLY I 25 -7.00 -63.74 -35.64
C GLY I 25 -8.02 -64.85 -35.83
N THR I 26 -9.22 -64.69 -35.27
CA THR I 26 -10.29 -65.67 -35.46
C THR I 26 -10.65 -65.80 -36.93
N ILE I 27 -10.81 -64.66 -37.62
CA ILE I 27 -11.15 -64.71 -39.04
C ILE I 27 -9.98 -65.26 -39.84
N LYS I 28 -8.75 -64.87 -39.49
CA LYS I 28 -7.57 -65.36 -40.20
C LYS I 28 -7.44 -66.87 -40.13
N ALA I 29 -7.85 -67.47 -39.00
CA ALA I 29 -7.81 -68.92 -38.87
C ALA I 29 -8.79 -69.59 -39.84
N MET I 30 -9.97 -69.00 -40.03
CA MET I 30 -10.91 -69.55 -40.99
C MET I 30 -10.54 -69.09 -42.40
N ASN I 43 -14.74 -67.60 -48.49
CA ASN I 43 -14.77 -66.16 -48.74
C ASN I 43 -15.85 -65.48 -47.91
N GLU I 44 -16.68 -66.27 -47.24
CA GLU I 44 -17.77 -65.75 -46.42
C GLU I 44 -17.69 -66.35 -45.03
N VAL I 45 -18.02 -65.54 -44.03
CA VAL I 45 -18.07 -65.96 -42.63
C VAL I 45 -19.36 -65.45 -42.02
N ASN I 46 -20.10 -66.34 -41.34
CA ASN I 46 -21.36 -65.98 -40.69
C ASN I 46 -21.14 -65.88 -39.19
N PHE I 47 -21.50 -64.73 -38.60
CA PHE I 47 -21.37 -64.49 -37.17
C PHE I 47 -22.76 -64.50 -36.56
N ARG I 48 -23.13 -65.62 -35.96
CA ARG I 48 -24.49 -65.82 -35.45
C ARG I 48 -24.77 -65.04 -34.18
N GLU I 49 -23.74 -64.57 -33.47
CA GLU I 49 -23.92 -63.93 -32.19
C GLU I 49 -23.57 -62.44 -32.18
N ILE I 50 -23.10 -61.89 -33.29
CA ILE I 50 -22.67 -60.50 -33.39
C ILE I 50 -23.73 -59.73 -34.18
N PRO I 51 -24.44 -58.79 -33.56
CA PRO I 51 -25.40 -57.97 -34.30
C PRO I 51 -24.72 -56.94 -35.17
N SER I 52 -25.51 -56.39 -36.10
CA SER I 52 -24.98 -55.48 -37.11
C SER I 52 -24.38 -54.22 -36.49
N HIS I 53 -25.03 -53.66 -35.47
CA HIS I 53 -24.50 -52.44 -34.86
C HIS I 53 -23.14 -52.68 -34.23
N VAL I 54 -22.81 -53.93 -33.89
CA VAL I 54 -21.48 -54.23 -33.39
C VAL I 54 -20.55 -54.59 -34.54
N LEU I 55 -21.02 -55.41 -35.46
CA LEU I 55 -20.14 -55.90 -36.51
C LEU I 55 -19.70 -54.76 -37.43
N SER I 56 -20.53 -53.73 -37.58
CA SER I 56 -20.13 -52.59 -38.41
C SER I 56 -18.98 -51.83 -37.74
N LYS I 57 -19.06 -51.64 -36.42
CA LYS I 57 -17.95 -51.02 -35.70
C LYS I 57 -16.68 -51.86 -35.80
N VAL I 58 -16.82 -53.19 -35.70
CA VAL I 58 -15.66 -54.07 -35.87
C VAL I 58 -14.98 -53.82 -37.22
N CYS I 59 -15.78 -53.67 -38.29
CA CYS I 59 -15.18 -53.41 -39.59
C CYS I 59 -14.45 -52.07 -39.63
N MET I 60 -15.00 -51.04 -38.96
CA MET I 60 -14.28 -49.78 -38.88
C MET I 60 -12.97 -49.94 -38.12
N TYR I 61 -12.94 -50.80 -37.10
CA TYR I 61 -11.68 -51.01 -36.39
C TYR I 61 -10.64 -51.63 -37.34
N PHE I 62 -11.07 -52.57 -38.18
CA PHE I 62 -10.19 -53.22 -39.15
C PHE I 62 -9.45 -52.19 -39.99
N THR I 63 -10.20 -51.30 -40.65
CA THR I 63 -9.60 -50.25 -41.44
C THR I 63 -8.66 -49.41 -40.61
N TYR I 64 -9.09 -49.09 -39.38
CA TYR I 64 -8.28 -48.27 -38.47
C TYR I 64 -7.01 -49.01 -38.05
N LYS I 65 -7.13 -50.26 -37.63
CA LYS I 65 -5.96 -51.05 -37.25
C LYS I 65 -4.94 -51.12 -38.38
N VAL I 66 -5.39 -51.48 -39.58
CA VAL I 66 -4.47 -51.65 -40.72
C VAL I 66 -3.73 -50.36 -41.01
N ARG I 67 -4.48 -49.25 -41.17
CA ARG I 67 -3.88 -47.97 -41.54
C ARG I 67 -3.06 -47.37 -40.45
N TYR I 68 -2.84 -48.04 -39.31
CA TYR I 68 -2.03 -47.47 -38.26
C TYR I 68 -1.18 -48.53 -37.56
N THR I 69 -1.09 -49.75 -38.11
CA THR I 69 -0.09 -50.69 -37.64
C THR I 69 1.31 -50.21 -37.97
N ASN I 70 1.50 -49.66 -39.17
CA ASN I 70 2.72 -48.92 -39.47
C ASN I 70 2.75 -47.64 -38.64
N SER I 71 3.86 -47.40 -37.94
CA SER I 71 3.91 -46.43 -36.86
C SER I 71 4.36 -45.03 -37.30
N SER I 72 4.40 -44.76 -38.61
CA SER I 72 4.90 -43.46 -39.06
C SER I 72 3.97 -42.32 -38.64
N THR I 73 2.66 -42.52 -38.77
CA THR I 73 1.68 -41.49 -38.46
C THR I 73 1.31 -41.51 -36.98
N GLU I 74 0.95 -40.34 -36.47
CA GLU I 74 0.39 -40.24 -35.13
C GLU I 74 -0.99 -40.89 -35.10
N ILE I 75 -1.21 -41.79 -34.15
CA ILE I 75 -2.41 -42.62 -34.11
C ILE I 75 -3.57 -41.88 -33.48
N PRO I 76 -4.64 -41.63 -34.23
CA PRO I 76 -5.79 -40.90 -33.69
C PRO I 76 -6.63 -41.80 -32.79
N GLU I 77 -7.73 -41.25 -32.31
CA GLU I 77 -8.63 -41.93 -31.38
C GLU I 77 -9.72 -42.70 -32.13
N PHE I 78 -10.07 -43.87 -31.60
CA PHE I 78 -11.13 -44.69 -32.20
C PHE I 78 -12.42 -44.50 -31.41
N PRO I 79 -13.43 -43.85 -31.97
CA PRO I 79 -14.67 -43.59 -31.21
C PRO I 79 -15.45 -44.86 -30.93
N ILE I 80 -15.86 -45.03 -29.67
CA ILE I 80 -16.72 -46.14 -29.28
C ILE I 80 -17.81 -45.59 -28.37
N ALA I 81 -19.06 -45.73 -28.79
CA ALA I 81 -20.16 -45.28 -27.94
C ALA I 81 -20.36 -46.24 -26.77
N PRO I 82 -20.65 -45.73 -25.58
CA PRO I 82 -20.92 -46.61 -24.42
C PRO I 82 -21.93 -47.72 -24.67
N GLU I 83 -22.99 -47.43 -25.44
CA GLU I 83 -24.09 -48.38 -25.59
C GLU I 83 -23.64 -49.66 -26.26
N ILE I 84 -22.58 -49.62 -27.07
CA ILE I 84 -22.11 -50.80 -27.77
C ILE I 84 -20.87 -51.39 -27.14
N ALA I 85 -20.26 -50.71 -26.16
CA ALA I 85 -18.93 -51.08 -25.68
C ALA I 85 -18.91 -52.50 -25.14
N LEU I 86 -19.96 -52.92 -24.44
CA LEU I 86 -19.96 -54.24 -23.82
C LEU I 86 -20.00 -55.33 -24.88
N GLU I 87 -20.94 -55.22 -25.83
CA GLU I 87 -21.02 -56.20 -26.92
C GLU I 87 -19.80 -56.13 -27.81
N LEU I 88 -19.25 -54.93 -28.00
CA LEU I 88 -18.09 -54.80 -28.88
C LEU I 88 -16.89 -55.48 -28.24
N LEU I 89 -16.79 -55.40 -26.90
CA LEU I 89 -15.74 -56.10 -26.18
C LEU I 89 -15.86 -57.61 -26.35
N MET I 90 -17.06 -58.14 -26.15
CA MET I 90 -17.24 -59.57 -26.34
C MET I 90 -16.97 -59.97 -27.78
N ALA I 91 -17.36 -59.14 -28.74
CA ALA I 91 -17.07 -59.46 -30.13
C ALA I 91 -15.58 -59.38 -30.40
N ALA I 92 -14.90 -58.37 -29.84
CA ALA I 92 -13.47 -58.22 -30.06
C ALA I 92 -12.70 -59.37 -29.43
N ASN I 93 -13.15 -59.82 -28.26
CA ASN I 93 -12.53 -60.98 -27.64
C ASN I 93 -12.71 -62.21 -28.53
N PHE I 94 -13.94 -62.43 -29.00
CA PHE I 94 -14.23 -63.61 -29.80
C PHE I 94 -13.49 -63.60 -31.12
N LEU I 95 -13.25 -62.41 -31.69
CA LEU I 95 -12.54 -62.24 -32.95
C LEU I 95 -11.03 -62.16 -32.78
N ASP I 96 -10.54 -62.05 -31.55
CA ASP I 96 -9.12 -61.93 -31.29
C ASP I 96 -8.52 -60.77 -32.08
N CYS I 97 -9.00 -59.57 -31.78
CA CYS I 97 -8.50 -58.35 -32.40
C CYS I 97 -8.64 -57.17 -31.43
N SER J 1 -36.60 16.40 30.38
CA SER J 1 -36.72 16.44 28.93
C SER J 1 -36.14 17.75 28.37
N MET J 2 -36.49 18.07 27.13
CA MET J 2 -36.12 19.35 26.54
C MET J 2 -36.86 20.52 27.18
N GLN J 3 -38.00 20.29 27.82
CA GLN J 3 -38.75 21.35 28.51
C GLN J 3 -39.07 22.52 27.57
N ALA J 4 -39.83 22.22 26.51
CA ALA J 4 -40.16 23.25 25.53
C ALA J 4 -40.86 24.44 26.17
N ALA J 5 -41.65 24.22 27.23
CA ALA J 5 -42.34 25.33 27.88
C ALA J 5 -41.35 26.29 28.50
N ARG J 6 -40.36 25.77 29.23
CA ARG J 6 -39.29 26.62 29.72
C ARG J 6 -38.55 27.30 28.57
N LEU J 7 -38.29 26.56 27.51
CA LEU J 7 -37.58 27.16 26.39
C LEU J 7 -38.39 28.31 25.78
N ALA J 8 -39.71 28.15 25.68
CA ALA J 8 -40.57 29.21 25.14
C ALA J 8 -40.49 30.46 26.00
N LYS J 9 -40.58 30.29 27.32
CA LYS J 9 -40.46 31.43 28.22
C LYS J 9 -39.11 32.11 28.07
N ALA J 10 -38.03 31.31 28.02
CA ALA J 10 -36.70 31.91 27.90
C ALA J 10 -36.54 32.64 26.56
N LEU J 11 -37.13 32.10 25.49
CA LEU J 11 -36.98 32.76 24.21
C LEU J 11 -37.88 33.99 24.12
N ARG J 12 -39.02 33.96 24.80
CA ARG J 12 -39.84 35.16 24.96
C ARG J 12 -39.07 36.27 25.67
N GLU J 13 -38.41 35.93 26.80
CA GLU J 13 -37.58 36.92 27.49
C GLU J 13 -36.52 37.47 26.56
N LEU J 14 -35.83 36.58 25.86
CA LEU J 14 -34.76 36.98 24.96
C LEU J 14 -35.30 37.96 23.91
N GLY J 15 -36.51 37.73 23.43
CA GLY J 15 -37.14 38.69 22.54
C GLY J 15 -37.42 40.04 23.18
N GLN J 16 -37.55 40.07 24.51
CA GLN J 16 -37.82 41.34 25.18
C GLN J 16 -36.57 42.20 25.35
N THR J 17 -35.38 41.62 25.20
CA THR J 17 -34.15 42.34 25.52
C THR J 17 -33.92 43.50 24.56
N GLY J 18 -34.26 43.34 23.28
CA GLY J 18 -33.86 44.32 22.29
C GLY J 18 -32.45 44.12 21.80
N TRP J 19 -31.75 43.08 22.26
CA TRP J 19 -30.40 42.80 21.79
C TRP J 19 -30.23 41.35 21.36
N TYR J 20 -31.30 40.69 20.96
CA TYR J 20 -31.22 39.38 20.33
C TYR J 20 -31.35 39.58 18.82
N TRP J 21 -30.31 39.21 18.08
CA TRP J 21 -30.27 39.51 16.65
C TRP J 21 -30.68 38.31 15.78
N GLY J 22 -31.24 37.26 16.36
CA GLY J 22 -31.84 36.22 15.51
C GLY J 22 -30.80 35.52 14.64
N SER J 23 -31.10 35.40 13.35
CA SER J 23 -30.25 34.54 12.52
C SER J 23 -28.98 35.26 11.97
N MET J 24 -28.50 36.31 12.63
CA MET J 24 -27.20 36.90 12.34
C MET J 24 -26.07 35.87 12.20
N THR J 25 -25.22 36.07 11.20
CA THR J 25 -24.05 35.20 11.13
C THR J 25 -22.86 35.78 11.90
N VAL J 26 -21.85 34.93 12.08
CA VAL J 26 -20.67 35.33 12.83
C VAL J 26 -19.97 36.50 12.13
N ASN J 27 -20.00 36.53 10.81
CA ASN J 27 -19.33 37.62 10.12
C ASN J 27 -20.15 38.90 10.18
N GLU J 28 -21.47 38.79 10.06
CA GLU J 28 -22.35 39.94 10.25
C GLU J 28 -22.17 40.56 11.64
N ALA J 29 -22.04 39.73 12.68
CA ALA J 29 -21.88 40.24 14.04
C ALA J 29 -20.54 40.96 14.21
N LYS J 30 -19.49 40.42 13.61
CA LYS J 30 -18.20 41.10 13.58
C LYS J 30 -18.35 42.51 13.03
N GLU J 31 -19.06 42.66 11.90
CA GLU J 31 -19.19 43.97 11.28
C GLU J 31 -19.91 44.94 12.20
N LYS J 32 -20.93 44.46 12.92
CA LYS J 32 -21.70 45.33 13.81
C LYS J 32 -20.89 45.75 15.04
N LEU J 33 -19.96 44.90 15.50
CA LEU J 33 -19.27 45.13 16.74
C LEU J 33 -17.87 45.68 16.56
N LYS J 34 -17.38 45.75 15.31
CA LYS J 34 -15.98 46.04 15.04
C LYS J 34 -15.52 47.33 15.70
N GLU J 35 -16.38 48.35 15.75
CA GLU J 35 -15.99 49.66 16.27
C GLU J 35 -16.52 49.93 17.67
N ALA J 36 -17.19 48.98 18.27
CA ALA J 36 -17.86 49.22 19.53
C ALA J 36 -16.84 49.20 20.67
N PRO J 37 -17.21 49.75 21.83
CA PRO J 37 -16.28 49.69 22.97
C PRO J 37 -16.11 48.25 23.45
N GLU J 38 -14.95 47.99 24.06
CA GLU J 38 -14.69 46.67 24.63
C GLU J 38 -15.82 46.26 25.54
N GLY J 39 -16.30 45.03 25.38
CA GLY J 39 -17.35 44.50 26.21
C GLY J 39 -18.74 44.60 25.60
N THR J 40 -18.90 45.40 24.55
CA THR J 40 -20.19 45.47 23.85
C THR J 40 -20.54 44.10 23.30
N PHE J 41 -21.78 43.67 23.52
CA PHE J 41 -22.13 42.30 23.18
C PHE J 41 -23.50 42.25 22.54
N LEU J 42 -23.75 41.16 21.83
CA LEU J 42 -25.09 40.80 21.40
C LEU J 42 -25.25 39.29 21.51
N ILE J 43 -26.50 38.83 21.40
CA ILE J 43 -26.80 37.42 21.28
C ILE J 43 -27.48 37.15 19.95
N ARG J 44 -27.16 36.00 19.38
CA ARG J 44 -27.71 35.58 18.10
C ARG J 44 -27.79 34.06 18.05
N ASP J 45 -28.43 33.55 17.01
CA ASP J 45 -28.43 32.11 16.75
C ASP J 45 -27.01 31.63 16.47
N SER J 46 -26.71 30.42 16.90
CA SER J 46 -25.45 29.74 16.56
C SER J 46 -25.55 28.94 15.27
N SER J 47 -24.53 29.06 14.43
CA SER J 47 -24.46 28.15 13.30
C SER J 47 -24.19 26.70 13.72
N HIS J 48 -23.86 26.45 14.97
CA HIS J 48 -23.45 25.12 15.40
C HIS J 48 -24.67 24.30 15.79
N SER J 49 -24.71 23.05 15.34
CA SER J 49 -25.92 22.27 15.58
C SER J 49 -26.09 21.89 17.05
N ASP J 50 -25.03 21.89 17.85
CA ASP J 50 -25.11 21.44 19.24
C ASP J 50 -25.37 22.59 20.21
N TYR J 51 -25.55 23.81 19.74
CA TYR J 51 -25.70 24.97 20.59
C TYR J 51 -26.90 25.79 20.11
N LEU J 52 -27.59 26.42 21.06
CA LEU J 52 -28.78 27.19 20.72
C LEU J 52 -28.45 28.61 20.30
N LEU J 53 -27.50 29.24 20.99
CA LEU J 53 -27.25 30.67 20.84
C LEU J 53 -25.76 30.93 20.94
N THR J 54 -25.34 32.09 20.45
CA THR J 54 -23.96 32.53 20.55
C THR J 54 -23.91 33.98 21.03
N ILE J 55 -22.99 34.23 21.98
CA ILE J 55 -22.64 35.59 22.40
C ILE J 55 -21.56 36.10 21.47
N SER J 56 -21.77 37.27 20.87
CA SER J 56 -20.72 37.97 20.16
C SER J 56 -20.37 39.20 20.96
N VAL J 57 -19.07 39.41 21.20
CA VAL J 57 -18.61 40.45 22.11
C VAL J 57 -17.34 41.06 21.58
N LYS J 58 -17.23 42.39 21.69
CA LYS J 58 -16.01 43.08 21.28
C LYS J 58 -14.93 42.90 22.34
N THR J 59 -13.74 42.53 21.90
CA THR J 59 -12.53 42.51 22.71
C THR J 59 -11.56 43.51 22.12
N SER J 60 -10.43 43.73 22.81
CA SER J 60 -9.45 44.64 22.23
C SER J 60 -8.84 44.09 20.96
N ALA J 61 -8.85 42.77 20.80
CA ALA J 61 -8.36 42.12 19.59
C ALA J 61 -9.46 41.93 18.56
N GLY J 62 -10.62 42.55 18.76
CA GLY J 62 -11.70 42.42 17.82
C GLY J 62 -12.83 41.59 18.38
N PRO J 63 -13.94 41.52 17.65
CA PRO J 63 -15.08 40.73 18.11
C PRO J 63 -14.74 39.26 18.22
N THR J 64 -15.26 38.62 19.27
CA THR J 64 -15.10 37.19 19.47
C THR J 64 -16.47 36.58 19.78
N ASN J 65 -16.52 35.25 19.90
CA ASN J 65 -17.78 34.53 19.92
C ASN J 65 -17.72 33.37 20.90
N LEU J 66 -18.79 33.18 21.67
CA LEU J 66 -18.88 32.18 22.74
C LEU J 66 -20.27 31.55 22.73
N ARG J 67 -20.32 30.22 22.58
CA ARG J 67 -21.60 29.56 22.40
C ARG J 67 -22.31 29.29 23.73
N ILE J 68 -23.63 29.15 23.64
CA ILE J 68 -24.50 28.82 24.75
C ILE J 68 -25.21 27.53 24.40
N GLU J 69 -25.16 26.55 25.30
CA GLU J 69 -25.90 25.31 25.08
C GLU J 69 -27.16 25.31 25.93
N TYR J 70 -28.14 24.53 25.50
CA TYR J 70 -29.38 24.34 26.25
C TYR J 70 -29.63 22.85 26.37
N GLN J 71 -29.64 22.34 27.59
CA GLN J 71 -29.79 20.91 27.84
C GLN J 71 -30.48 20.69 29.17
N ASP J 72 -31.34 19.66 29.22
CA ASP J 72 -32.11 19.33 30.42
C ASP J 72 -32.84 20.55 30.97
N GLY J 73 -33.26 21.45 30.09
CA GLY J 73 -33.95 22.64 30.55
C GLY J 73 -33.07 23.69 31.16
N LYS J 74 -31.76 23.65 30.93
CA LYS J 74 -30.81 24.60 31.49
C LYS J 74 -29.95 25.20 30.40
N PHE J 75 -29.62 26.48 30.54
CA PHE J 75 -28.62 27.15 29.72
C PHE J 75 -27.30 27.19 30.46
N ARG J 76 -26.21 27.11 29.70
CA ARG J 76 -24.88 27.20 30.27
C ARG J 76 -23.94 27.60 29.16
N LEU J 77 -22.83 28.25 29.52
CA LEU J 77 -21.84 28.56 28.51
C LEU J 77 -21.21 27.28 28.00
N ASP J 78 -20.63 27.35 26.80
CA ASP J 78 -20.04 26.22 26.11
C ASP J 78 -19.16 25.39 27.04
N SER J 79 -19.59 24.14 27.29
CA SER J 79 -18.93 23.29 28.27
C SER J 79 -17.63 22.69 27.78
N ILE J 80 -17.26 22.87 26.51
CA ILE J 80 -15.92 22.47 26.09
C ILE J 80 -14.95 23.64 26.20
N ILE J 81 -15.42 24.86 25.95
CA ILE J 81 -14.55 26.03 26.07
C ILE J 81 -14.21 26.27 27.54
N CYS J 82 -15.16 26.00 28.41
CA CYS J 82 -15.01 26.19 29.85
C CYS J 82 -14.97 24.83 30.53
N VAL J 83 -14.87 24.84 31.86
CA VAL J 83 -14.92 23.62 32.66
C VAL J 83 -16.34 23.47 33.20
N LYS J 84 -16.99 22.33 32.91
CA LYS J 84 -18.42 22.20 33.17
C LYS J 84 -18.75 22.37 34.65
N SER J 85 -17.93 21.78 35.52
CA SER J 85 -18.08 21.96 36.96
C SER J 85 -17.77 23.37 37.42
N LYS J 86 -17.23 24.21 36.52
CA LYS J 86 -17.02 25.63 36.80
C LYS J 86 -18.05 26.52 36.10
N LEU J 87 -19.14 25.94 35.59
CA LEU J 87 -20.16 26.69 34.87
C LEU J 87 -21.49 26.61 35.60
N LYS J 88 -22.06 27.76 35.92
CA LYS J 88 -23.41 27.78 36.44
C LYS J 88 -24.41 27.47 35.32
N GLN J 89 -25.49 26.80 35.69
CA GLN J 89 -26.62 26.57 34.81
C GLN J 89 -27.75 27.52 35.19
N PHE J 90 -28.57 27.88 34.20
CA PHE J 90 -29.60 28.90 34.36
C PHE J 90 -30.89 28.46 33.67
N ASP J 91 -32.04 28.81 34.26
CA ASP J 91 -33.33 28.57 33.62
C ASP J 91 -33.61 29.57 32.50
N SER J 92 -32.88 30.66 32.47
CA SER J 92 -33.15 31.81 31.63
C SER J 92 -31.85 32.21 30.98
N VAL J 93 -31.87 32.45 29.67
CA VAL J 93 -30.63 32.85 29.01
C VAL J 93 -30.33 34.33 29.28
N VAL J 94 -31.35 35.16 29.49
CA VAL J 94 -31.09 36.54 29.86
C VAL J 94 -30.48 36.59 31.25
N HIS J 95 -31.01 35.78 32.17
CA HIS J 95 -30.35 35.61 33.46
C HIS J 95 -28.89 35.21 33.32
N LEU J 96 -28.60 34.24 32.44
CA LEU J 96 -27.22 33.85 32.20
C LEU J 96 -26.38 35.07 31.84
N ILE J 97 -26.84 35.88 30.89
CA ILE J 97 -26.09 37.05 30.47
C ILE J 97 -25.96 38.05 31.61
N ASP J 98 -27.08 38.32 32.29
CA ASP J 98 -27.10 39.28 33.38
C ASP J 98 -26.10 38.88 34.47
N TYR J 99 -26.01 37.59 34.75
CA TYR J 99 -25.08 37.11 35.77
C TYR J 99 -23.64 37.45 35.39
N TYR J 100 -23.26 37.20 34.13
CA TYR J 100 -21.88 37.44 33.72
C TYR J 100 -21.58 38.93 33.57
N VAL J 101 -22.55 39.73 33.10
CA VAL J 101 -22.41 41.20 33.11
C VAL J 101 -22.11 41.69 34.53
N GLN J 102 -22.90 41.24 35.51
CA GLN J 102 -22.67 41.66 36.89
C GLN J 102 -21.35 41.16 37.43
N MET J 103 -20.93 39.93 37.09
CA MET J 103 -19.63 39.48 37.54
C MET J 103 -18.52 40.38 36.99
N CYS J 104 -18.68 40.87 35.75
CA CYS J 104 -17.72 41.79 35.18
C CYS J 104 -17.76 43.18 35.82
N LYS J 105 -18.89 43.58 36.40
CA LYS J 105 -18.98 44.86 37.09
C LYS J 105 -18.18 44.83 38.39
N ASP J 106 -18.43 43.83 39.23
CA ASP J 106 -17.63 43.63 40.44
C ASP J 106 -16.16 43.33 40.16
N LYS J 107 -15.79 43.16 38.89
CA LYS J 107 -14.40 42.87 38.49
C LYS J 107 -13.87 41.63 39.21
N HIS J 120 -10.46 36.35 29.65
CA HIS J 120 -11.71 35.61 29.70
C HIS J 120 -12.90 36.44 29.18
N LEU J 121 -14.10 36.09 29.64
CA LEU J 121 -15.33 36.72 29.18
C LEU J 121 -15.50 38.07 29.86
N TYR J 122 -15.58 39.15 29.07
CA TYR J 122 -15.81 40.50 29.57
C TYR J 122 -16.99 41.09 28.83
N LEU J 123 -18.09 41.32 29.55
CA LEU J 123 -19.33 41.82 28.98
C LEU J 123 -19.71 43.11 29.67
N THR J 124 -20.00 44.15 28.90
CA THR J 124 -20.44 45.41 29.50
C THR J 124 -21.85 45.76 29.05
N LYS J 125 -22.03 46.22 27.82
CA LYS J 125 -23.33 46.76 27.43
C LYS J 125 -23.79 46.14 26.12
N PRO J 126 -25.10 45.95 25.98
CA PRO J 126 -25.62 45.32 24.77
C PRO J 126 -25.71 46.26 23.57
N LEU J 127 -25.58 45.65 22.37
CA LEU J 127 -25.85 46.32 21.11
C LEU J 127 -27.31 46.09 20.75
N TYR J 128 -28.14 47.15 20.83
CA TYR J 128 -29.57 47.03 20.61
C TYR J 128 -29.91 46.96 19.12
N THR J 129 -30.88 46.11 18.77
CA THR J 129 -31.43 46.09 17.41
C THR J 129 -32.48 47.17 17.21
N SER J 130 -33.16 47.55 18.29
CA SER J 130 -34.17 48.61 18.27
C SER J 130 -34.24 49.23 19.66
N ALA J 131 -34.81 50.42 19.74
CA ALA J 131 -34.91 51.09 21.04
C ALA J 131 -36.05 50.47 21.83
N PRO J 132 -35.79 49.97 23.04
CA PRO J 132 -36.89 49.47 23.87
C PRO J 132 -37.89 50.56 24.25
N SER J 133 -39.05 50.12 24.72
CA SER J 133 -40.01 51.06 25.29
C SER J 133 -39.40 51.74 26.52
N LEU J 134 -39.90 52.95 26.78
CA LEU J 134 -39.50 53.67 28.00
C LEU J 134 -39.86 52.87 29.26
N GLN J 135 -41.02 52.22 29.28
CA GLN J 135 -41.34 51.32 30.40
C GLN J 135 -40.25 50.30 30.63
N HIS J 136 -39.76 49.67 29.57
CA HIS J 136 -38.70 48.67 29.70
C HIS J 136 -37.39 49.30 30.18
N LEU J 137 -37.04 50.47 29.63
CA LEU J 137 -35.82 51.14 30.07
C LEU J 137 -35.88 51.51 31.55
N CYS J 138 -37.04 52.02 32.01
CA CYS J 138 -37.20 52.26 33.44
C CYS J 138 -37.02 50.97 34.26
N ARG J 139 -37.63 49.89 33.80
CA ARG J 139 -37.44 48.59 34.44
C ARG J 139 -35.96 48.26 34.60
N LEU J 140 -35.18 48.44 33.52
CA LEU J 140 -33.75 48.17 33.59
C LEU J 140 -33.10 49.02 34.66
N THR J 141 -33.41 50.31 34.69
CA THR J 141 -32.76 51.18 35.64
C THR J 141 -33.11 50.78 37.07
N ILE J 142 -34.38 50.43 37.29
CA ILE J 142 -34.81 50.05 38.64
C ILE J 142 -34.13 48.74 39.05
N ASN J 143 -34.01 47.79 38.13
CA ASN J 143 -33.34 46.53 38.42
C ASN J 143 -31.87 46.74 38.75
N LYS J 144 -31.21 47.70 38.08
CA LYS J 144 -29.83 48.03 38.44
C LYS J 144 -29.73 48.63 39.84
N CYS J 145 -30.84 49.16 40.38
CA CYS J 145 -30.80 49.70 41.74
C CYS J 145 -31.15 48.66 42.80
N THR J 146 -32.13 47.80 42.56
CA THR J 146 -32.55 46.87 43.60
C THR J 146 -33.20 45.65 42.96
N GLY J 147 -33.20 44.55 43.71
CA GLY J 147 -34.07 43.42 43.46
C GLY J 147 -35.30 43.41 44.33
N ALA J 148 -35.42 44.34 45.26
CA ALA J 148 -36.53 44.34 46.20
C ALA J 148 -37.76 45.02 45.59
N ILE J 149 -38.26 44.42 44.49
CA ILE J 149 -39.48 44.91 43.86
C ILE J 149 -40.60 44.99 44.87
N TRP J 150 -40.68 43.99 45.74
CA TRP J 150 -41.77 43.87 46.69
C TRP J 150 -41.97 45.13 47.52
N GLY J 151 -40.89 45.84 47.82
CA GLY J 151 -40.95 46.95 48.74
C GLY J 151 -41.02 48.33 48.12
N LEU J 152 -41.08 48.43 46.79
CA LEU J 152 -41.04 49.72 46.12
C LEU J 152 -42.38 50.46 46.23
N PRO J 153 -42.36 51.79 46.29
CA PRO J 153 -43.63 52.55 46.35
C PRO J 153 -44.32 52.61 44.98
N LEU J 154 -44.79 51.46 44.53
CA LEU J 154 -45.42 51.32 43.23
C LEU J 154 -46.71 50.54 43.41
N PRO J 155 -47.70 50.75 42.54
CA PRO J 155 -48.90 49.92 42.60
C PRO J 155 -48.57 48.51 42.16
N THR J 156 -49.43 47.57 42.57
CA THR J 156 -49.21 46.15 42.29
C THR J 156 -49.02 45.87 40.81
N ARG J 157 -49.79 46.55 39.94
CA ARG J 157 -49.66 46.33 38.51
C ARG J 157 -48.24 46.54 38.04
N LEU J 158 -47.58 47.56 38.57
CA LEU J 158 -46.24 47.86 38.08
C LEU J 158 -45.19 46.98 38.75
N LYS J 159 -45.39 46.57 40.00
CA LYS J 159 -44.53 45.55 40.59
C LYS J 159 -44.59 44.27 39.79
N ASP J 160 -45.79 43.84 39.42
CA ASP J 160 -45.95 42.67 38.57
C ASP J 160 -45.23 42.86 37.24
N TYR J 161 -45.26 44.09 36.70
CA TYR J 161 -44.52 44.36 35.47
C TYR J 161 -43.03 44.17 35.67
N LEU J 162 -42.49 44.66 36.78
CA LEU J 162 -41.05 44.53 37.01
C LEU J 162 -40.66 43.08 37.18
N GLU J 163 -41.51 42.27 37.81
CA GLU J 163 -41.19 40.87 38.08
C GLU J 163 -41.10 40.05 36.81
N GLU J 164 -41.78 40.46 35.74
CA GLU J 164 -41.67 39.72 34.48
C GLU J 164 -40.30 39.83 33.82
N TYR J 165 -39.45 40.77 34.24
CA TYR J 165 -38.13 40.94 33.64
C TYR J 165 -37.24 41.56 34.72
N LYS J 166 -36.57 40.69 35.47
CA LYS J 166 -35.82 41.12 36.66
C LYS J 166 -34.38 41.48 36.34
N PHE J 167 -33.98 41.49 35.07
CA PHE J 167 -32.57 41.61 34.71
C PHE J 167 -32.12 43.07 34.58
N GLN J 168 -30.83 43.31 34.83
CA GLN J 168 -30.19 44.61 34.74
C GLN J 168 -29.70 44.93 33.33
N VAL J 169 -29.94 44.05 32.38
CA VAL J 169 -29.49 44.27 31.04
C VAL J 169 -30.62 43.79 30.12
N MET K 1 -24.71 67.59 11.01
CA MET K 1 -25.87 66.73 11.12
C MET K 1 -26.95 67.43 11.95
N ASP K 2 -27.80 66.66 12.62
CA ASP K 2 -28.86 67.24 13.43
C ASP K 2 -28.36 67.52 14.84
N VAL K 3 -28.83 68.62 15.40
CA VAL K 3 -28.57 68.97 16.80
C VAL K 3 -29.93 69.05 17.47
N PHE K 4 -30.02 68.52 18.69
CA PHE K 4 -31.28 68.40 19.38
C PHE K 4 -31.28 69.31 20.59
N LEU K 5 -32.31 70.14 20.70
CA LEU K 5 -32.28 71.28 21.60
C LEU K 5 -33.52 71.30 22.48
N MET K 6 -33.34 71.91 23.64
CA MET K 6 -34.40 72.46 24.50
C MET K 6 -34.22 73.97 24.57
N ILE K 7 -35.22 74.71 24.07
CA ILE K 7 -35.23 76.17 24.13
C ILE K 7 -36.13 76.55 25.31
N ARG K 8 -35.56 77.22 26.32
CA ARG K 8 -36.18 77.33 27.62
C ARG K 8 -36.25 78.78 28.06
N ARG K 9 -37.43 79.17 28.53
CA ARG K 9 -37.73 80.48 29.09
C ARG K 9 -38.81 80.31 30.15
N HIS K 10 -38.58 80.90 31.33
CA HIS K 10 -39.49 80.77 32.46
C HIS K 10 -39.88 79.31 32.61
N LYS K 11 -41.17 78.99 32.40
CA LYS K 11 -41.67 77.63 32.52
C LYS K 11 -42.10 77.05 31.16
N THR K 12 -41.56 77.56 30.06
CA THR K 12 -41.74 76.97 28.74
C THR K 12 -40.45 76.30 28.26
N THR K 13 -40.60 75.09 27.69
CA THR K 13 -39.51 74.33 27.09
C THR K 13 -39.95 73.82 25.74
N ILE K 14 -39.32 74.31 24.68
CA ILE K 14 -39.48 73.76 23.34
C ILE K 14 -38.44 72.69 23.07
N PHE K 15 -38.92 71.50 22.70
CA PHE K 15 -38.09 70.43 22.14
C PHE K 15 -38.13 70.54 20.62
N THR K 16 -36.97 70.75 20.00
CA THR K 16 -36.89 70.86 18.55
C THR K 16 -35.45 70.52 18.13
N ASP K 17 -35.25 70.42 16.83
CA ASP K 17 -33.94 70.12 16.30
C ASP K 17 -33.68 71.00 15.08
N ALA K 18 -32.40 71.16 14.78
CA ALA K 18 -31.96 71.98 13.66
C ALA K 18 -30.65 71.38 13.16
N LYS K 19 -30.14 71.94 12.06
CA LYS K 19 -28.87 71.50 11.54
C LYS K 19 -27.73 72.24 12.22
N GLU K 20 -26.62 71.52 12.41
CA GLU K 20 -25.40 72.13 12.89
C GLU K 20 -25.01 73.37 12.10
N SER K 21 -25.34 73.39 10.80
CA SER K 21 -24.99 74.50 9.92
C SER K 21 -26.03 75.61 9.88
N SER K 22 -27.22 75.42 10.46
CA SER K 22 -28.19 76.49 10.47
C SER K 22 -27.80 77.54 11.49
N THR K 23 -28.38 78.73 11.36
CA THR K 23 -27.86 79.86 12.11
C THR K 23 -28.73 80.14 13.33
N VAL K 24 -28.15 80.89 14.27
CA VAL K 24 -28.90 81.37 15.42
C VAL K 24 -30.16 82.10 14.97
N PHE K 25 -30.06 82.87 13.87
CA PHE K 25 -31.23 83.58 13.37
C PHE K 25 -32.31 82.63 12.90
N GLU K 26 -31.92 81.54 12.22
CA GLU K 26 -32.93 80.61 11.74
C GLU K 26 -33.62 79.90 12.88
N LEU K 27 -32.90 79.71 13.99
CA LEU K 27 -33.50 79.15 15.18
C LEU K 27 -34.47 80.13 15.82
N LYS K 28 -34.18 81.44 15.76
CA LYS K 28 -35.16 82.42 16.17
C LYS K 28 -36.42 82.34 15.32
N ARG K 29 -36.28 82.00 14.03
CA ARG K 29 -37.46 81.86 13.19
C ARG K 29 -38.32 80.70 13.66
N ILE K 30 -37.68 79.59 14.04
CA ILE K 30 -38.40 78.45 14.60
C ILE K 30 -39.17 78.89 15.84
N VAL K 31 -38.48 79.57 16.77
CA VAL K 31 -39.13 80.10 17.97
C VAL K 31 -40.29 81.01 17.60
N GLU K 32 -40.14 81.84 16.57
CA GLU K 32 -41.20 82.77 16.20
C GLU K 32 -42.45 82.04 15.74
N GLY K 33 -42.31 80.98 14.94
CA GLY K 33 -43.47 80.22 14.52
C GLY K 33 -44.22 79.57 15.68
N ILE K 34 -43.51 79.27 16.77
CA ILE K 34 -44.13 78.57 17.89
C ILE K 34 -44.71 79.53 18.92
N LEU K 35 -43.97 80.56 19.30
CA LEU K 35 -44.36 81.46 20.39
C LEU K 35 -44.79 82.85 19.92
N LYS K 36 -44.69 83.14 18.61
CA LYS K 36 -45.28 84.34 17.99
C LYS K 36 -44.65 85.63 18.52
N ARG K 37 -43.31 85.63 18.61
CA ARG K 37 -42.54 86.84 18.89
C ARG K 37 -41.45 86.94 17.84
N PRO K 38 -41.23 88.12 17.25
CA PRO K 38 -40.30 88.22 16.14
C PRO K 38 -38.86 87.99 16.58
N PRO K 39 -37.98 87.60 15.65
CA PRO K 39 -36.58 87.34 16.02
C PRO K 39 -35.89 88.50 16.71
N ASP K 40 -36.18 89.74 16.34
CA ASP K 40 -35.52 90.84 17.02
C ASP K 40 -36.10 91.10 18.40
N GLU K 41 -37.08 90.33 18.84
CA GLU K 41 -37.56 90.39 20.22
C GLU K 41 -37.10 89.20 21.02
N GLN K 42 -36.10 88.46 20.53
CA GLN K 42 -35.53 87.31 21.18
C GLN K 42 -34.04 87.52 21.42
N ARG K 43 -33.57 87.06 22.58
CA ARG K 43 -32.15 86.87 22.84
C ARG K 43 -31.95 85.39 23.15
N LEU K 44 -31.02 84.75 22.45
CA LEU K 44 -30.74 83.34 22.69
C LEU K 44 -29.36 83.20 23.35
N TYR K 45 -29.24 82.23 24.25
CA TYR K 45 -28.03 82.06 25.03
C TYR K 45 -27.57 80.61 25.06
N LYS K 46 -26.27 80.41 25.25
CA LYS K 46 -25.74 79.12 25.69
C LYS K 46 -25.11 79.39 27.04
N ASP K 47 -25.71 78.85 28.10
CA ASP K 47 -25.39 79.24 29.48
C ASP K 47 -25.58 80.75 29.58
N ASP K 48 -24.56 81.53 29.95
CA ASP K 48 -24.71 82.98 30.05
C ASP K 48 -24.29 83.71 28.78
N GLN K 49 -23.76 83.00 27.78
CA GLN K 49 -23.22 83.62 26.57
C GLN K 49 -24.35 83.95 25.58
N LEU K 50 -24.46 85.23 25.23
CA LEU K 50 -25.40 85.63 24.19
C LEU K 50 -24.91 85.15 22.83
N LEU K 51 -25.84 84.60 22.05
CA LEU K 51 -25.52 84.01 20.74
C LEU K 51 -25.76 85.00 19.60
N ASP K 52 -24.77 85.13 18.73
CA ASP K 52 -24.87 86.00 17.57
C ASP K 52 -25.76 85.40 16.49
N ASP K 53 -26.62 86.23 15.89
CA ASP K 53 -27.54 85.76 14.85
C ASP K 53 -26.83 85.02 13.73
N GLY K 54 -25.68 85.54 13.28
CA GLY K 54 -25.00 85.02 12.12
C GLY K 54 -24.20 83.76 12.35
N LYS K 55 -23.92 83.43 13.61
CA LYS K 55 -23.15 82.23 13.88
C LYS K 55 -23.99 80.99 13.62
N THR K 56 -23.36 79.91 13.13
CA THR K 56 -24.07 78.65 13.06
C THR K 56 -24.19 78.06 14.45
N LEU K 57 -25.14 77.14 14.61
CA LEU K 57 -25.31 76.48 15.89
C LEU K 57 -24.06 75.72 16.27
N GLY K 58 -23.39 75.10 15.29
CA GLY K 58 -22.15 74.43 15.58
C GLY K 58 -21.07 75.40 16.01
N GLU K 59 -21.05 76.59 15.40
CA GLU K 59 -20.09 77.61 15.82
C GLU K 59 -20.35 78.09 17.23
N CYS K 60 -21.59 78.06 17.68
CA CYS K 60 -21.87 78.40 19.07
C CYS K 60 -21.58 77.25 20.02
N GLY K 61 -21.24 76.07 19.51
CA GLY K 61 -20.98 74.93 20.35
C GLY K 61 -22.13 73.97 20.51
N PHE K 62 -23.17 74.07 19.69
CA PHE K 62 -24.20 73.03 19.61
C PHE K 62 -23.78 72.08 18.50
N THR K 63 -23.25 70.93 18.88
CA THR K 63 -22.72 69.96 17.94
C THR K 63 -23.55 68.69 18.02
N SER K 64 -23.59 67.94 16.92
CA SER K 64 -24.35 66.70 16.89
C SER K 64 -23.81 65.68 17.86
N GLN K 65 -22.70 66.01 18.54
CA GLN K 65 -22.09 65.19 19.56
C GLN K 65 -22.53 65.54 20.98
N THR K 66 -22.88 66.80 21.19
CA THR K 66 -23.24 67.34 22.49
C THR K 66 -24.70 67.79 22.54
N ALA K 67 -25.46 67.51 21.50
CA ALA K 67 -26.82 67.97 21.42
C ALA K 67 -27.58 66.79 20.81
N ARG K 68 -27.79 65.76 21.63
N ARG K 68 -27.78 65.75 21.64
CA ARG K 68 -28.30 64.47 21.22
CA ARG K 68 -28.30 64.46 21.25
C ARG K 68 -29.77 64.32 21.58
C ARG K 68 -29.78 64.36 21.55
N PRO K 69 -30.52 63.50 20.83
CA PRO K 69 -31.96 63.37 21.12
C PRO K 69 -32.23 62.97 22.55
N GLN K 70 -31.47 62.01 23.08
CA GLN K 70 -31.62 61.59 24.46
C GLN K 70 -31.02 62.58 25.46
N ALA K 71 -30.28 63.60 25.00
CA ALA K 71 -29.65 64.56 25.90
C ALA K 71 -29.50 65.88 25.17
N PRO K 72 -30.62 66.56 24.93
CA PRO K 72 -30.58 67.80 24.13
C PRO K 72 -29.88 68.93 24.87
N ALA K 73 -29.25 69.81 24.11
CA ALA K 73 -28.59 70.97 24.67
C ALA K 73 -29.61 72.09 24.94
N THR K 74 -29.40 72.85 26.01
CA THR K 74 -30.31 73.90 26.42
C THR K 74 -29.93 75.20 25.71
N VAL K 75 -30.90 75.84 25.07
CA VAL K 75 -30.76 77.20 24.57
C VAL K 75 -31.64 78.09 25.44
N GLY K 76 -31.03 79.08 26.07
CA GLY K 76 -31.79 80.04 26.86
C GLY K 76 -32.46 81.07 25.96
N LEU K 77 -33.69 81.44 26.33
CA LEU K 77 -34.46 82.42 25.56
C LEU K 77 -34.98 83.51 26.48
N ALA K 78 -34.80 84.77 26.07
CA ALA K 78 -35.41 85.91 26.74
C ALA K 78 -36.14 86.78 25.72
N PHE K 79 -37.27 87.35 26.12
CA PHE K 79 -38.07 88.21 25.27
C PHE K 79 -37.87 89.67 25.62
N ARG K 80 -38.09 90.54 24.64
CA ARG K 80 -38.16 91.97 24.90
C ARG K 80 -39.21 92.25 25.96
N ALA K 81 -38.94 93.26 26.80
CA ALA K 81 -39.94 93.84 27.70
C ALA K 81 -39.84 95.36 27.61
N ASP K 82 -40.80 96.00 26.94
CA ASP K 82 -40.79 97.45 26.70
C ASP K 82 -39.55 97.79 25.88
N ASP K 83 -38.63 98.62 26.38
CA ASP K 83 -37.51 99.12 25.61
C ASP K 83 -36.22 98.35 25.89
N THR K 84 -36.30 97.23 26.59
CA THR K 84 -35.14 96.42 26.90
C THR K 84 -35.54 94.96 26.80
N PHE K 85 -34.58 94.09 27.00
CA PHE K 85 -34.88 92.67 27.11
C PHE K 85 -35.06 92.33 28.58
N GLU K 86 -35.96 91.40 28.86
CA GLU K 86 -36.00 90.83 30.19
C GLU K 86 -34.67 90.13 30.48
N ALA K 87 -34.33 90.03 31.75
CA ALA K 87 -33.17 89.24 32.14
C ALA K 87 -33.46 87.77 31.88
N LEU K 88 -32.44 87.03 31.47
CA LEU K 88 -32.64 85.61 31.23
C LEU K 88 -33.06 84.95 32.54
N CYS K 89 -34.14 84.16 32.49
CA CYS K 89 -34.69 83.52 33.68
C CYS K 89 -35.32 82.21 33.27
N ILE K 90 -34.76 81.11 33.75
CA ILE K 90 -35.26 79.78 33.44
C ILE K 90 -35.66 79.13 34.75
N GLU K 91 -36.90 78.71 34.83
CA GLU K 91 -37.36 78.07 36.05
C GLU K 91 -36.91 76.61 36.06
N PRO K 92 -36.24 76.16 37.12
CA PRO K 92 -35.84 74.75 37.18
C PRO K 92 -37.06 73.83 37.13
N PHE K 93 -36.82 72.61 36.67
CA PHE K 93 -37.85 71.58 36.80
C PHE K 93 -38.02 71.23 38.28
N SER K 94 -39.06 70.44 38.56
CA SER K 94 -39.34 70.03 39.93
C SER K 94 -38.22 69.14 40.46
N SER K 95 -38.19 68.98 41.78
CA SER K 95 -37.16 68.14 42.37
C SER K 95 -37.68 66.72 42.60
N PRO K 96 -36.90 65.69 42.26
CA PRO K 96 -37.35 64.33 42.53
C PRO K 96 -37.39 64.08 44.03
N PRO K 97 -38.21 63.14 44.48
CA PRO K 97 -38.26 62.83 45.91
C PRO K 97 -36.96 62.14 46.33
N GLU K 98 -36.80 61.98 47.63
CA GLU K 98 -35.69 61.20 48.15
C GLU K 98 -35.73 59.79 47.58
N LEU K 99 -34.57 59.28 47.27
CA LEU K 99 -34.50 57.94 46.72
C LEU K 99 -34.72 56.90 47.82
N PRO K 100 -35.48 55.83 47.54
CA PRO K 100 -35.66 54.78 48.56
C PRO K 100 -34.31 54.19 48.96
N ASP K 101 -34.16 53.96 50.27
CA ASP K 101 -32.88 53.50 50.82
C ASP K 101 -32.32 52.31 50.05
N VAL K 102 -33.18 51.34 49.73
CA VAL K 102 -32.71 50.11 49.07
C VAL K 102 -32.22 50.33 47.64
N MET K 103 -32.41 51.53 47.08
CA MET K 103 -31.93 51.84 45.74
C MET K 103 -30.58 52.56 45.76
N LYS K 104 -29.83 52.42 46.85
CA LYS K 104 -28.49 52.99 47.09
C LYS K 104 -28.26 54.33 46.40
N MET L 1 -50.34 71.60 12.33
CA MET L 1 -50.20 70.25 12.87
C MET L 1 -48.74 69.89 13.00
N MET L 2 -47.94 70.81 13.54
CA MET L 2 -46.52 70.57 13.75
C MET L 2 -46.17 70.30 15.21
N TYR L 3 -46.62 71.14 16.15
CA TYR L 3 -46.26 71.00 17.56
C TYR L 3 -47.50 70.88 18.44
N VAL L 4 -47.31 70.28 19.61
CA VAL L 4 -48.33 70.17 20.64
C VAL L 4 -47.73 70.58 21.97
N LYS L 5 -48.60 71.09 22.86
CA LYS L 5 -48.17 71.54 24.17
C LYS L 5 -48.57 70.50 25.22
N LEU L 6 -47.58 70.02 25.97
CA LEU L 6 -47.79 69.08 27.08
C LEU L 6 -47.43 69.77 28.39
N ILE L 7 -48.35 69.76 29.35
CA ILE L 7 -48.18 70.52 30.59
C ILE L 7 -48.07 69.56 31.78
N SER L 8 -47.00 69.74 32.57
CA SER L 8 -46.75 68.96 33.76
C SER L 8 -47.68 69.40 34.91
N SER L 9 -47.78 68.53 35.93
CA SER L 9 -48.60 68.81 37.10
C SER L 9 -48.20 70.13 37.75
N ASP L 10 -46.92 70.47 37.71
CA ASP L 10 -46.42 71.68 38.33
C ASP L 10 -46.37 72.86 37.36
N GLY L 11 -47.02 72.74 36.20
CA GLY L 11 -47.25 73.90 35.37
C GLY L 11 -46.17 74.23 34.36
N HIS L 12 -45.20 73.34 34.13
CA HIS L 12 -44.23 73.54 33.06
C HIS L 12 -44.88 73.12 31.74
N GLU L 13 -44.66 73.92 30.71
CA GLU L 13 -45.19 73.61 29.39
C GLU L 13 -44.06 73.13 28.49
N PHE L 14 -44.25 71.97 27.89
CA PHE L 14 -43.31 71.34 26.97
C PHE L 14 -43.96 71.33 25.58
N ILE L 15 -43.34 72.04 24.63
CA ILE L 15 -43.78 72.06 23.25
C ILE L 15 -42.89 71.15 22.42
N VAL L 16 -43.50 70.10 21.87
CA VAL L 16 -42.79 69.03 21.18
C VAL L 16 -43.51 68.79 19.87
N LYS L 17 -42.77 68.23 18.90
CA LYS L 17 -43.34 67.89 17.62
C LYS L 17 -44.47 66.88 17.80
N ARG L 18 -45.61 67.16 17.14
N ARG L 18 -45.60 67.15 17.13
CA ARG L 18 -46.75 66.26 17.22
CA ARG L 18 -46.75 66.26 17.23
C ARG L 18 -46.36 64.85 16.82
C ARG L 18 -46.38 64.84 16.81
N GLU L 19 -45.63 64.71 15.71
CA GLU L 19 -45.17 63.39 15.26
C GLU L 19 -44.42 62.66 16.37
N HIS L 20 -43.55 63.37 17.09
CA HIS L 20 -42.80 62.72 18.15
C HIS L 20 -43.69 62.36 19.33
N ALA L 21 -44.70 63.21 19.61
CA ALA L 21 -45.59 62.93 20.73
C ALA L 21 -46.46 61.70 20.48
N LEU L 22 -46.65 61.32 19.23
CA LEU L 22 -47.38 60.09 18.89
C LEU L 22 -46.63 58.84 19.31
N THR L 23 -45.39 58.95 19.77
CA THR L 23 -44.72 57.82 20.39
C THR L 23 -45.52 57.29 21.57
N SER L 24 -46.29 58.17 22.21
CA SER L 24 -47.16 57.81 23.31
C SER L 24 -48.47 57.27 22.77
N GLY L 25 -48.72 55.97 23.00
CA GLY L 25 -50.01 55.40 22.67
C GLY L 25 -51.17 56.20 23.24
N THR L 26 -51.07 56.57 24.52
CA THR L 26 -52.11 57.38 25.15
C THR L 26 -52.28 58.73 24.47
N ILE L 27 -51.17 59.43 24.21
CA ILE L 27 -51.28 60.73 23.54
C ILE L 27 -51.81 60.56 22.13
N LYS L 28 -51.40 59.48 21.45
CA LYS L 28 -51.92 59.25 20.09
C LYS L 28 -53.42 59.08 20.09
N ALA L 29 -53.97 58.47 21.15
CA ALA L 29 -55.42 58.36 21.26
C ALA L 29 -56.06 59.71 21.47
N MET L 30 -55.50 60.53 22.36
CA MET L 30 -56.05 61.86 22.59
C MET L 30 -56.05 62.69 21.30
N LEU L 31 -55.07 62.46 20.43
CA LEU L 31 -54.99 63.11 19.14
C LEU L 31 -55.50 62.19 18.03
N ASN L 43 -52.87 71.69 19.74
CA ASN L 43 -53.55 70.94 20.79
C ASN L 43 -52.71 70.95 22.08
N GLU L 44 -53.40 70.84 23.23
CA GLU L 44 -52.81 70.92 24.55
C GLU L 44 -53.27 69.74 25.38
N VAL L 45 -52.34 69.06 26.06
CA VAL L 45 -52.68 68.00 27.00
C VAL L 45 -52.11 68.35 28.36
N ASN L 46 -52.94 68.22 29.39
CA ASN L 46 -52.52 68.42 30.77
C ASN L 46 -52.30 67.07 31.43
N PHE L 47 -51.17 66.90 32.10
CA PHE L 47 -50.92 65.69 32.87
C PHE L 47 -50.97 66.04 34.35
N ARG L 48 -52.15 65.88 34.96
CA ARG L 48 -52.36 66.32 36.34
C ARG L 48 -51.38 65.68 37.33
N GLU L 49 -50.79 64.54 36.99
CA GLU L 49 -49.96 63.82 37.95
C GLU L 49 -48.55 63.56 37.46
N ILE L 50 -48.10 64.19 36.38
CA ILE L 50 -46.72 63.99 35.92
C ILE L 50 -45.94 65.29 36.11
N PRO L 51 -44.98 65.33 37.03
CA PRO L 51 -44.22 66.56 37.29
C PRO L 51 -43.13 66.80 36.24
N SER L 52 -42.60 68.02 36.26
CA SER L 52 -41.71 68.46 35.19
C SER L 52 -40.41 67.67 35.13
N HIS L 53 -39.85 67.26 36.27
CA HIS L 53 -38.62 66.46 36.17
C HIS L 53 -38.88 65.10 35.52
N VAL L 54 -40.13 64.66 35.45
CA VAL L 54 -40.44 63.43 34.74
C VAL L 54 -40.82 63.72 33.29
N LEU L 55 -41.69 64.71 33.08
CA LEU L 55 -42.24 64.93 31.75
C LEU L 55 -41.16 65.44 30.78
N SER L 56 -40.20 66.22 31.27
CA SER L 56 -39.10 66.63 30.41
C SER L 56 -38.36 65.40 29.89
N LYS L 57 -38.12 64.40 30.76
CA LYS L 57 -37.43 63.18 30.35
C LYS L 57 -38.27 62.38 29.36
N VAL L 58 -39.60 62.35 29.56
CA VAL L 58 -40.51 61.70 28.59
C VAL L 58 -40.32 62.31 27.19
N CYS L 59 -40.27 63.63 27.10
CA CYS L 59 -40.13 64.28 25.80
C CYS L 59 -38.81 63.90 25.14
N MET L 60 -37.76 63.83 25.94
CA MET L 60 -36.46 63.36 25.49
C MET L 60 -36.56 61.96 24.91
N TYR L 61 -37.32 61.08 25.59
CA TYR L 61 -37.55 59.74 25.07
C TYR L 61 -38.27 59.76 23.72
N PHE L 62 -39.27 60.63 23.57
CA PHE L 62 -39.94 60.78 22.28
C PHE L 62 -38.93 61.05 21.17
N THR L 63 -38.07 62.05 21.36
CA THR L 63 -37.09 62.39 20.34
C THR L 63 -36.19 61.20 20.04
N TYR L 64 -35.73 60.53 21.10
CA TYR L 64 -34.82 59.39 20.98
C TYR L 64 -35.47 58.23 20.24
N LYS L 65 -36.74 57.96 20.56
CA LYS L 65 -37.43 56.82 19.97
C LYS L 65 -37.66 57.03 18.50
N VAL L 66 -38.02 58.25 18.12
CA VAL L 66 -38.22 58.56 16.71
C VAL L 66 -36.90 58.46 15.97
N ARG L 67 -35.83 58.99 16.56
CA ARG L 67 -34.56 58.99 15.84
C ARG L 67 -33.97 57.59 15.69
N TYR L 68 -34.20 56.70 16.67
CA TYR L 68 -33.53 55.41 16.67
C TYR L 68 -34.50 54.23 16.43
N THR L 69 -35.68 54.50 15.89
CA THR L 69 -36.51 53.46 15.30
C THR L 69 -36.17 53.33 13.82
N ASN L 70 -35.80 52.12 13.43
CA ASN L 70 -35.58 51.78 12.03
C ASN L 70 -34.45 52.64 11.42
N SER L 71 -33.35 52.74 12.16
CA SER L 71 -32.18 53.47 11.69
C SER L 71 -30.97 52.54 11.62
N SER L 72 -30.03 52.90 10.75
CA SER L 72 -28.80 52.13 10.64
C SER L 72 -27.82 52.45 11.75
N THR L 73 -27.95 53.60 12.40
CA THR L 73 -27.01 54.02 13.42
C THR L 73 -27.09 53.12 14.66
N GLU L 74 -25.96 52.98 15.35
CA GLU L 74 -25.94 52.28 16.62
C GLU L 74 -26.75 53.04 17.66
N ILE L 75 -27.54 52.30 18.43
CA ILE L 75 -28.46 52.94 19.37
C ILE L 75 -27.73 53.29 20.66
N PRO L 76 -27.64 54.56 21.03
CA PRO L 76 -26.96 54.92 22.28
C PRO L 76 -27.85 54.68 23.48
N GLU L 77 -27.21 54.70 24.65
CA GLU L 77 -27.92 54.57 25.93
C GLU L 77 -28.89 55.71 26.16
N PHE L 78 -30.03 55.39 26.76
CA PHE L 78 -30.96 56.44 27.16
C PHE L 78 -30.76 56.71 28.65
N PRO L 79 -30.23 57.86 29.03
CA PRO L 79 -29.84 58.06 30.43
C PRO L 79 -31.04 58.24 31.34
N ILE L 80 -31.09 57.48 32.43
CA ILE L 80 -32.17 57.57 33.41
C ILE L 80 -31.56 57.57 34.79
N ALA L 81 -31.73 58.68 35.51
CA ALA L 81 -31.22 58.78 36.87
C ALA L 81 -32.07 57.90 37.79
N PRO L 82 -31.46 57.21 38.76
CA PRO L 82 -32.25 56.43 39.71
C PRO L 82 -33.34 57.24 40.39
N GLU L 83 -33.05 58.51 40.70
CA GLU L 83 -33.98 59.36 41.44
C GLU L 83 -35.30 59.59 40.71
N ILE L 84 -35.33 59.45 39.39
CA ILE L 84 -36.56 59.70 38.64
C ILE L 84 -37.18 58.42 38.11
N ALA L 85 -36.53 57.26 38.29
CA ALA L 85 -36.92 56.07 37.52
C ALA L 85 -38.29 55.54 37.94
N LEU L 86 -38.63 55.59 39.24
CA LEU L 86 -39.93 55.07 39.65
C LEU L 86 -41.07 55.92 39.09
N GLU L 87 -40.94 57.25 39.13
CA GLU L 87 -41.97 58.12 38.59
C GLU L 87 -42.02 58.03 37.07
N LEU L 88 -40.85 57.89 36.45
CA LEU L 88 -40.78 57.73 35.00
C LEU L 88 -41.47 56.44 34.57
N LEU L 89 -41.26 55.35 35.32
CA LEU L 89 -41.98 54.12 35.02
C LEU L 89 -43.49 54.32 35.04
N MET L 90 -43.99 54.95 36.11
CA MET L 90 -45.42 55.19 36.22
C MET L 90 -45.91 56.07 35.07
N ALA L 91 -45.17 57.11 34.74
CA ALA L 91 -45.57 57.96 33.63
C ALA L 91 -45.52 57.19 32.31
N ALA L 92 -44.46 56.42 32.07
CA ALA L 92 -44.34 55.69 30.80
C ALA L 92 -45.45 54.68 30.64
N ASN L 93 -45.87 54.07 31.75
CA ASN L 93 -47.00 53.13 31.72
C ASN L 93 -48.32 53.86 31.46
N PHE L 94 -48.55 54.99 32.15
CA PHE L 94 -49.76 55.77 31.86
C PHE L 94 -49.80 56.21 30.41
N LEU L 95 -48.65 56.57 29.84
CA LEU L 95 -48.55 57.07 28.49
C LEU L 95 -48.44 55.97 27.44
N ASP L 96 -48.19 54.73 27.84
CA ASP L 96 -48.03 53.61 26.92
C ASP L 96 -46.94 53.91 25.88
N CYS L 97 -45.72 54.06 26.38
CA CYS L 97 -44.56 54.24 25.50
C CYS L 97 -43.30 53.63 26.13
C1 EDO M . 20.30 -31.63 -20.14
O1 EDO M . 20.98 -32.22 -21.34
C2 EDO M . 20.11 -30.09 -20.06
O2 EDO M . 21.37 -29.35 -19.81
C10 JH9 N . 18.20 -32.83 -11.07
C13 JH9 N . 17.62 -29.33 -16.69
C15 JH9 N . 17.23 -27.08 -17.72
C17 JH9 N . 18.29 -25.24 -16.33
C21 JH9 N . 18.21 -23.54 -18.53
C22 JH9 N . 18.15 -22.57 -19.72
C24 JH9 N . 19.46 -21.49 -21.50
C28 JH9 N . 20.38 -31.81 -15.95
C02 JH9 N . 17.97 -30.48 -13.33
C03 JH9 N . 16.98 -31.01 -12.29
C04 JH9 N . 17.74 -31.52 -11.09
C05 JH9 N . 17.97 -30.67 -10.03
C06 JH9 N . 18.68 -31.11 -8.92
C07 JH9 N . 19.13 -32.42 -8.90
C09 JH9 N . 18.90 -33.29 -9.96
C12 JH9 N . 18.48 -30.17 -15.78
C16 JH9 N . 17.77 -25.67 -17.55
C18 JH9 N . 18.77 -23.95 -16.22
C19 JH9 N . 18.73 -23.11 -17.32
C23 JH9 N . 19.38 -22.48 -20.64
C25 JH9 N . 17.72 -24.82 -18.64
C27 JH9 N . 19.04 -31.36 -16.56
C29 JH9 N . 21.59 -31.38 -16.48
C30 JH9 N . 22.80 -31.78 -15.92
C31 JH9 N . 22.79 -32.62 -14.80
C37 JH9 N . 21.58 -33.06 -14.27
C38 JH9 N . 20.38 -32.63 -14.83
F08 JH9 N . 19.81 -32.85 -7.82
F20 JH9 N . 19.17 -21.84 -17.23
N11 JH9 N . 17.62 -30.64 -14.73
N14 JH9 N . 18.02 -27.95 -16.87
O01 JH9 N . 18.99 -29.95 -12.99
O26 JH9 N . 16.63 -29.76 -17.21
O32 JH9 N . 23.98 -33.04 -14.20
O34 JH9 N . 26.08 -34.43 -14.06
O35 JH9 N . 25.55 -33.27 -16.23
O36 JH9 N . 24.26 -35.25 -15.53
P33 JH9 N . 25.02 -34.03 -15.04
C10 JH9 O . -21.74 23.41 12.63
C13 JH9 O . -19.09 28.57 9.55
C15 JH9 O . -17.20 30.16 8.91
C17 JH9 O . -15.00 28.99 9.36
C21 JH9 O . -13.64 30.67 7.59
C22 JH9 O . -12.88 31.59 6.62
C28 JH9 O . -21.17 25.75 8.02
C02 JH9 O . -19.66 25.65 11.48
C03 JH9 O . -20.17 25.33 12.88
C04 JH9 O . -20.51 23.86 13.06
C05 JH9 O . -19.59 22.96 13.62
C06 JH9 O . -19.94 21.62 13.76
C07 JH9 O . -21.19 21.20 13.33
C09 JH9 O . -22.09 22.09 12.77
C12 JH9 O . -19.72 27.17 9.48
C16 JH9 O . -15.69 30.00 8.69
C18 JH9 O . -13.62 28.84 9.15
C19 JH9 O . -12.95 29.68 8.27
C25 JH9 O . -15.02 30.83 7.80
C27 JH9 O . -20.93 27.16 8.57
C29 JH9 O . -20.56 25.37 6.83
C30 JH9 O . -20.77 24.10 6.32
C31 JH9 O . -21.55 23.19 7.00
C37 JH9 O . -22.16 23.56 8.21
C38 JH9 O . -21.97 24.84 8.71
F08 JH9 O . -21.55 19.89 13.46
F20 JH9 O . -11.60 29.57 8.04
N11 JH9 O . -20.18 26.82 10.81
N14 JH9 O . -17.83 28.84 8.86
O01 JH9 O . -18.85 24.98 10.93
O26 JH9 O . -19.62 29.42 10.18
O32 JH9 O . -21.73 21.90 6.48
O34 JH9 O . -22.72 20.23 4.82
O35 JH9 O . -21.95 22.45 3.93
O36 JH9 O . -23.95 22.34 5.33
P33 JH9 O . -22.59 21.71 5.08
C10 JH9 P . 16.64 -32.71 -21.58
C13 JH9 P . 14.06 -32.14 -15.50
C15 JH9 P . 12.15 -31.29 -14.13
C17 JH9 P . 9.94 -31.63 -15.31
C21 JH9 P . 8.57 -31.44 -12.88
C22 JH9 P . 7.84 -31.33 -11.53
C24 JH9 P . 7.50 -32.90 -9.58
C28 JH9 P . 15.60 -35.33 -16.95
C02 JH9 P . 14.70 -32.22 -18.93
C03 JH9 P . 15.38 -31.31 -19.93
C04 JH9 P . 15.51 -31.96 -21.30
C05 JH9 P . 14.50 -31.80 -22.23
C06 JH9 P . 14.60 -32.38 -23.47
C07 JH9 P . 15.73 -33.12 -23.76
C09 JH9 P . 16.75 -33.29 -22.83
C12 JH9 P . 14.53 -33.05 -16.60
C16 JH9 P . 10.62 -31.41 -14.12
C18 JH9 P . 8.55 -31.75 -15.29
C19 JH9 P . 7.88 -31.64 -14.08
C23 JH9 P . 7.45 -32.67 -10.90
C25 JH9 P . 9.95 -31.33 -12.92
C27 JH9 P . 15.54 -34.07 -16.06
C29 JH9 P . 14.92 -36.47 -16.54
C30 JH9 P . 14.93 -37.62 -17.31
C31 JH9 P . 15.63 -37.64 -18.48
C37 JH9 P . 16.31 -36.49 -18.93
C38 JH9 P . 16.30 -35.32 -18.15
F08 JH9 P . 15.86 -33.72 -24.98
F20 JH9 P . 6.53 -31.75 -14.07
N11 JH9 P . 15.14 -32.17 -17.57
N14 JH9 P . 12.66 -32.15 -15.18
O01 JH9 P . 13.83 -32.97 -19.23
O26 JH9 P . 14.83 -31.44 -14.95
O32 JH9 P . 15.62 -38.78 -19.25
O34 JH9 P . 16.32 -41.12 -19.76
O35 JH9 P . 15.57 -40.61 -17.45
O36 JH9 P . 17.78 -39.76 -18.24
P33 JH9 P . 16.37 -40.13 -18.64
C10 JH9 Q . -14.51 34.03 13.90
C13 JH9 Q . -13.69 31.16 19.95
C15 JH9 Q . -13.25 31.25 22.43
C17 JH9 Q . -14.07 33.42 23.43
C21 JH9 Q . -14.16 32.23 25.97
C22 JH9 Q . -14.22 31.57 27.36
C28 JH9 Q . -16.60 30.44 17.71
C02 JH9 Q . -14.01 33.29 17.23
C03 JH9 Q . -13.17 33.78 16.06
C04 JH9 Q . -13.96 34.61 15.04
C05 JH9 Q . -14.10 35.97 15.25
C06 JH9 Q . -14.80 36.74 14.35
C07 JH9 Q . -15.35 36.17 13.22
C09 JH9 Q . -15.21 34.80 12.99
C12 JH9 Q . -14.63 31.42 18.79
C16 JH9 Q . -13.71 32.09 23.62
C18 JH9 Q . -14.50 34.16 24.53
C19 JH9 Q . -14.53 33.57 25.80
C25 JH9 Q . -13.75 31.49 24.87
C27 JH9 Q . -15.27 30.10 18.39
C29 JH9 Q . -17.80 30.35 18.42
C30 JH9 Q . -19.01 30.66 17.81
C31 JH9 Q . -18.98 31.06 16.49
C37 JH9 Q . -17.80 31.16 15.76
C38 JH9 Q . -16.59 30.85 16.38
F08 JH9 Q . -16.05 36.95 12.35
F20 JH9 Q . -14.94 34.29 26.89
N11 JH9 Q . -13.85 31.92 17.67
N14 JH9 Q . -14.13 31.50 21.30
O01 JH9 Q . -14.79 34.02 17.78
O26 JH9 Q . -12.63 30.68 19.74
O32 JH9 Q . -20.15 31.40 15.85
O34 JH9 Q . -22.36 31.05 14.80
O35 JH9 Q . -21.91 29.76 16.84
O36 JH9 Q . -20.75 29.18 14.69
P33 JH9 Q . -21.33 30.29 15.56
#